data_9B3T
#
_entry.id   9B3T
#
_cell.length_a   1.00
_cell.length_b   1.00
_cell.length_c   1.00
_cell.angle_alpha   90.00
_cell.angle_beta   90.00
_cell.angle_gamma   90.00
#
_symmetry.space_group_name_H-M   'P 1'
#
_entity_poly.entity_id   1
_entity_poly.type   'polypeptide(L)'
_entity_poly.pdbx_seq_one_letter_code
;MGSSHHHHHHSSGLVPRGSHMEFKYSEVVEPSTYYTEGLCEGIDVRKSKFTTLEDRGAIRAHEDWNKHIGPCGEYRGTLG
PRFSFISVAVPECIPERLEVISYANEFAFLHDDVTDHVGHDTGEVENDEMMTVFLEAAHTGAIDTSNKVDIRRAGKKRIQ
SQLFLEMLAIDPECAKTTMKSWARFVEVGSSRQHETRFVELAKYIPYRIMDVGEMFWFGLVTFGLGLHIPDHELELCREL
MANAWIAVGLQNDIWSWPKERDAATLHGKDHVVNAIWVLMQEHQTDVDGAMQICRKLIVEYVAKYLEVIEATKNDESISL
DLRKYLDAMLYSISGNVVWSLECPRYNPDVSFNKTQLEWMRQGLPTQHIFFEKAVLEAPYDYIASMPSKGVRDQFIDALN
DWLRVPDVKVGKIKDAVRVLHNSSLLLDDFQDNSPLRRGKPSTHNIFGSAQTVNTATYSIIKAIGQIMEFSAGESVQEVM
NSIMILFQGQAMDLFWTYNGHVPSEEEYYRMIDQKTGQLFSIATSLLLNAADNEIPRTKIQSCLHRLTRLLGRCFQIRDD
YQNLVSADYTKQKGFCEDLDEGKWSLALIHMIHKQRSHMALLNVLSTGRKHGGMTLEQKQFVLDIIEEEKSLDYTRSVMM
DLHVQLRAEIGRIEILLDSPNPAMRLLLELLRV
;
_entity_poly.pdbx_strand_id   A,B,C,D,E,F,G,H
#
# COMPACT_ATOMS: atom_id res chain seq x y z
N ALA A 374 -30.44 -21.61 -21.60
CA ALA A 374 -29.66 -22.17 -20.51
C ALA A 374 -28.65 -21.16 -19.99
N VAL A 375 -27.44 -21.20 -20.55
CA VAL A 375 -26.40 -20.26 -20.14
C VAL A 375 -26.79 -18.83 -20.50
N LEU A 376 -27.34 -18.63 -21.70
CA LEU A 376 -27.72 -17.29 -22.13
C LEU A 376 -28.89 -16.76 -21.31
N GLU A 377 -29.85 -17.62 -20.99
CA GLU A 377 -31.06 -17.21 -20.28
C GLU A 377 -30.89 -17.29 -18.76
N ALA A 378 -29.70 -17.66 -18.28
CA ALA A 378 -29.50 -17.76 -16.83
C ALA A 378 -29.67 -16.44 -16.09
N PRO A 379 -29.10 -15.32 -16.53
CA PRO A 379 -29.33 -14.06 -15.80
C PRO A 379 -30.80 -13.66 -15.74
N TYR A 380 -31.57 -13.94 -16.78
CA TYR A 380 -33.00 -13.63 -16.75
C TYR A 380 -33.73 -14.55 -15.77
N ASP A 381 -33.30 -15.80 -15.68
CA ASP A 381 -33.97 -16.75 -14.80
C ASP A 381 -33.78 -16.39 -13.33
N TYR A 382 -32.65 -15.78 -12.99
CA TYR A 382 -32.40 -15.38 -11.61
C TYR A 382 -33.41 -14.34 -11.15
N ILE A 383 -33.70 -13.36 -12.01
CA ILE A 383 -34.61 -12.28 -11.63
C ILE A 383 -36.03 -12.78 -11.46
N ALA A 384 -36.47 -13.74 -12.27
CA ALA A 384 -37.82 -14.27 -12.13
C ALA A 384 -38.05 -14.93 -10.77
N SER A 385 -36.99 -15.46 -10.15
CA SER A 385 -37.12 -16.04 -8.82
C SER A 385 -37.19 -14.98 -7.73
N MET A 386 -36.71 -13.77 -7.99
CA MET A 386 -36.76 -12.70 -7.01
C MET A 386 -38.22 -12.32 -6.75
N PRO A 387 -38.57 -12.00 -5.48
CA PRO A 387 -39.99 -11.80 -5.15
C PRO A 387 -40.64 -10.66 -5.93
N SER A 388 -41.60 -11.03 -6.78
CA SER A 388 -42.10 -10.10 -7.81
C SER A 388 -42.75 -8.87 -7.18
N LYS A 389 -43.72 -9.08 -6.28
CA LYS A 389 -44.53 -7.99 -5.74
C LYS A 389 -45.11 -7.14 -6.87
N GLY A 390 -45.63 -7.82 -7.89
CA GLY A 390 -45.96 -7.15 -9.14
C GLY A 390 -47.06 -6.12 -8.99
N VAL A 391 -46.98 -5.09 -9.82
CA VAL A 391 -47.99 -4.04 -9.83
C VAL A 391 -48.59 -3.83 -11.22
N ARG A 392 -47.93 -4.28 -12.30
CA ARG A 392 -48.51 -4.14 -13.63
C ARG A 392 -49.59 -5.16 -13.88
N ASP A 393 -49.50 -6.35 -13.28
CA ASP A 393 -50.47 -7.40 -13.55
C ASP A 393 -51.86 -7.01 -13.08
N GLN A 394 -51.97 -6.28 -11.97
CA GLN A 394 -53.26 -5.76 -11.56
C GLN A 394 -53.79 -4.75 -12.56
N PHE A 395 -52.90 -3.90 -13.10
CA PHE A 395 -53.32 -2.85 -14.02
C PHE A 395 -53.93 -3.44 -15.29
N ILE A 396 -53.30 -4.49 -15.84
CA ILE A 396 -53.86 -5.17 -17.00
C ILE A 396 -55.20 -5.83 -16.63
N ASP A 397 -55.24 -6.45 -15.45
CA ASP A 397 -56.50 -7.02 -14.97
C ASP A 397 -57.55 -5.93 -14.76
N ALA A 398 -57.14 -4.79 -14.21
CA ALA A 398 -58.07 -3.68 -14.02
C ALA A 398 -58.59 -3.17 -15.36
N LEU A 399 -57.72 -3.04 -16.36
CA LEU A 399 -58.17 -2.61 -17.67
C LEU A 399 -59.01 -3.67 -18.34
N ASN A 400 -58.68 -4.95 -18.11
CA ASN A 400 -59.48 -6.05 -18.64
C ASN A 400 -60.88 -6.08 -18.04
N ASP A 401 -61.06 -5.49 -16.86
CA ASP A 401 -62.38 -5.56 -16.18
C ASP A 401 -63.49 -5.06 -17.11
N TRP A 402 -63.32 -3.86 -17.67
CA TRP A 402 -64.36 -3.27 -18.51
C TRP A 402 -64.07 -3.41 -19.99
N LEU A 403 -62.99 -4.09 -20.38
CA LEU A 403 -62.66 -4.28 -21.78
C LEU A 403 -63.03 -5.67 -22.29
N ARG A 404 -63.14 -6.66 -21.40
CA ARG A 404 -63.61 -8.00 -21.74
C ARG A 404 -62.72 -8.65 -22.80
N VAL A 405 -61.42 -8.41 -22.72
CA VAL A 405 -60.45 -9.04 -23.60
C VAL A 405 -60.21 -10.48 -23.15
N PRO A 406 -60.23 -11.46 -24.05
CA PRO A 406 -59.99 -12.86 -23.69
C PRO A 406 -58.53 -13.27 -23.85
N VAL A 410 -55.28 -12.32 -22.29
CA VAL A 410 -54.74 -11.49 -21.22
C VAL A 410 -53.33 -11.95 -20.87
N GLY A 411 -53.21 -13.25 -20.56
CA GLY A 411 -51.89 -13.80 -20.18
C GLY A 411 -50.86 -13.50 -21.24
N LYS A 412 -51.20 -13.76 -22.50
CA LYS A 412 -50.24 -13.52 -23.57
C LYS A 412 -49.73 -12.09 -23.59
N ILE A 413 -50.59 -11.14 -23.20
CA ILE A 413 -50.15 -9.75 -23.10
C ILE A 413 -49.23 -9.57 -21.90
N LYS A 414 -49.57 -10.19 -20.77
CA LYS A 414 -48.81 -9.94 -19.54
C LYS A 414 -47.41 -10.53 -19.63
N ASP A 415 -47.27 -11.75 -20.12
CA ASP A 415 -45.95 -12.40 -20.12
C ASP A 415 -44.98 -11.66 -21.03
N ALA A 416 -45.46 -11.15 -22.16
CA ALA A 416 -44.62 -10.31 -23.01
C ALA A 416 -44.20 -9.03 -22.29
N VAL A 417 -45.12 -8.42 -21.56
CA VAL A 417 -44.80 -7.20 -20.83
C VAL A 417 -43.82 -7.50 -19.69
N ARG A 418 -44.02 -8.63 -19.00
CA ARG A 418 -43.17 -8.95 -17.86
C ARG A 418 -41.71 -9.14 -18.27
N VAL A 419 -41.48 -9.78 -19.43
CA VAL A 419 -40.11 -9.98 -19.90
C VAL A 419 -39.43 -8.64 -20.13
N LEU A 420 -40.18 -7.66 -20.64
CA LEU A 420 -39.61 -6.34 -20.87
C LEU A 420 -39.22 -5.67 -19.57
N HIS A 421 -40.05 -5.80 -18.53
CA HIS A 421 -39.73 -5.19 -17.25
C HIS A 421 -38.56 -5.90 -16.57
N ASN A 422 -38.52 -7.23 -16.66
CA ASN A 422 -37.41 -7.97 -16.05
C ASN A 422 -36.09 -7.60 -16.71
N SER A 423 -36.08 -7.46 -18.03
CA SER A 423 -34.87 -7.02 -18.72
C SER A 423 -34.51 -5.59 -18.33
N SER A 424 -35.51 -4.72 -18.21
CA SER A 424 -35.24 -3.34 -17.85
C SER A 424 -34.64 -3.25 -16.46
N LEU A 425 -35.16 -4.02 -15.51
CA LEU A 425 -34.56 -4.07 -14.18
C LEU A 425 -33.16 -4.66 -14.24
N LEU A 426 -32.96 -5.69 -15.05
CA LEU A 426 -31.65 -6.34 -15.14
C LEU A 426 -30.60 -5.37 -15.64
N LEU A 427 -30.95 -4.55 -16.62
CA LEU A 427 -30.00 -3.57 -17.16
C LEU A 427 -29.67 -2.50 -16.11
N ASP A 428 -30.70 -1.90 -15.50
CA ASP A 428 -30.49 -0.74 -14.65
C ASP A 428 -29.71 -1.08 -13.39
N ASP A 429 -29.81 -2.32 -12.91
CA ASP A 429 -28.99 -2.72 -11.77
C ASP A 429 -27.50 -2.68 -12.13
N PHE A 430 -27.16 -3.03 -13.36
CA PHE A 430 -25.78 -2.92 -13.81
C PHE A 430 -25.38 -1.46 -14.02
N GLN A 431 -26.27 -0.66 -14.59
CA GLN A 431 -25.92 0.72 -14.93
C GLN A 431 -25.63 1.54 -13.68
N ASP A 432 -26.49 1.41 -12.66
CA ASP A 432 -26.27 2.05 -11.37
C ASP A 432 -25.93 0.94 -10.38
N ASN A 433 -24.66 0.87 -9.99
CA ASN A 433 -24.19 -0.26 -9.19
C ASN A 433 -24.88 -0.29 -7.83
N SER A 434 -25.54 -1.41 -7.55
CA SER A 434 -26.19 -1.63 -6.27
C SER A 434 -25.79 -3.02 -5.78
N PRO A 435 -25.15 -3.14 -4.62
CA PRO A 435 -24.71 -4.47 -4.16
C PRO A 435 -25.85 -5.45 -3.98
N LEU A 436 -27.02 -4.98 -3.56
CA LEU A 436 -28.17 -5.83 -3.33
C LEU A 436 -29.38 -5.24 -4.05
N ARG A 437 -30.33 -6.12 -4.41
CA ARG A 437 -31.56 -5.71 -5.06
C ARG A 437 -32.71 -5.61 -4.06
N ARG A 438 -33.05 -6.72 -3.41
CA ARG A 438 -34.06 -6.75 -2.37
C ARG A 438 -33.60 -7.64 -1.22
N GLY A 439 -32.35 -7.48 -0.82
CA GLY A 439 -31.74 -8.34 0.18
C GLY A 439 -30.95 -9.51 -0.39
N LYS A 440 -30.80 -9.58 -1.71
CA LYS A 440 -30.11 -10.66 -2.40
C LYS A 440 -29.07 -10.07 -3.33
N PRO A 441 -28.00 -10.81 -3.62
CA PRO A 441 -26.92 -10.24 -4.45
C PRO A 441 -27.42 -9.85 -5.83
N SER A 442 -26.86 -8.75 -6.35
CA SER A 442 -27.26 -8.24 -7.64
C SER A 442 -26.83 -9.20 -8.75
N THR A 443 -27.52 -9.10 -9.89
CA THR A 443 -27.26 -10.02 -11.00
C THR A 443 -25.87 -9.79 -11.59
N HIS A 444 -25.37 -8.55 -11.55
CA HIS A 444 -24.05 -8.27 -12.10
C HIS A 444 -22.92 -8.62 -11.15
N ASN A 445 -23.22 -8.93 -9.88
CA ASN A 445 -22.20 -9.28 -8.92
C ASN A 445 -21.92 -10.78 -8.87
N ILE A 446 -22.83 -11.61 -9.39
CA ILE A 446 -22.65 -13.06 -9.38
C ILE A 446 -22.56 -13.66 -10.77
N PHE A 447 -22.90 -12.90 -11.82
CA PHE A 447 -22.86 -13.41 -13.18
C PHE A 447 -21.85 -12.70 -14.07
N GLY A 448 -21.28 -11.60 -13.63
CA GLY A 448 -20.39 -10.83 -14.47
C GLY A 448 -21.11 -9.75 -15.24
N SER A 449 -20.43 -8.62 -15.41
CA SER A 449 -21.03 -7.48 -16.11
C SER A 449 -21.31 -7.81 -17.57
N ALA A 450 -20.41 -8.56 -18.20
CA ALA A 450 -20.55 -8.84 -19.63
C ALA A 450 -21.72 -9.76 -19.91
N GLN A 451 -21.89 -10.80 -19.09
CA GLN A 451 -22.95 -11.78 -19.34
C GLN A 451 -24.33 -11.19 -19.10
N THR A 452 -24.47 -10.35 -18.06
CA THR A 452 -25.77 -9.79 -17.73
C THR A 452 -26.30 -8.90 -18.86
N VAL A 453 -25.43 -8.08 -19.43
CA VAL A 453 -25.86 -7.17 -20.50
C VAL A 453 -26.31 -7.96 -21.72
N ASN A 454 -25.57 -9.02 -22.06
CA ASN A 454 -25.92 -9.81 -23.24
C ASN A 454 -27.30 -10.46 -23.10
N THR A 455 -27.60 -10.99 -21.92
CA THR A 455 -28.91 -11.57 -21.68
C THR A 455 -30.00 -10.51 -21.73
N ALA A 456 -29.72 -9.32 -21.19
CA ALA A 456 -30.72 -8.26 -21.18
C ALA A 456 -31.10 -7.84 -22.60
N THR A 457 -30.11 -7.70 -23.48
CA THR A 457 -30.40 -7.38 -24.87
C THR A 457 -31.15 -8.52 -25.54
N TYR A 458 -30.81 -9.76 -25.20
CA TYR A 458 -31.49 -10.91 -25.79
C TYR A 458 -32.93 -11.00 -25.32
N SER A 459 -33.19 -10.65 -24.07
CA SER A 459 -34.54 -10.78 -23.52
C SER A 459 -35.52 -9.87 -24.25
N ILE A 460 -35.12 -8.64 -24.57
CA ILE A 460 -36.02 -7.70 -25.23
C ILE A 460 -36.44 -8.21 -26.59
N ILE A 461 -35.49 -8.74 -27.36
CA ILE A 461 -35.80 -9.22 -28.71
C ILE A 461 -36.72 -10.42 -28.64
N LYS A 462 -36.52 -11.29 -27.65
CA LYS A 462 -37.43 -12.41 -27.45
C LYS A 462 -38.84 -11.92 -27.14
N ALA A 463 -38.96 -10.88 -26.31
CA ALA A 463 -40.28 -10.31 -26.02
C ALA A 463 -40.89 -9.67 -27.25
N ILE A 464 -40.07 -8.98 -28.05
CA ILE A 464 -40.58 -8.33 -29.26
C ILE A 464 -41.11 -9.37 -30.23
N GLY A 465 -40.37 -10.48 -30.40
CA GLY A 465 -40.86 -11.54 -31.26
C GLY A 465 -42.15 -12.16 -30.76
N GLN A 466 -42.30 -12.27 -29.45
CA GLN A 466 -43.54 -12.81 -28.88
C GLN A 466 -44.72 -11.90 -29.17
N ILE A 467 -44.53 -10.59 -29.07
CA ILE A 467 -45.62 -9.65 -29.31
C ILE A 467 -46.08 -9.74 -30.76
N MET A 468 -45.13 -9.83 -31.70
CA MET A 468 -45.47 -9.87 -33.11
C MET A 468 -46.30 -11.10 -33.46
N GLU A 469 -46.18 -12.16 -32.66
CA GLU A 469 -46.91 -13.40 -32.96
C GLU A 469 -48.42 -13.19 -32.93
N PHE A 470 -48.91 -12.28 -32.09
CA PHE A 470 -50.35 -12.04 -31.97
C PHE A 470 -50.72 -10.60 -32.26
N SER A 471 -49.89 -9.87 -32.99
CA SER A 471 -50.13 -8.47 -33.31
C SER A 471 -50.00 -8.23 -34.81
N ALA A 472 -50.56 -9.12 -35.62
CA ALA A 472 -50.60 -8.91 -37.06
C ALA A 472 -51.40 -7.66 -37.39
N GLY A 473 -52.63 -7.59 -36.89
CA GLY A 473 -53.38 -6.35 -36.96
C GLY A 473 -52.78 -5.30 -36.03
N GLU A 474 -52.99 -4.04 -36.38
CA GLU A 474 -52.34 -2.91 -35.71
C GLU A 474 -50.82 -3.11 -35.74
N SER A 475 -50.30 -2.99 -36.96
CA SER A 475 -48.92 -3.37 -37.30
C SER A 475 -47.94 -3.00 -36.20
N VAL A 476 -47.02 -3.92 -35.93
CA VAL A 476 -46.13 -3.86 -34.78
C VAL A 476 -45.25 -2.62 -34.86
N GLN A 477 -45.30 -1.90 -35.98
CA GLN A 477 -44.64 -0.61 -36.08
C GLN A 477 -45.09 0.34 -34.97
N GLU A 478 -46.35 0.23 -34.55
CA GLU A 478 -46.82 1.05 -33.43
C GLU A 478 -46.19 0.61 -32.12
N VAL A 479 -46.04 -0.70 -31.92
CA VAL A 479 -45.37 -1.19 -30.72
C VAL A 479 -43.87 -0.89 -30.79
N MET A 480 -43.34 -0.71 -32.01
CA MET A 480 -41.92 -0.43 -32.17
C MET A 480 -41.54 0.91 -31.55
N ASN A 481 -42.38 1.93 -31.76
CA ASN A 481 -42.05 3.26 -31.24
C ASN A 481 -42.08 3.29 -29.71
N SER A 482 -42.99 2.55 -29.09
CA SER A 482 -43.10 2.55 -27.64
C SER A 482 -41.83 1.99 -27.00
N ILE A 483 -41.22 0.97 -27.61
CA ILE A 483 -39.95 0.46 -27.11
C ILE A 483 -38.85 1.47 -27.35
N MET A 484 -38.85 2.12 -28.52
CA MET A 484 -37.79 3.07 -28.85
C MET A 484 -37.83 4.30 -27.95
N ILE A 485 -39.03 4.85 -27.71
CA ILE A 485 -39.13 6.03 -26.85
C ILE A 485 -38.73 5.67 -25.42
N LEU A 486 -38.92 4.40 -25.05
CA LEU A 486 -38.53 3.95 -23.72
C LEU A 486 -37.03 4.10 -23.52
N PHE A 487 -36.24 3.76 -24.54
CA PHE A 487 -34.80 3.93 -24.44
C PHE A 487 -34.39 5.39 -24.55
N GLN A 488 -35.23 6.21 -25.18
CA GLN A 488 -34.95 7.65 -25.25
C GLN A 488 -34.97 8.28 -23.87
N GLY A 489 -35.94 7.90 -23.03
CA GLY A 489 -36.00 8.46 -21.69
C GLY A 489 -34.84 8.01 -20.82
N GLN A 490 -34.48 6.71 -20.90
CA GLN A 490 -33.40 6.21 -20.06
C GLN A 490 -32.06 6.82 -20.47
N ALA A 491 -31.92 7.20 -21.74
CA ALA A 491 -30.70 7.86 -22.18
C ALA A 491 -30.56 9.24 -21.57
N MET A 492 -31.67 9.97 -21.46
CA MET A 492 -31.62 11.32 -20.90
C MET A 492 -31.25 11.29 -19.42
N ASP A 493 -31.76 10.30 -18.68
CA ASP A 493 -31.43 10.18 -17.27
C ASP A 493 -29.93 9.92 -17.08
N LEU A 494 -29.37 9.04 -17.91
CA LEU A 494 -27.96 8.70 -17.77
C LEU A 494 -27.06 9.86 -18.16
N PHE A 495 -27.50 10.68 -19.13
CA PHE A 495 -26.72 11.83 -19.53
C PHE A 495 -26.68 12.88 -18.43
N TRP A 496 -27.79 13.07 -17.72
CA TRP A 496 -27.85 14.09 -16.67
C TRP A 496 -26.95 13.74 -15.49
N THR A 497 -26.92 12.47 -15.11
CA THR A 497 -26.10 12.06 -13.97
C THR A 497 -24.63 11.89 -14.31
N TYR A 498 -24.26 12.00 -15.58
CA TYR A 498 -22.88 11.87 -15.99
C TYR A 498 -22.22 13.23 -16.21
N ASN A 499 -22.91 14.13 -16.91
CA ASN A 499 -22.38 15.45 -17.18
C ASN A 499 -22.90 16.53 -16.23
N GLY A 500 -23.73 16.15 -15.25
CA GLY A 500 -24.10 17.05 -14.18
C GLY A 500 -25.10 18.13 -14.53
N HIS A 501 -25.72 18.06 -15.70
CA HIS A 501 -26.71 19.06 -16.08
C HIS A 501 -27.93 18.93 -15.18
N VAL A 502 -28.21 19.97 -14.40
CA VAL A 502 -29.36 19.93 -13.50
C VAL A 502 -30.65 20.01 -14.32
N PRO A 503 -31.65 19.20 -14.01
CA PRO A 503 -32.92 19.25 -14.75
C PRO A 503 -33.83 20.36 -14.23
N SER A 504 -34.93 20.54 -14.95
CA SER A 504 -36.01 21.43 -14.54
C SER A 504 -37.28 20.63 -14.33
N GLU A 505 -38.34 21.30 -13.93
CA GLU A 505 -39.60 20.61 -13.66
C GLU A 505 -40.20 20.03 -14.94
N GLU A 506 -40.26 20.82 -16.01
CA GLU A 506 -40.81 20.33 -17.26
C GLU A 506 -39.92 19.25 -17.87
N GLU A 507 -38.60 19.45 -17.84
CA GLU A 507 -37.69 18.47 -18.42
C GLU A 507 -37.73 17.15 -17.68
N TYR A 508 -37.79 17.21 -16.34
CA TYR A 508 -37.83 15.98 -15.55
C TYR A 508 -39.12 15.20 -15.81
N TYR A 509 -40.23 15.92 -16.00
CA TYR A 509 -41.50 15.25 -16.24
C TYR A 509 -41.52 14.59 -17.62
N ARG A 510 -40.75 15.13 -18.56
CA ARG A 510 -40.67 14.50 -19.88
C ARG A 510 -39.96 13.16 -19.80
N MET A 511 -38.87 13.09 -19.02
CA MET A 511 -38.12 11.84 -18.93
C MET A 511 -38.87 10.82 -18.08
N ILE A 512 -39.57 11.26 -17.04
CA ILE A 512 -40.25 10.34 -16.14
C ILE A 512 -41.41 9.66 -16.86
N ASP A 513 -42.05 10.37 -17.79
CA ASP A 513 -43.14 9.78 -18.55
C ASP A 513 -42.61 8.76 -19.55
N GLN A 514 -41.49 9.09 -20.21
CA GLN A 514 -40.95 8.20 -21.23
C GLN A 514 -40.42 6.92 -20.63
N LYS A 515 -39.71 7.01 -19.50
CA LYS A 515 -39.01 5.86 -18.95
C LYS A 515 -39.95 4.88 -18.25
N THR A 516 -40.95 5.37 -17.53
CA THR A 516 -41.81 4.53 -16.71
C THR A 516 -43.22 4.41 -17.27
N GLY A 517 -43.82 5.51 -17.70
CA GLY A 517 -45.19 5.47 -18.17
C GLY A 517 -45.37 4.80 -19.52
N GLN A 518 -44.29 4.52 -20.24
CA GLN A 518 -44.42 3.87 -21.54
C GLN A 518 -44.72 2.39 -21.41
N LEU A 519 -44.28 1.76 -20.31
CA LEU A 519 -44.58 0.35 -20.11
C LEU A 519 -46.09 0.12 -19.97
N PHE A 520 -46.76 0.97 -19.20
CA PHE A 520 -48.21 0.86 -19.08
C PHE A 520 -48.90 1.15 -20.39
N SER A 521 -48.30 2.03 -21.22
CA SER A 521 -48.88 2.34 -22.51
C SER A 521 -48.89 1.13 -23.43
N ILE A 522 -47.83 0.31 -23.38
CA ILE A 522 -47.76 -0.88 -24.23
C ILE A 522 -48.88 -1.85 -23.87
N ALA A 523 -49.08 -2.10 -22.58
CA ALA A 523 -50.12 -3.03 -22.16
C ALA A 523 -51.51 -2.49 -22.50
N THR A 524 -51.73 -1.19 -22.29
CA THR A 524 -53.02 -0.60 -22.63
C THR A 524 -53.27 -0.64 -24.13
N SER A 525 -52.25 -0.33 -24.93
CA SER A 525 -52.43 -0.35 -26.38
C SER A 525 -52.73 -1.74 -26.88
N LEU A 526 -52.04 -2.76 -26.34
CA LEU A 526 -52.30 -4.13 -26.75
C LEU A 526 -53.69 -4.58 -26.35
N LEU A 527 -54.13 -4.21 -25.14
CA LEU A 527 -55.45 -4.63 -24.67
C LEU A 527 -56.56 -4.03 -25.51
N LEU A 528 -56.44 -2.73 -25.83
CA LEU A 528 -57.49 -2.05 -26.57
C LEU A 528 -57.64 -2.61 -27.98
N ASN A 529 -56.51 -2.94 -28.62
CA ASN A 529 -56.56 -3.39 -30.01
C ASN A 529 -57.19 -4.78 -30.12
N ALA A 530 -56.93 -5.64 -29.16
CA ALA A 530 -57.43 -7.02 -29.22
C ALA A 530 -58.85 -7.13 -28.68
N ALA A 531 -59.75 -6.30 -29.19
CA ALA A 531 -61.15 -6.33 -28.77
C ALA A 531 -62.03 -5.63 -29.79
N LEU A 544 -57.73 3.76 -21.12
CA LEU A 544 -57.44 5.09 -21.67
C LEU A 544 -55.97 5.43 -21.53
N HIS A 545 -55.44 6.14 -22.52
CA HIS A 545 -54.02 6.50 -22.51
C HIS A 545 -53.72 7.53 -21.41
N ARG A 546 -54.63 8.48 -21.19
CA ARG A 546 -54.42 9.47 -20.14
C ARG A 546 -54.40 8.81 -18.76
N LEU A 547 -55.13 7.71 -18.60
CA LEU A 547 -55.09 6.97 -17.34
C LEU A 547 -53.70 6.41 -17.09
N THR A 548 -53.05 5.91 -18.15
CA THR A 548 -51.70 5.37 -17.99
C THR A 548 -50.69 6.48 -17.71
N ARG A 549 -50.89 7.65 -18.32
CA ARG A 549 -49.95 8.76 -18.12
C ARG A 549 -49.92 9.19 -16.66
N LEU A 550 -51.10 9.44 -16.07
CA LEU A 550 -51.16 9.88 -14.69
C LEU A 550 -50.64 8.79 -13.76
N LEU A 551 -51.05 7.54 -13.99
CA LEU A 551 -50.60 6.44 -13.14
C LEU A 551 -49.13 6.15 -13.34
N GLY A 552 -48.64 6.29 -14.58
CA GLY A 552 -47.23 6.03 -14.84
C GLY A 552 -46.32 6.99 -14.13
N ARG A 553 -46.69 8.27 -14.08
CA ARG A 553 -45.86 9.26 -13.40
C ARG A 553 -45.81 9.01 -11.90
N CYS A 554 -46.94 8.62 -11.31
CA CYS A 554 -47.00 8.49 -9.86
C CYS A 554 -46.05 7.43 -9.35
N PHE A 555 -45.90 6.32 -10.08
CA PHE A 555 -45.07 5.23 -9.59
C PHE A 555 -43.60 5.62 -9.54
N GLN A 556 -43.13 6.39 -10.52
CA GLN A 556 -41.71 6.75 -10.53
C GLN A 556 -41.43 7.87 -9.54
N ILE A 557 -42.41 8.75 -9.29
CA ILE A 557 -42.27 9.69 -8.18
C ILE A 557 -42.22 8.93 -6.86
N ARG A 558 -43.02 7.86 -6.74
CA ARG A 558 -42.89 6.96 -5.60
C ARG A 558 -41.48 6.44 -5.45
N ASP A 559 -40.83 6.12 -6.58
CA ASP A 559 -39.50 5.50 -6.53
C ASP A 559 -38.51 6.40 -5.82
N ASP A 560 -38.52 7.70 -6.12
CA ASP A 560 -37.64 8.63 -5.44
C ASP A 560 -38.20 9.06 -4.09
N TYR A 561 -39.52 8.95 -3.90
CA TYR A 561 -40.13 9.43 -2.67
C TYR A 561 -39.75 8.55 -1.48
N GLN A 562 -40.04 7.26 -1.57
CA GLN A 562 -39.73 6.35 -0.46
C GLN A 562 -38.26 5.97 -0.40
N ASN A 563 -37.48 6.30 -1.43
CA ASN A 563 -36.05 6.01 -1.39
C ASN A 563 -35.36 6.81 -0.29
N LEU A 564 -35.75 8.07 -0.12
CA LEU A 564 -35.16 8.92 0.90
C LEU A 564 -36.02 8.93 2.16
N GLY A 582 -25.28 10.80 -7.80
CA GLY A 582 -26.58 10.32 -7.41
C GLY A 582 -27.64 10.52 -8.47
N LYS A 583 -28.88 10.15 -8.13
CA LYS A 583 -30.01 10.24 -9.06
C LYS A 583 -30.93 11.39 -8.65
N TRP A 584 -31.40 12.14 -9.64
CA TRP A 584 -32.27 13.27 -9.39
C TRP A 584 -33.63 12.80 -8.87
N SER A 585 -34.36 13.71 -8.25
CA SER A 585 -35.66 13.42 -7.68
C SER A 585 -36.50 14.68 -7.67
N LEU A 586 -37.82 14.50 -7.51
CA LEU A 586 -38.72 15.65 -7.44
C LEU A 586 -38.42 16.51 -6.22
N ALA A 587 -38.16 15.89 -5.07
CA ALA A 587 -37.85 16.67 -3.88
C ALA A 587 -36.56 17.47 -4.05
N LEU A 588 -35.54 16.85 -4.64
CA LEU A 588 -34.27 17.55 -4.82
C LEU A 588 -34.36 18.62 -5.88
N ILE A 589 -35.12 18.36 -6.94
CA ILE A 589 -35.21 19.32 -8.05
C ILE A 589 -35.96 20.57 -7.61
N HIS A 590 -37.10 20.39 -6.93
CA HIS A 590 -37.91 21.54 -6.55
C HIS A 590 -37.21 22.40 -5.51
N MET A 591 -36.43 21.77 -4.62
CA MET A 591 -35.71 22.53 -3.61
C MET A 591 -34.67 23.45 -4.24
N ILE A 592 -33.99 22.97 -5.27
CA ILE A 592 -33.02 23.80 -5.99
C ILE A 592 -33.74 24.76 -6.93
N ARG A 596 -34.42 28.85 -0.26
CA ARG A 596 -33.60 29.98 0.14
C ARG A 596 -32.16 29.79 -0.32
N SER A 597 -31.56 28.68 0.07
CA SER A 597 -30.18 28.36 -0.26
C SER A 597 -30.14 27.32 -1.37
N HIS A 598 -29.72 27.73 -2.55
CA HIS A 598 -29.56 26.83 -3.69
C HIS A 598 -28.11 26.69 -4.14
N MET A 599 -27.33 27.77 -4.06
CA MET A 599 -25.93 27.69 -4.47
C MET A 599 -25.13 26.75 -3.57
N ALA A 600 -25.48 26.70 -2.29
CA ALA A 600 -24.77 25.80 -1.37
C ALA A 600 -24.96 24.35 -1.77
N LEU A 601 -26.18 23.97 -2.17
CA LEU A 601 -26.43 22.59 -2.56
C LEU A 601 -25.75 22.25 -3.88
N LEU A 602 -25.70 23.21 -4.81
CA LEU A 602 -25.08 22.95 -6.10
C LEU A 602 -23.60 22.62 -5.95
N ASN A 603 -22.89 23.34 -5.10
CA ASN A 603 -21.47 23.10 -4.93
C ASN A 603 -21.20 21.83 -4.12
N VAL A 604 -22.14 21.45 -3.24
CA VAL A 604 -21.97 20.22 -2.48
C VAL A 604 -22.03 19.01 -3.40
N LEU A 605 -23.00 18.99 -4.32
CA LEU A 605 -23.12 17.87 -5.24
C LEU A 605 -21.90 17.77 -6.15
N SER A 606 -21.39 18.91 -6.63
CA SER A 606 -20.19 18.90 -7.45
C SER A 606 -18.99 18.42 -6.67
N THR A 607 -18.89 18.81 -5.39
CA THR A 607 -17.79 18.36 -4.55
C THR A 607 -17.83 16.86 -4.35
N GLY A 608 -19.01 16.31 -4.09
CA GLY A 608 -19.14 14.88 -3.86
C GLY A 608 -18.91 14.04 -5.09
N ARG A 609 -19.00 14.64 -6.28
CA ARG A 609 -18.74 13.89 -7.50
C ARG A 609 -17.30 13.42 -7.56
N LYS A 610 -16.36 14.26 -7.16
CA LYS A 610 -14.95 13.90 -7.17
C LYS A 610 -14.33 13.98 -5.77
N THR A 615 -16.95 11.55 3.06
CA THR A 615 -17.75 12.75 2.94
C THR A 615 -18.99 12.67 3.82
N LEU A 616 -18.87 11.94 4.94
CA LEU A 616 -20.03 11.74 5.80
C LEU A 616 -20.53 13.04 6.41
N GLU A 617 -19.62 13.98 6.69
CA GLU A 617 -20.06 15.29 7.18
C GLU A 617 -20.92 16.00 6.15
N GLN A 618 -20.51 15.94 4.87
CA GLN A 618 -21.33 16.54 3.82
C GLN A 618 -22.64 15.80 3.64
N LYS A 619 -22.63 14.46 3.81
CA LYS A 619 -23.85 13.69 3.70
C LYS A 619 -24.84 14.09 4.79
N GLN A 620 -24.34 14.56 5.94
CA GLN A 620 -25.22 15.08 6.97
C GLN A 620 -25.86 16.40 6.52
N PHE A 621 -25.10 17.22 5.80
CA PHE A 621 -25.61 18.52 5.38
C PHE A 621 -26.79 18.39 4.43
N VAL A 622 -26.67 17.51 3.43
CA VAL A 622 -27.71 17.41 2.43
C VAL A 622 -29.03 16.94 3.05
N LEU A 623 -28.97 15.92 3.92
CA LEU A 623 -30.18 15.44 4.57
C LEU A 623 -30.80 16.53 5.44
N ASP A 624 -29.98 17.30 6.14
CA ASP A 624 -30.49 18.37 6.99
C ASP A 624 -31.20 19.44 6.18
N ILE A 625 -30.68 19.76 4.99
CA ILE A 625 -31.24 20.86 4.21
C ILE A 625 -32.62 20.50 3.68
N ILE A 626 -32.88 19.20 3.50
CA ILE A 626 -34.24 18.78 3.11
C ILE A 626 -35.22 19.04 4.25
N GLU A 627 -34.80 18.76 5.48
CA GLU A 627 -35.71 18.95 6.62
C GLU A 627 -36.11 20.41 6.77
N GLU A 628 -35.15 21.33 6.65
CA GLU A 628 -35.47 22.75 6.74
C GLU A 628 -36.33 23.20 5.57
N GLU A 629 -36.02 22.71 4.36
CA GLU A 629 -36.82 23.07 3.20
C GLU A 629 -38.14 22.31 3.16
N LYS A 630 -38.28 21.26 3.95
CA LYS A 630 -39.46 20.39 4.02
C LYS A 630 -40.06 20.16 2.64
N SER A 631 -39.20 19.72 1.71
CA SER A 631 -39.65 19.41 0.36
C SER A 631 -40.38 18.09 0.28
N LEU A 632 -40.30 17.25 1.31
CA LEU A 632 -41.08 16.02 1.33
C LEU A 632 -42.57 16.31 1.33
N ASP A 633 -42.96 17.40 2.00
CA ASP A 633 -44.38 17.81 2.01
C ASP A 633 -44.75 18.21 0.57
N TYR A 634 -43.83 18.86 -0.14
CA TYR A 634 -44.12 19.27 -1.52
C TYR A 634 -44.39 18.05 -2.40
N THR A 635 -43.62 16.98 -2.22
CA THR A 635 -43.87 15.76 -2.98
C THR A 635 -45.25 15.19 -2.63
N ARG A 636 -45.60 15.21 -1.34
CA ARG A 636 -46.92 14.74 -0.92
C ARG A 636 -48.02 15.59 -1.52
N SER A 637 -47.81 16.92 -1.55
CA SER A 637 -48.83 17.82 -2.08
C SER A 637 -49.08 17.57 -3.57
N VAL A 638 -48.00 17.39 -4.34
CA VAL A 638 -48.15 17.09 -5.76
C VAL A 638 -48.80 15.73 -5.95
N MET A 639 -48.46 14.77 -5.07
CA MET A 639 -48.96 13.41 -5.22
C MET A 639 -50.48 13.36 -5.05
N MET A 640 -51.02 14.15 -4.12
CA MET A 640 -52.46 14.19 -3.92
C MET A 640 -53.18 14.78 -5.13
N ASP A 641 -52.57 15.75 -5.80
CA ASP A 641 -53.17 16.32 -6.99
C ASP A 641 -53.30 15.28 -8.09
N LEU A 642 -52.32 14.39 -8.22
CA LEU A 642 -52.39 13.33 -9.21
C LEU A 642 -53.55 12.40 -8.93
N HIS A 643 -53.78 12.07 -7.65
CA HIS A 643 -54.81 11.08 -7.30
C HIS A 643 -56.20 11.59 -7.64
N VAL A 644 -56.48 12.86 -7.34
CA VAL A 644 -57.82 13.40 -7.57
C VAL A 644 -58.14 13.44 -9.06
N GLN A 645 -57.19 13.89 -9.87
CA GLN A 645 -57.42 13.95 -11.32
C GLN A 645 -57.62 12.55 -11.89
N LEU A 646 -56.81 11.59 -11.45
CA LEU A 646 -57.01 10.21 -11.90
C LEU A 646 -58.29 9.63 -11.34
N ARG A 647 -58.70 10.03 -10.14
CA ARG A 647 -59.96 9.57 -9.58
C ARG A 647 -61.13 10.01 -10.44
N ALA A 648 -61.08 11.25 -10.95
CA ALA A 648 -62.06 11.67 -11.94
C ALA A 648 -61.93 10.86 -13.21
N GLU A 649 -60.71 10.52 -13.61
CA GLU A 649 -60.51 9.70 -14.80
C GLU A 649 -61.13 8.31 -14.63
N ILE A 650 -60.99 7.72 -13.45
CA ILE A 650 -61.63 6.45 -13.18
C ILE A 650 -63.15 6.61 -13.23
N GLY A 651 -63.67 7.66 -12.59
CA GLY A 651 -65.11 7.88 -12.58
C GLY A 651 -65.66 8.37 -13.90
N ARG A 652 -64.83 8.97 -14.75
CA ARG A 652 -65.30 9.41 -16.06
C ARG A 652 -65.69 8.23 -16.93
N ILE A 653 -65.03 7.08 -16.75
CA ILE A 653 -65.41 5.85 -17.42
C ILE A 653 -66.46 5.18 -16.53
N GLU A 654 -67.74 5.43 -16.83
CA GLU A 654 -68.84 4.95 -16.00
C GLU A 654 -69.64 3.85 -16.70
N ILE A 655 -69.08 3.24 -17.74
CA ILE A 655 -69.76 2.11 -18.38
C ILE A 655 -69.91 0.97 -17.40
N LEU A 656 -68.86 0.69 -16.63
CA LEU A 656 -68.90 -0.28 -15.54
C LEU A 656 -68.52 0.44 -14.26
N LEU A 657 -69.46 0.50 -13.31
CA LEU A 657 -69.24 1.15 -12.03
C LEU A 657 -68.75 0.19 -10.95
N ASP A 658 -68.49 -1.07 -11.31
CA ASP A 658 -68.13 -2.09 -10.34
C ASP A 658 -66.62 -2.21 -10.12
N SER A 659 -65.83 -1.37 -10.76
CA SER A 659 -64.38 -1.44 -10.58
C SER A 659 -64.01 -0.99 -9.17
N PRO A 660 -63.38 -1.83 -8.37
CA PRO A 660 -63.03 -1.45 -6.98
C PRO A 660 -61.72 -0.67 -6.84
N ASN A 661 -61.06 -0.33 -7.95
CA ASN A 661 -59.82 0.43 -7.93
C ASN A 661 -58.77 -0.01 -6.89
N PRO A 662 -58.59 -1.32 -6.69
CA PRO A 662 -57.75 -1.77 -5.57
C PRO A 662 -56.31 -1.29 -5.66
N ALA A 663 -55.82 -1.00 -6.86
CA ALA A 663 -54.48 -0.45 -6.99
C ALA A 663 -54.37 0.90 -6.27
N MET A 664 -55.42 1.71 -6.36
CA MET A 664 -55.42 3.01 -5.69
C MET A 664 -55.39 2.85 -4.17
N ARG A 665 -56.11 1.86 -3.65
CA ARG A 665 -56.15 1.60 -2.21
C ARG A 665 -55.06 0.63 -1.79
N LEU A 666 -53.93 0.62 -2.50
CA LEU A 666 -52.77 -0.14 -2.04
C LEU A 666 -52.27 0.45 -0.73
N LEU A 667 -51.86 -0.42 0.18
CA LEU A 667 -51.63 0.00 1.57
C LEU A 667 -50.52 1.03 1.68
N LEU A 668 -49.42 0.82 0.96
CA LEU A 668 -48.25 1.68 1.14
C LEU A 668 -48.43 3.06 0.53
N GLU A 669 -49.35 3.21 -0.42
CA GLU A 669 -49.56 4.52 -1.04
C GLU A 669 -50.39 5.43 -0.14
N PHE B 371 -31.35 17.95 -29.12
CA PHE B 371 -30.72 17.45 -27.91
C PHE B 371 -31.35 16.13 -27.50
N GLU B 372 -32.57 15.89 -27.95
CA GLU B 372 -33.29 14.65 -27.67
C GLU B 372 -32.59 13.46 -28.30
N LYS B 373 -32.45 13.49 -29.63
CA LYS B 373 -31.83 12.36 -30.33
C LYS B 373 -30.32 12.35 -30.14
N ALA B 374 -29.73 13.52 -29.91
CA ALA B 374 -28.27 13.61 -29.81
C ALA B 374 -27.76 12.79 -28.63
N VAL B 375 -28.44 12.85 -27.49
CA VAL B 375 -28.02 12.10 -26.32
C VAL B 375 -28.11 10.60 -26.59
N LEU B 376 -29.21 10.17 -27.21
CA LEU B 376 -29.41 8.74 -27.46
C LEU B 376 -28.41 8.21 -28.47
N GLU B 377 -28.12 8.97 -29.52
CA GLU B 377 -27.30 8.49 -30.64
C GLU B 377 -25.87 8.98 -30.57
N ALA B 378 -25.45 9.57 -29.45
CA ALA B 378 -24.08 10.06 -29.36
C ALA B 378 -23.04 8.97 -29.55
N PRO B 379 -23.15 7.79 -28.92
CA PRO B 379 -22.12 6.77 -29.16
C PRO B 379 -22.23 6.08 -30.50
N TYR B 380 -23.41 6.04 -31.11
CA TYR B 380 -23.54 5.31 -32.37
C TYR B 380 -22.84 6.04 -33.51
N ASP B 381 -23.10 7.34 -33.66
CA ASP B 381 -22.41 8.09 -34.71
C ASP B 381 -20.93 8.26 -34.41
N TYR B 382 -20.52 8.04 -33.17
CA TYR B 382 -19.09 7.98 -32.87
C TYR B 382 -18.44 6.77 -33.54
N ILE B 383 -19.12 5.63 -33.49
CA ILE B 383 -18.61 4.43 -34.16
C ILE B 383 -18.83 4.51 -35.66
N ALA B 384 -19.98 5.03 -36.09
CA ALA B 384 -20.25 5.15 -37.51
C ALA B 384 -19.28 6.08 -38.22
N SER B 385 -18.64 6.98 -37.49
CA SER B 385 -17.61 7.83 -38.07
C SER B 385 -16.27 7.14 -38.20
N MET B 386 -16.08 5.99 -37.56
CA MET B 386 -14.81 5.28 -37.69
C MET B 386 -14.62 4.82 -39.13
N PRO B 387 -13.39 4.78 -39.62
CA PRO B 387 -13.14 4.19 -40.94
C PRO B 387 -13.05 2.67 -40.84
N SER B 388 -13.77 1.99 -41.72
CA SER B 388 -13.85 0.54 -41.70
C SER B 388 -13.52 -0.02 -43.08
N LYS B 389 -13.14 -1.30 -43.09
CA LYS B 389 -12.75 -1.94 -44.35
C LYS B 389 -13.93 -2.07 -45.30
N GLY B 390 -15.15 -2.12 -44.78
CA GLY B 390 -16.31 -2.25 -45.63
C GLY B 390 -16.40 -3.58 -46.36
N VAL B 391 -16.03 -4.67 -45.69
CA VAL B 391 -16.07 -5.99 -46.33
C VAL B 391 -17.51 -6.42 -46.58
N ARG B 392 -18.42 -6.10 -45.65
CA ARG B 392 -19.81 -6.50 -45.80
C ARG B 392 -20.44 -5.86 -47.03
N ASP B 393 -20.11 -4.60 -47.30
CA ASP B 393 -20.65 -3.93 -48.48
C ASP B 393 -20.21 -4.62 -49.76
N GLN B 394 -18.96 -5.08 -49.81
CA GLN B 394 -18.49 -5.82 -50.97
C GLN B 394 -19.27 -7.13 -51.14
N PHE B 395 -19.50 -7.84 -50.04
CA PHE B 395 -20.21 -9.12 -50.12
C PHE B 395 -21.64 -8.94 -50.62
N ILE B 396 -22.34 -7.93 -50.11
CA ILE B 396 -23.72 -7.70 -50.54
C ILE B 396 -23.76 -7.19 -51.98
N ASP B 397 -22.75 -6.43 -52.39
CA ASP B 397 -22.67 -6.03 -53.79
C ASP B 397 -22.34 -7.22 -54.67
N ALA B 398 -21.49 -8.14 -54.19
CA ALA B 398 -21.15 -9.32 -54.96
C ALA B 398 -22.36 -10.22 -55.16
N LEU B 399 -23.16 -10.42 -54.10
CA LEU B 399 -24.32 -11.29 -54.21
C LEU B 399 -25.42 -10.67 -55.05
N ASN B 400 -25.46 -9.34 -55.13
CA ASN B 400 -26.51 -8.67 -55.89
C ASN B 400 -26.41 -9.00 -57.37
N ASP B 401 -25.19 -9.11 -57.90
CA ASP B 401 -25.02 -9.43 -59.32
C ASP B 401 -25.60 -10.79 -59.67
N TRP B 402 -25.52 -11.74 -58.74
CA TRP B 402 -26.13 -13.04 -58.98
C TRP B 402 -27.65 -12.95 -58.98
N LEU B 403 -28.21 -12.16 -58.05
CA LEU B 403 -29.65 -12.18 -57.80
C LEU B 403 -30.39 -11.08 -58.54
N ARG B 404 -29.69 -10.07 -59.06
CA ARG B 404 -30.31 -8.94 -59.76
C ARG B 404 -31.33 -8.24 -58.88
N VAL B 405 -30.84 -7.70 -57.76
CA VAL B 405 -31.67 -7.00 -56.79
C VAL B 405 -31.76 -5.53 -57.19
N PRO B 406 -32.94 -4.90 -57.09
CA PRO B 406 -33.04 -3.48 -57.44
C PRO B 406 -32.17 -2.61 -56.55
N ASP B 407 -31.79 -1.46 -57.11
CA ASP B 407 -30.86 -0.56 -56.41
C ASP B 407 -31.45 -0.03 -55.12
N VAL B 408 -32.76 0.26 -55.11
CA VAL B 408 -33.39 0.84 -53.92
C VAL B 408 -33.33 -0.14 -52.75
N LYS B 409 -33.62 -1.41 -53.00
CA LYS B 409 -33.66 -2.39 -51.93
C LYS B 409 -32.26 -2.73 -51.43
N VAL B 410 -31.26 -2.68 -52.32
CA VAL B 410 -29.90 -2.98 -51.92
C VAL B 410 -29.40 -1.96 -50.91
N GLY B 411 -29.75 -0.68 -51.11
CA GLY B 411 -29.33 0.35 -50.18
C GLY B 411 -29.92 0.15 -48.78
N LYS B 412 -31.20 -0.20 -48.71
CA LYS B 412 -31.84 -0.41 -47.41
C LYS B 412 -31.25 -1.62 -46.71
N ILE B 413 -30.94 -2.67 -47.46
CA ILE B 413 -30.34 -3.87 -46.86
C ILE B 413 -28.97 -3.56 -46.30
N LYS B 414 -28.17 -2.78 -47.05
CA LYS B 414 -26.81 -2.50 -46.62
C LYS B 414 -26.79 -1.70 -45.32
N ASP B 415 -27.63 -0.66 -45.23
CA ASP B 415 -27.60 0.19 -44.04
C ASP B 415 -28.22 -0.49 -42.83
N ALA B 416 -29.25 -1.32 -43.05
CA ALA B 416 -29.85 -2.05 -41.94
C ALA B 416 -28.85 -3.02 -41.33
N VAL B 417 -28.06 -3.70 -42.17
CA VAL B 417 -27.01 -4.58 -41.67
C VAL B 417 -25.91 -3.77 -41.00
N ARG B 418 -25.60 -2.59 -41.56
CA ARG B 418 -24.54 -1.76 -41.01
C ARG B 418 -24.86 -1.31 -39.59
N VAL B 419 -26.12 -0.99 -39.32
CA VAL B 419 -26.52 -0.55 -37.98
C VAL B 419 -26.29 -1.68 -36.97
N LEU B 420 -26.66 -2.90 -37.35
CA LEU B 420 -26.47 -4.04 -36.45
C LEU B 420 -25.01 -4.29 -36.16
N HIS B 421 -24.14 -4.18 -37.16
CA HIS B 421 -22.72 -4.43 -36.96
C HIS B 421 -22.10 -3.41 -36.02
N ASN B 422 -22.46 -2.13 -36.18
CA ASN B 422 -21.91 -1.09 -35.32
C ASN B 422 -22.36 -1.29 -33.88
N SER B 423 -23.63 -1.68 -33.68
CA SER B 423 -24.11 -1.94 -32.34
C SER B 423 -23.36 -3.09 -31.69
N SER B 424 -23.08 -4.16 -32.46
CA SER B 424 -22.29 -5.26 -31.94
C SER B 424 -20.88 -4.81 -31.56
N LEU B 425 -20.30 -3.92 -32.37
CA LEU B 425 -18.98 -3.38 -32.03
C LEU B 425 -19.02 -2.58 -30.74
N LEU B 426 -20.10 -1.82 -30.52
CA LEU B 426 -20.26 -1.10 -29.27
C LEU B 426 -20.31 -2.05 -28.09
N LEU B 427 -21.04 -3.16 -28.24
CA LEU B 427 -21.20 -4.10 -27.13
C LEU B 427 -19.89 -4.86 -26.88
N ASP B 428 -19.28 -5.39 -27.94
CA ASP B 428 -18.09 -6.21 -27.78
C ASP B 428 -16.96 -5.45 -27.10
N ASP B 429 -16.87 -4.13 -27.36
CA ASP B 429 -15.85 -3.32 -26.72
C ASP B 429 -16.04 -3.27 -25.21
N PHE B 430 -17.28 -3.16 -24.75
CA PHE B 430 -17.53 -3.06 -23.31
C PHE B 430 -17.32 -4.41 -22.63
N GLN B 431 -17.86 -5.49 -23.21
CA GLN B 431 -17.75 -6.80 -22.57
C GLN B 431 -16.29 -7.25 -22.47
N ASP B 432 -15.57 -7.23 -23.59
CA ASP B 432 -14.14 -7.51 -23.60
C ASP B 432 -13.40 -6.17 -23.61
N ASN B 433 -12.80 -5.82 -22.46
CA ASN B 433 -12.22 -4.50 -22.29
C ASN B 433 -11.07 -4.28 -23.27
N SER B 434 -11.32 -3.44 -24.27
CA SER B 434 -10.34 -3.12 -25.32
C SER B 434 -10.24 -1.61 -25.43
N PRO B 435 -9.49 -0.97 -24.52
CA PRO B 435 -9.33 0.49 -24.62
C PRO B 435 -8.71 0.95 -25.92
N LEU B 436 -7.80 0.17 -26.48
CA LEU B 436 -7.21 0.51 -27.77
C LEU B 436 -8.22 0.24 -28.88
N ARG B 437 -8.35 1.20 -29.80
CA ARG B 437 -9.23 1.04 -30.95
C ARG B 437 -8.71 1.98 -32.03
N ARG B 438 -8.84 1.55 -33.29
CA ARG B 438 -8.29 2.28 -34.42
C ARG B 438 -8.79 3.72 -34.43
N GLY B 439 -7.87 4.66 -34.62
CA GLY B 439 -8.18 6.07 -34.69
C GLY B 439 -8.27 6.75 -33.35
N LYS B 440 -9.40 6.62 -32.68
CA LYS B 440 -9.68 7.24 -31.39
C LYS B 440 -10.16 6.18 -30.42
N PRO B 441 -10.01 6.43 -29.11
CA PRO B 441 -10.17 5.33 -28.15
C PRO B 441 -11.58 4.78 -28.08
N SER B 442 -11.74 3.75 -27.25
CA SER B 442 -12.95 2.96 -27.17
C SER B 442 -14.12 3.80 -26.66
N THR B 443 -15.33 3.33 -26.97
CA THR B 443 -16.54 4.08 -26.68
C THR B 443 -16.95 4.03 -25.21
N HIS B 444 -16.45 3.08 -24.43
CA HIS B 444 -16.74 3.06 -23.01
C HIS B 444 -15.74 3.84 -22.18
N ASN B 445 -14.64 4.30 -22.78
CA ASN B 445 -13.75 5.27 -22.16
C ASN B 445 -13.99 6.68 -22.68
N ILE B 446 -14.97 6.87 -23.56
CA ILE B 446 -15.24 8.18 -24.12
C ILE B 446 -16.64 8.69 -23.79
N PHE B 447 -17.57 7.81 -23.44
CA PHE B 447 -18.93 8.19 -23.07
C PHE B 447 -19.37 7.61 -21.72
N GLY B 448 -18.87 6.42 -21.37
CA GLY B 448 -19.25 5.79 -20.13
C GLY B 448 -19.91 4.45 -20.36
N SER B 449 -19.74 3.52 -19.42
CA SER B 449 -20.26 2.17 -19.62
C SER B 449 -21.79 2.16 -19.68
N ALA B 450 -22.44 3.01 -18.88
CA ALA B 450 -23.89 3.02 -18.87
C ALA B 450 -24.47 3.48 -20.20
N GLN B 451 -23.90 4.53 -20.78
CA GLN B 451 -24.50 5.13 -21.97
C GLN B 451 -24.30 4.26 -23.21
N THR B 452 -23.15 3.60 -23.34
CA THR B 452 -22.87 2.84 -24.55
C THR B 452 -23.77 1.60 -24.65
N VAL B 453 -24.11 0.99 -23.52
CA VAL B 453 -24.98 -0.18 -23.54
C VAL B 453 -26.40 0.23 -23.95
N ASN B 454 -26.86 1.38 -23.44
CA ASN B 454 -28.22 1.81 -23.73
C ASN B 454 -28.43 2.08 -25.20
N THR B 455 -27.46 2.75 -25.84
CA THR B 455 -27.61 3.05 -27.26
C THR B 455 -27.41 1.81 -28.12
N ALA B 456 -26.61 0.85 -27.65
CA ALA B 456 -26.42 -0.39 -28.39
C ALA B 456 -27.73 -1.16 -28.49
N THR B 457 -28.47 -1.25 -27.40
CA THR B 457 -29.76 -1.92 -27.44
C THR B 457 -30.76 -1.13 -28.28
N TYR B 458 -30.74 0.19 -28.17
CA TYR B 458 -31.69 1.01 -28.94
C TYR B 458 -31.45 0.89 -30.43
N SER B 459 -30.18 0.88 -30.85
CA SER B 459 -29.87 0.80 -32.27
C SER B 459 -30.31 -0.53 -32.86
N ILE B 460 -30.24 -1.59 -32.06
CA ILE B 460 -30.66 -2.91 -32.54
C ILE B 460 -32.16 -2.91 -32.81
N ILE B 461 -32.94 -2.32 -31.90
CA ILE B 461 -34.39 -2.32 -32.05
C ILE B 461 -34.80 -1.47 -33.24
N LYS B 462 -34.09 -0.36 -33.48
CA LYS B 462 -34.37 0.46 -34.66
C LYS B 462 -34.03 -0.31 -35.94
N ALA B 463 -33.00 -1.14 -35.90
CA ALA B 463 -32.64 -1.93 -37.07
C ALA B 463 -33.75 -2.92 -37.43
N ILE B 464 -34.33 -3.56 -36.43
CA ILE B 464 -35.40 -4.53 -36.68
C ILE B 464 -36.61 -3.83 -37.26
N GLY B 465 -36.99 -2.68 -36.69
CA GLY B 465 -38.10 -1.93 -37.23
C GLY B 465 -37.85 -1.44 -38.65
N GLN B 466 -36.61 -1.09 -38.96
CA GLN B 466 -36.26 -0.70 -40.32
C GLN B 466 -36.45 -1.85 -41.30
N ILE B 467 -36.04 -3.06 -40.90
CA ILE B 467 -36.22 -4.23 -41.75
C ILE B 467 -37.70 -4.51 -41.96
N MET B 468 -38.50 -4.39 -40.89
CA MET B 468 -39.92 -4.67 -40.99
C MET B 468 -40.65 -3.64 -41.87
N GLU B 469 -40.17 -2.40 -41.90
CA GLU B 469 -40.93 -1.34 -42.55
C GLU B 469 -40.95 -1.52 -44.08
N PHE B 470 -39.80 -1.74 -44.70
CA PHE B 470 -39.77 -1.93 -46.15
C PHE B 470 -38.98 -3.15 -46.59
N SER B 471 -37.87 -3.47 -45.91
CA SER B 471 -37.01 -4.56 -46.37
C SER B 471 -37.72 -5.91 -46.31
N ALA B 472 -38.70 -6.05 -45.42
CA ALA B 472 -39.42 -7.31 -45.26
C ALA B 472 -40.90 -7.04 -45.09
N GLY B 473 -41.73 -7.83 -45.76
CA GLY B 473 -43.16 -7.65 -45.68
C GLY B 473 -43.87 -8.60 -44.73
N GLU B 474 -43.65 -9.91 -44.90
CA GLU B 474 -44.37 -10.89 -44.10
C GLU B 474 -43.47 -12.03 -43.64
N SER B 475 -42.15 -11.91 -43.81
CA SER B 475 -41.20 -12.92 -43.37
C SER B 475 -40.26 -12.31 -42.34
N VAL B 476 -40.82 -11.51 -41.43
CA VAL B 476 -40.02 -10.88 -40.39
C VAL B 476 -39.60 -11.86 -39.31
N GLN B 477 -40.31 -12.98 -39.17
CA GLN B 477 -40.00 -13.93 -38.11
C GLN B 477 -38.60 -14.51 -38.26
N GLU B 478 -38.19 -14.82 -39.48
CA GLU B 478 -36.87 -15.41 -39.68
C GLU B 478 -35.76 -14.41 -39.36
N VAL B 479 -36.02 -13.12 -39.59
CA VAL B 479 -35.04 -12.10 -39.24
C VAL B 479 -34.82 -12.07 -37.73
N MET B 480 -35.91 -12.16 -36.96
CA MET B 480 -35.78 -12.26 -35.51
C MET B 480 -35.06 -13.55 -35.11
N ASN B 481 -35.38 -14.66 -35.77
CA ASN B 481 -34.75 -15.93 -35.44
C ASN B 481 -33.25 -15.87 -35.67
N SER B 482 -32.82 -15.27 -36.79
CA SER B 482 -31.40 -15.20 -37.09
C SER B 482 -30.67 -14.27 -36.12
N ILE B 483 -31.34 -13.21 -35.67
CA ILE B 483 -30.74 -12.32 -34.68
C ILE B 483 -30.66 -13.00 -33.33
N MET B 484 -31.69 -13.78 -32.99
CA MET B 484 -31.73 -14.44 -31.68
C MET B 484 -30.57 -15.41 -31.50
N ILE B 485 -30.29 -16.22 -32.52
CA ILE B 485 -29.20 -17.19 -32.42
C ILE B 485 -27.86 -16.48 -32.37
N LEU B 486 -27.78 -15.29 -32.97
CA LEU B 486 -26.54 -14.51 -32.95
C LEU B 486 -26.12 -14.21 -31.51
N PHE B 487 -27.09 -14.00 -30.62
CA PHE B 487 -26.74 -13.72 -29.23
C PHE B 487 -26.33 -14.97 -28.49
N GLN B 488 -26.87 -16.13 -28.89
CA GLN B 488 -26.53 -17.38 -28.21
C GLN B 488 -25.06 -17.71 -28.37
N GLY B 489 -24.51 -17.50 -29.57
CA GLY B 489 -23.08 -17.73 -29.77
C GLY B 489 -22.22 -16.79 -28.96
N GLN B 490 -22.63 -15.53 -28.86
CA GLN B 490 -21.87 -14.56 -28.06
C GLN B 490 -21.91 -14.92 -26.59
N ALA B 491 -23.06 -15.41 -26.11
CA ALA B 491 -23.18 -15.78 -24.70
C ALA B 491 -22.27 -16.94 -24.36
N MET B 492 -22.19 -17.93 -25.25
CA MET B 492 -21.32 -19.08 -25.00
C MET B 492 -19.86 -18.67 -24.90
N ASP B 493 -19.42 -17.76 -25.77
CA ASP B 493 -18.04 -17.29 -25.71
C ASP B 493 -17.76 -16.57 -24.41
N LEU B 494 -18.70 -15.74 -23.96
CA LEU B 494 -18.50 -14.98 -22.74
C LEU B 494 -18.48 -15.90 -21.53
N PHE B 495 -19.30 -16.95 -21.54
CA PHE B 495 -19.32 -17.90 -20.43
C PHE B 495 -17.98 -18.61 -20.28
N TRP B 496 -17.37 -18.98 -21.40
CA TRP B 496 -16.08 -19.67 -21.35
C TRP B 496 -15.00 -18.77 -20.75
N THR B 497 -14.99 -17.50 -21.15
CA THR B 497 -13.95 -16.59 -20.68
C THR B 497 -14.08 -16.33 -19.19
N TYR B 498 -15.30 -16.06 -18.72
CA TYR B 498 -15.50 -15.76 -17.31
C TYR B 498 -15.24 -16.98 -16.43
N ASN B 499 -15.82 -18.13 -16.80
CA ASN B 499 -15.65 -19.33 -15.99
C ASN B 499 -14.22 -19.87 -16.08
N GLY B 500 -13.65 -19.84 -17.29
CA GLY B 500 -12.30 -20.35 -17.51
C GLY B 500 -12.23 -21.72 -18.14
N HIS B 501 -13.38 -22.35 -18.43
CA HIS B 501 -13.36 -23.66 -19.06
C HIS B 501 -12.76 -23.57 -20.46
N VAL B 502 -11.83 -24.46 -20.75
CA VAL B 502 -11.10 -24.42 -22.02
C VAL B 502 -12.02 -24.84 -23.16
N PRO B 503 -11.92 -24.24 -24.34
CA PRO B 503 -12.71 -24.73 -25.47
C PRO B 503 -12.29 -26.13 -25.88
N SER B 504 -13.23 -26.87 -26.45
CA SER B 504 -13.02 -28.27 -26.78
C SER B 504 -12.42 -28.48 -28.17
N GLU B 505 -12.07 -27.42 -28.88
CA GLU B 505 -11.46 -27.43 -30.20
C GLU B 505 -12.40 -27.94 -31.29
N GLU B 506 -13.60 -28.36 -30.94
CA GLU B 506 -14.60 -28.79 -31.90
C GLU B 506 -15.85 -27.91 -31.90
N GLU B 507 -16.36 -27.56 -30.72
CA GLU B 507 -17.50 -26.65 -30.63
C GLU B 507 -17.11 -25.21 -30.92
N TYR B 508 -15.81 -24.90 -30.98
CA TYR B 508 -15.39 -23.55 -31.33
C TYR B 508 -15.82 -23.18 -32.75
N TYR B 509 -15.79 -24.13 -33.67
CA TYR B 509 -16.27 -23.86 -35.02
C TYR B 509 -17.76 -23.54 -35.03
N ARG B 510 -18.55 -24.30 -34.28
CA ARG B 510 -19.97 -23.98 -34.15
C ARG B 510 -20.18 -22.68 -33.39
N MET B 511 -19.36 -22.43 -32.38
CA MET B 511 -19.42 -21.16 -31.66
C MET B 511 -19.11 -20.00 -32.59
N ILE B 512 -18.09 -20.16 -33.44
CA ILE B 512 -17.69 -19.04 -34.30
C ILE B 512 -18.62 -18.91 -35.49
N ASP B 513 -19.37 -19.98 -35.81
CA ASP B 513 -20.37 -19.87 -36.87
C ASP B 513 -21.52 -18.98 -36.43
N GLN B 514 -21.97 -19.15 -35.19
CA GLN B 514 -23.10 -18.37 -34.69
C GLN B 514 -22.73 -16.91 -34.50
N LYS B 515 -21.52 -16.63 -34.03
CA LYS B 515 -21.17 -15.27 -33.62
C LYS B 515 -20.92 -14.35 -34.80
N THR B 516 -20.39 -14.86 -35.90
CA THR B 516 -20.03 -14.04 -37.05
C THR B 516 -20.77 -14.42 -38.32
N GLY B 517 -20.88 -15.70 -38.62
CA GLY B 517 -21.53 -16.13 -39.85
C GLY B 517 -23.01 -15.81 -39.94
N GLN B 518 -23.66 -15.51 -38.81
CA GLN B 518 -25.08 -15.19 -38.85
C GLN B 518 -25.33 -13.80 -39.42
N LEU B 519 -24.42 -12.86 -39.18
CA LEU B 519 -24.57 -11.53 -39.77
C LEU B 519 -24.51 -11.59 -41.28
N PHE B 520 -23.64 -12.45 -41.82
CA PHE B 520 -23.64 -12.69 -43.26
C PHE B 520 -24.94 -13.37 -43.69
N SER B 521 -25.45 -14.29 -42.86
CA SER B 521 -26.69 -14.99 -43.20
C SER B 521 -27.87 -14.04 -43.23
N ILE B 522 -27.95 -13.13 -42.27
CA ILE B 522 -29.08 -12.19 -42.22
C ILE B 522 -29.08 -11.30 -43.45
N ALA B 523 -27.89 -10.94 -43.93
CA ALA B 523 -27.78 -10.18 -45.17
C ALA B 523 -28.20 -11.01 -46.37
N THR B 524 -27.77 -12.27 -46.42
CA THR B 524 -28.14 -13.14 -47.54
C THR B 524 -29.63 -13.42 -47.55
N SER B 525 -30.21 -13.69 -46.39
CA SER B 525 -31.63 -14.07 -46.33
C SER B 525 -32.53 -12.94 -46.84
N LEU B 526 -32.23 -11.70 -46.46
CA LEU B 526 -33.03 -10.57 -46.93
C LEU B 526 -32.87 -10.39 -48.44
N LEU B 527 -31.65 -10.55 -48.96
CA LEU B 527 -31.44 -10.44 -50.39
C LEU B 527 -32.17 -11.54 -51.15
N LEU B 528 -32.18 -12.76 -50.60
CA LEU B 528 -32.86 -13.86 -51.27
C LEU B 528 -34.36 -13.59 -51.39
N ASN B 529 -34.97 -13.06 -50.33
CA ASN B 529 -36.39 -12.75 -50.36
C ASN B 529 -36.70 -11.49 -51.16
N ALA B 530 -35.68 -10.74 -51.59
CA ALA B 530 -35.88 -9.56 -52.41
C ALA B 530 -35.67 -9.89 -53.88
N LEU B 544 -26.16 -20.67 -52.12
CA LEU B 544 -25.70 -19.45 -51.46
C LEU B 544 -25.67 -19.65 -49.95
N HIS B 545 -26.45 -20.62 -49.47
CA HIS B 545 -26.50 -20.90 -48.04
C HIS B 545 -25.15 -21.39 -47.54
N ARG B 546 -24.50 -22.28 -48.29
CA ARG B 546 -23.19 -22.78 -47.89
C ARG B 546 -22.13 -21.70 -47.98
N LEU B 547 -22.22 -20.84 -48.99
CA LEU B 547 -21.23 -19.79 -49.18
C LEU B 547 -21.21 -18.84 -47.99
N THR B 548 -22.38 -18.43 -47.52
CA THR B 548 -22.45 -17.47 -46.43
C THR B 548 -22.00 -18.10 -45.11
N ARG B 549 -22.16 -19.42 -44.97
CA ARG B 549 -21.69 -20.09 -43.77
C ARG B 549 -20.18 -20.30 -43.80
N LEU B 550 -19.64 -20.60 -44.98
CA LEU B 550 -18.20 -20.83 -45.10
C LEU B 550 -17.41 -19.53 -45.00
N LEU B 551 -17.87 -18.48 -45.69
CA LEU B 551 -17.12 -17.23 -45.72
C LEU B 551 -17.05 -16.60 -44.33
N GLY B 552 -18.14 -16.70 -43.57
CA GLY B 552 -18.12 -16.20 -42.21
C GLY B 552 -17.13 -16.97 -41.34
N ARG B 553 -17.04 -18.29 -41.53
CA ARG B 553 -16.11 -19.09 -40.75
C ARG B 553 -14.67 -18.68 -41.04
N CYS B 554 -14.34 -18.48 -42.31
CA CYS B 554 -13.00 -18.07 -42.67
C CYS B 554 -12.69 -16.67 -42.18
N PHE B 555 -13.68 -15.78 -42.22
CA PHE B 555 -13.42 -14.38 -41.87
C PHE B 555 -13.04 -14.23 -40.41
N GLN B 556 -13.75 -14.92 -39.51
CA GLN B 556 -13.45 -14.78 -38.09
C GLN B 556 -12.13 -15.46 -37.74
N ILE B 557 -11.85 -16.59 -38.38
CA ILE B 557 -10.58 -17.28 -38.10
C ILE B 557 -9.40 -16.47 -38.60
N ARG B 558 -9.64 -15.54 -39.53
CA ARG B 558 -8.54 -14.68 -39.99
C ARG B 558 -8.08 -13.74 -38.89
N ASP B 559 -9.01 -13.22 -38.08
CA ASP B 559 -8.65 -12.23 -37.07
C ASP B 559 -7.65 -12.79 -36.07
N ASP B 560 -7.81 -14.07 -35.71
CA ASP B 560 -6.86 -14.69 -34.79
C ASP B 560 -5.47 -14.73 -35.39
N TYR B 561 -5.36 -15.06 -36.68
CA TYR B 561 -4.06 -15.10 -37.34
C TYR B 561 -3.42 -13.72 -37.38
N GLN B 562 -4.21 -12.69 -37.69
CA GLN B 562 -3.67 -11.33 -37.79
C GLN B 562 -3.37 -10.71 -36.43
N ASN B 563 -3.80 -11.36 -35.35
CA ASN B 563 -3.51 -10.85 -34.01
C ASN B 563 -2.88 -11.93 -33.14
N LEU B 586 -8.11 -19.96 -32.92
CA LEU B 586 -7.77 -21.34 -33.25
C LEU B 586 -6.31 -21.63 -32.92
N ALA B 587 -5.46 -20.60 -33.07
CA ALA B 587 -4.05 -20.77 -32.77
C ALA B 587 -3.82 -21.09 -31.29
N LEU B 588 -4.55 -20.38 -30.41
CA LEU B 588 -4.38 -20.62 -28.98
C LEU B 588 -4.89 -21.98 -28.56
N ILE B 589 -5.77 -22.59 -29.37
CA ILE B 589 -6.44 -23.82 -28.98
C ILE B 589 -6.03 -25.02 -29.82
N HIS B 590 -5.33 -24.83 -30.93
CA HIS B 590 -4.87 -25.95 -31.73
C HIS B 590 -3.78 -26.75 -31.03
N MET B 591 -3.03 -26.13 -30.12
CA MET B 591 -1.97 -26.84 -29.42
C MET B 591 -2.52 -27.97 -28.55
N ILE B 592 -3.58 -27.69 -27.82
CA ILE B 592 -4.12 -28.64 -26.86
C ILE B 592 -5.03 -29.64 -27.56
N SER B 597 3.60 -29.92 -22.74
CA SER B 597 2.96 -29.84 -24.05
C SER B 597 1.46 -29.62 -23.91
N HIS B 598 0.78 -30.63 -23.37
CA HIS B 598 -0.67 -30.57 -23.16
C HIS B 598 -1.03 -30.39 -21.69
N MET B 599 -0.58 -31.29 -20.82
CA MET B 599 -0.92 -31.18 -19.41
C MET B 599 -0.16 -30.02 -18.75
N ALA B 600 1.08 -29.80 -19.16
CA ALA B 600 1.84 -28.68 -18.62
C ALA B 600 1.23 -27.34 -19.04
N LEU B 601 0.68 -27.28 -20.25
CA LEU B 601 0.07 -26.03 -20.72
C LEU B 601 -1.18 -25.68 -19.92
N LEU B 602 -2.04 -26.67 -19.65
CA LEU B 602 -3.26 -26.38 -18.92
C LEU B 602 -2.97 -25.92 -17.50
N ASN B 603 -1.97 -26.53 -16.85
CA ASN B 603 -1.62 -26.13 -15.50
C ASN B 603 -0.97 -24.74 -15.48
N VAL B 604 -0.12 -24.44 -16.46
CA VAL B 604 0.49 -23.11 -16.50
C VAL B 604 -0.49 -22.05 -16.97
N LEU B 605 -1.58 -22.46 -17.65
CA LEU B 605 -2.60 -21.50 -18.04
C LEU B 605 -3.25 -20.87 -16.83
N SER B 606 -3.52 -21.66 -15.80
CA SER B 606 -4.08 -21.14 -14.55
C SER B 606 -2.98 -20.46 -13.74
N THR B 607 -3.38 -19.87 -12.62
CA THR B 607 -2.47 -19.17 -11.70
C THR B 607 -1.70 -18.08 -12.43
N GLY B 608 -2.46 -17.06 -12.84
CA GLY B 608 -1.90 -15.94 -13.58
C GLY B 608 -2.73 -15.57 -14.80
N ARG B 609 -3.91 -16.17 -14.91
CA ARG B 609 -4.81 -15.89 -16.02
C ARG B 609 -5.34 -14.46 -15.96
N THR B 615 5.09 -15.26 -13.82
CA THR B 615 4.09 -15.07 -14.86
C THR B 615 4.75 -14.65 -16.17
N LEU B 616 5.85 -13.89 -16.06
CA LEU B 616 6.55 -13.43 -17.25
C LEU B 616 7.14 -14.59 -18.04
N GLU B 617 7.77 -15.54 -17.36
CA GLU B 617 8.31 -16.70 -18.06
C GLU B 617 7.19 -17.61 -18.55
N GLN B 618 6.05 -17.61 -17.86
CA GLN B 618 4.91 -18.40 -18.32
C GLN B 618 4.46 -17.97 -19.71
N LYS B 619 4.39 -16.66 -19.94
CA LYS B 619 4.16 -16.17 -21.29
C LYS B 619 5.29 -16.57 -22.22
N GLN B 620 6.53 -16.46 -21.74
CA GLN B 620 7.67 -16.92 -22.54
C GLN B 620 7.60 -18.41 -22.78
N PHE B 621 7.21 -19.18 -21.75
CA PHE B 621 7.00 -20.61 -21.95
C PHE B 621 5.89 -20.84 -22.96
N VAL B 622 4.81 -20.07 -22.90
CA VAL B 622 3.81 -20.11 -23.94
C VAL B 622 4.41 -19.67 -25.27
N LEU B 623 5.17 -18.57 -25.27
CA LEU B 623 5.82 -18.12 -26.49
C LEU B 623 6.82 -19.16 -27.00
N ASP B 624 7.54 -19.80 -26.08
CA ASP B 624 8.51 -20.82 -26.48
C ASP B 624 7.81 -22.00 -27.14
N ILE B 625 6.67 -22.42 -26.59
CA ILE B 625 6.06 -23.66 -27.06
C ILE B 625 5.32 -23.39 -28.37
N ILE B 626 5.01 -22.11 -28.66
CA ILE B 626 4.52 -21.76 -29.99
C ILE B 626 5.54 -22.12 -31.06
N GLU B 627 6.79 -21.70 -30.86
CA GLU B 627 7.79 -21.78 -31.91
C GLU B 627 8.26 -23.22 -32.16
N GLU B 628 8.04 -24.12 -31.20
CA GLU B 628 8.44 -25.51 -31.39
C GLU B 628 7.33 -26.35 -32.02
N GLU B 629 6.09 -26.17 -31.61
CA GLU B 629 4.97 -26.87 -32.24
C GLU B 629 4.54 -26.23 -33.56
N LYS B 630 4.92 -24.97 -33.80
CA LYS B 630 4.53 -24.25 -35.01
C LYS B 630 3.02 -24.25 -35.20
N SER B 631 2.30 -24.05 -34.10
CA SER B 631 0.83 -24.05 -34.15
C SER B 631 0.32 -22.90 -35.00
N LEU B 632 0.93 -21.72 -34.88
CA LEU B 632 0.50 -20.58 -35.68
C LEU B 632 0.69 -20.85 -37.17
N ASP B 633 1.65 -21.71 -37.52
CA ASP B 633 1.83 -22.07 -38.92
C ASP B 633 0.73 -23.04 -39.38
N TYR B 634 0.34 -23.94 -38.49
CA TYR B 634 -0.81 -24.82 -38.84
C TYR B 634 -2.02 -23.91 -39.03
N THR B 635 -2.20 -22.96 -38.11
CA THR B 635 -3.31 -21.98 -38.24
C THR B 635 -3.15 -21.20 -39.53
N ARG B 636 -1.94 -20.69 -39.81
CA ARG B 636 -1.71 -19.99 -41.10
C ARG B 636 -2.40 -20.78 -42.22
N SER B 637 -2.10 -22.08 -42.31
CA SER B 637 -2.67 -22.93 -43.40
C SER B 637 -4.20 -22.91 -43.37
N VAL B 638 -4.81 -22.80 -42.18
CA VAL B 638 -6.31 -22.92 -42.14
C VAL B 638 -6.92 -21.92 -43.14
N MET B 639 -6.64 -20.63 -42.98
CA MET B 639 -7.24 -19.60 -43.87
C MET B 639 -7.08 -20.01 -45.33
N MET B 640 -5.87 -20.41 -45.73
CA MET B 640 -5.60 -20.76 -47.15
C MET B 640 -6.68 -21.73 -47.66
N ASP B 641 -6.77 -22.92 -47.07
CA ASP B 641 -7.73 -23.95 -47.58
C ASP B 641 -9.16 -23.38 -47.52
N LEU B 642 -9.47 -22.60 -46.48
CA LEU B 642 -10.84 -22.02 -46.33
C LEU B 642 -11.22 -21.28 -47.62
N HIS B 643 -10.32 -20.44 -48.13
CA HIS B 643 -10.59 -19.67 -49.38
C HIS B 643 -10.95 -20.63 -50.51
N VAL B 644 -10.18 -21.71 -50.66
CA VAL B 644 -10.43 -22.69 -51.75
C VAL B 644 -11.83 -23.30 -51.55
N GLN B 645 -12.19 -23.61 -50.31
CA GLN B 645 -13.54 -24.16 -50.03
C GLN B 645 -14.60 -23.17 -50.52
N LEU B 646 -14.36 -21.87 -50.35
CA LEU B 646 -15.31 -20.84 -50.82
C LEU B 646 -15.38 -20.86 -52.35
N ARG B 647 -14.23 -20.98 -53.02
CA ARG B 647 -14.19 -21.01 -54.50
C ARG B 647 -15.21 -22.03 -55.03
N ALA B 648 -15.26 -23.20 -54.42
CA ALA B 648 -16.23 -24.24 -54.85
C ALA B 648 -17.60 -23.60 -54.96
N GLU B 649 -18.09 -22.99 -53.87
CA GLU B 649 -19.45 -22.38 -53.88
C GLU B 649 -19.54 -21.37 -55.03
N ILE B 650 -18.61 -20.41 -55.09
CA ILE B 650 -18.65 -19.37 -56.17
C ILE B 650 -18.92 -20.07 -57.50
N GLY B 651 -18.00 -20.95 -57.92
CA GLY B 651 -18.17 -21.69 -59.18
C GLY B 651 -19.52 -22.41 -59.22
N ARG B 652 -19.76 -23.31 -58.26
CA ARG B 652 -21.04 -24.06 -58.21
C ARG B 652 -22.20 -23.11 -58.56
N ILE B 653 -22.28 -21.97 -57.88
CA ILE B 653 -23.39 -21.01 -58.14
C ILE B 653 -23.15 -20.31 -59.48
N GLU B 654 -21.93 -19.79 -59.69
CA GLU B 654 -21.61 -19.07 -60.96
C GLU B 654 -22.20 -19.85 -62.15
N ILE B 655 -21.97 -21.16 -62.19
CA ILE B 655 -22.47 -21.99 -63.34
C ILE B 655 -23.97 -22.26 -63.16
N LEU B 656 -24.44 -22.43 -61.91
CA LEU B 656 -25.89 -22.62 -61.68
C LEU B 656 -26.60 -21.35 -62.15
N LEU B 657 -26.13 -20.18 -61.69
CA LEU B 657 -26.72 -18.89 -62.12
C LEU B 657 -26.54 -18.73 -63.63
N ASP B 658 -27.51 -18.12 -64.30
CA ASP B 658 -27.39 -17.86 -65.76
C ASP B 658 -26.01 -17.25 -66.05
N SER B 659 -25.59 -16.27 -65.24
CA SER B 659 -24.29 -15.59 -65.45
C SER B 659 -23.32 -15.94 -64.32
N PRO B 660 -22.02 -16.13 -64.61
CA PRO B 660 -21.03 -16.45 -63.57
C PRO B 660 -20.46 -15.20 -62.87
N ASN B 661 -21.30 -14.45 -62.15
CA ASN B 661 -20.84 -13.23 -61.43
C ASN B 661 -19.56 -13.56 -60.66
N PRO B 662 -18.40 -12.95 -61.00
CA PRO B 662 -17.14 -13.21 -60.32
C PRO B 662 -16.70 -12.09 -59.36
N ALA B 663 -17.64 -11.24 -58.92
CA ALA B 663 -17.28 -10.19 -57.94
C ALA B 663 -16.81 -10.87 -56.65
N MET B 664 -17.45 -11.99 -56.29
CA MET B 664 -17.08 -12.72 -55.06
C MET B 664 -15.66 -13.27 -55.20
N ARG B 665 -15.27 -13.64 -56.43
CA ARG B 665 -13.91 -14.18 -56.67
C ARG B 665 -12.88 -13.09 -56.34
N LEU B 666 -13.15 -11.85 -56.74
CA LEU B 666 -12.23 -10.73 -56.41
C LEU B 666 -12.28 -10.49 -54.90
N LEU B 667 -13.46 -10.58 -54.29
CA LEU B 667 -13.59 -10.42 -52.81
C LEU B 667 -12.82 -11.56 -52.14
N LEU B 668 -12.82 -12.75 -52.74
CA LEU B 668 -12.17 -13.93 -52.12
C LEU B 668 -10.67 -13.67 -51.90
N GLU B 669 -10.05 -12.77 -52.67
CA GLU B 669 -8.62 -12.44 -52.39
C GLU B 669 -8.58 -11.64 -51.08
N LEU B 670 -9.35 -12.04 -50.08
CA LEU B 670 -9.43 -11.35 -48.81
C LEU B 670 -8.16 -11.52 -47.99
N LEU B 671 -7.42 -12.61 -48.21
CA LEU B 671 -6.17 -12.81 -47.50
C LEU B 671 -5.09 -11.88 -48.04
N ALA C 374 -3.28 -38.86 -17.35
CA ALA C 374 -2.50 -39.17 -16.15
C ALA C 374 -1.86 -37.91 -15.58
N VAL C 375 -2.64 -37.16 -14.79
CA VAL C 375 -2.13 -35.93 -14.19
C VAL C 375 -1.08 -36.22 -13.13
N LEU C 376 -1.04 -37.46 -12.60
CA LEU C 376 -0.10 -37.78 -11.54
C LEU C 376 1.33 -37.79 -12.06
N GLU C 377 1.55 -38.30 -13.27
CA GLU C 377 2.88 -38.42 -13.84
C GLU C 377 3.31 -37.17 -14.60
N ALA C 378 2.41 -36.19 -14.76
CA ALA C 378 2.73 -35.03 -15.60
C ALA C 378 3.90 -34.21 -15.06
N PRO C 379 3.95 -33.82 -13.77
CA PRO C 379 5.10 -33.03 -13.31
C PRO C 379 6.43 -33.75 -13.42
N TYR C 380 6.46 -35.07 -13.29
CA TYR C 380 7.72 -35.79 -13.42
C TYR C 380 8.24 -35.74 -14.86
N ASP C 381 7.35 -35.89 -15.84
CA ASP C 381 7.78 -35.92 -17.23
C ASP C 381 8.34 -34.58 -17.67
N TYR C 382 7.88 -33.49 -17.06
CA TYR C 382 8.41 -32.17 -17.38
C TYR C 382 9.89 -32.07 -17.04
N ILE C 383 10.28 -32.59 -15.88
CA ILE C 383 11.69 -32.60 -15.51
C ILE C 383 12.45 -33.61 -16.35
N ALA C 384 11.84 -34.74 -16.67
CA ALA C 384 12.49 -35.76 -17.47
C ALA C 384 12.74 -35.32 -18.90
N SER C 385 12.09 -34.24 -19.36
CA SER C 385 12.35 -33.70 -20.69
C SER C 385 13.50 -32.71 -20.71
N MET C 386 14.02 -32.32 -19.55
CA MET C 386 15.12 -31.37 -19.50
C MET C 386 16.41 -32.05 -19.95
N PRO C 387 17.09 -31.52 -20.97
CA PRO C 387 18.39 -32.10 -21.37
C PRO C 387 19.48 -31.70 -20.39
N SER C 388 20.11 -32.69 -19.78
CA SER C 388 21.16 -32.45 -18.80
C SER C 388 22.33 -33.39 -19.07
N LYS C 389 23.52 -32.96 -18.67
CA LYS C 389 24.74 -33.75 -18.84
C LYS C 389 24.73 -34.89 -17.83
N GLY C 390 24.25 -36.06 -18.27
CA GLY C 390 24.16 -37.20 -17.38
C GLY C 390 25.51 -37.80 -17.06
N VAL C 391 25.98 -37.64 -15.82
CA VAL C 391 27.25 -38.20 -15.40
C VAL C 391 27.00 -39.48 -14.62
N ARG C 392 25.82 -39.59 -14.01
CA ARG C 392 25.46 -40.84 -13.35
C ARG C 392 25.28 -41.96 -14.37
N ASP C 393 24.75 -41.64 -15.55
CA ASP C 393 24.61 -42.64 -16.60
C ASP C 393 25.97 -43.07 -17.13
N GLN C 394 26.89 -42.13 -17.27
CA GLN C 394 28.23 -42.46 -17.79
C GLN C 394 28.97 -43.38 -16.84
N PHE C 395 28.75 -43.21 -15.53
CA PHE C 395 29.47 -44.01 -14.55
C PHE C 395 29.11 -45.49 -14.66
N ILE C 396 27.84 -45.79 -14.92
CA ILE C 396 27.39 -47.18 -14.94
C ILE C 396 28.02 -47.93 -16.10
N ASP C 397 27.98 -47.35 -17.30
CA ASP C 397 28.56 -48.02 -18.45
C ASP C 397 30.08 -48.09 -18.35
N ALA C 398 30.72 -47.06 -17.78
CA ALA C 398 32.15 -47.12 -17.55
C ALA C 398 32.51 -48.23 -16.57
N LEU C 399 31.72 -48.38 -15.51
CA LEU C 399 31.93 -49.47 -14.57
C LEU C 399 31.58 -50.81 -15.18
N ASN C 400 30.65 -50.81 -16.15
CA ASN C 400 30.22 -52.05 -16.77
C ASN C 400 31.34 -52.73 -17.56
N ASP C 401 32.38 -51.97 -17.93
CA ASP C 401 33.45 -52.53 -18.75
C ASP C 401 34.19 -53.65 -18.02
N TRP C 402 34.13 -53.68 -16.70
CA TRP C 402 34.70 -54.76 -15.90
C TRP C 402 33.69 -55.85 -15.61
N LEU C 403 32.52 -55.48 -15.09
CA LEU C 403 31.51 -56.47 -14.73
C LEU C 403 30.99 -57.21 -15.96
N ARG C 404 30.78 -56.49 -17.06
CA ARG C 404 30.33 -57.08 -18.32
C ARG C 404 29.00 -57.81 -18.14
N VAL C 405 28.15 -57.29 -17.27
CA VAL C 405 26.85 -57.89 -17.02
C VAL C 405 25.88 -57.45 -18.11
N PRO C 406 25.20 -58.38 -18.79
CA PRO C 406 24.27 -58.05 -19.88
C PRO C 406 23.04 -57.28 -19.40
N LYS C 409 19.08 -56.53 -16.91
CA LYS C 409 19.83 -55.77 -17.91
C LYS C 409 20.41 -54.49 -17.32
N VAL C 410 21.54 -54.06 -17.87
CA VAL C 410 22.17 -52.81 -17.44
C VAL C 410 21.26 -51.62 -17.75
N GLY C 411 20.53 -51.67 -18.86
CA GLY C 411 19.61 -50.59 -19.19
C GLY C 411 18.55 -50.38 -18.13
N LYS C 412 18.07 -51.46 -17.53
CA LYS C 412 17.13 -51.33 -16.42
C LYS C 412 17.75 -50.61 -15.24
N ILE C 413 19.02 -50.88 -14.96
CA ILE C 413 19.71 -50.19 -13.87
C ILE C 413 19.86 -48.70 -14.18
N LYS C 414 20.12 -48.37 -15.46
CA LYS C 414 20.28 -46.97 -15.83
C LYS C 414 19.00 -46.17 -15.60
N ASP C 415 17.86 -46.74 -16.00
CA ASP C 415 16.60 -45.99 -15.86
C ASP C 415 16.11 -45.99 -14.42
N ALA C 416 16.35 -47.07 -13.67
CA ALA C 416 15.93 -47.12 -12.27
C ALA C 416 16.65 -46.05 -11.45
N VAL C 417 17.94 -45.85 -11.71
CA VAL C 417 18.66 -44.76 -11.07
C VAL C 417 18.17 -43.42 -11.60
N ARG C 418 17.83 -43.37 -12.89
CA ARG C 418 17.41 -42.11 -13.50
C ARG C 418 16.11 -41.60 -12.87
N VAL C 419 15.14 -42.49 -12.67
CA VAL C 419 13.88 -42.06 -12.08
C VAL C 419 14.07 -41.68 -10.61
N LEU C 420 14.96 -42.38 -9.91
CA LEU C 420 15.29 -42.01 -8.54
C LEU C 420 15.92 -40.64 -8.48
N HIS C 421 16.84 -40.34 -9.41
CA HIS C 421 17.53 -39.06 -9.39
C HIS C 421 16.58 -37.91 -9.75
N ASN C 422 15.73 -38.12 -10.77
CA ASN C 422 14.80 -37.07 -11.18
C ASN C 422 13.79 -36.78 -10.07
N SER C 423 13.35 -37.83 -9.35
CA SER C 423 12.46 -37.62 -8.22
C SER C 423 13.15 -36.80 -7.13
N SER C 424 14.45 -37.02 -6.93
CA SER C 424 15.18 -36.24 -5.93
C SER C 424 15.25 -34.77 -6.33
N LEU C 425 15.40 -34.50 -7.63
CA LEU C 425 15.48 -33.12 -8.09
C LEU C 425 14.17 -32.38 -7.84
N LEU C 426 13.03 -33.05 -8.04
CA LEU C 426 11.74 -32.40 -7.82
C LEU C 426 11.57 -31.97 -6.37
N LEU C 427 11.98 -32.83 -5.44
CA LEU C 427 11.88 -32.47 -4.02
C LEU C 427 12.83 -31.32 -3.69
N ASP C 428 14.08 -31.41 -4.13
CA ASP C 428 15.08 -30.41 -3.78
C ASP C 428 14.76 -29.04 -4.36
N ASP C 429 14.12 -29.03 -5.53
CA ASP C 429 13.70 -27.74 -6.12
C ASP C 429 12.79 -27.04 -5.12
N PHE C 430 11.73 -27.74 -4.67
CA PHE C 430 10.78 -27.12 -3.75
C PHE C 430 11.41 -26.85 -2.40
N GLN C 431 12.33 -27.72 -1.97
CA GLN C 431 12.97 -27.55 -0.67
C GLN C 431 13.84 -26.30 -0.63
N ASP C 432 14.56 -26.02 -1.72
CA ASP C 432 15.44 -24.86 -1.80
C ASP C 432 14.80 -23.66 -2.45
N ASN C 433 13.50 -23.72 -2.76
CA ASN C 433 12.78 -22.64 -3.45
C ASN C 433 13.53 -22.20 -4.70
N SER C 434 13.95 -23.19 -5.48
CA SER C 434 14.80 -22.92 -6.63
C SER C 434 14.05 -22.09 -7.68
N PRO C 435 14.70 -21.09 -8.27
CA PRO C 435 14.07 -20.32 -9.33
C PRO C 435 14.01 -21.10 -10.63
N LEU C 436 13.62 -20.42 -11.72
CA LEU C 436 13.55 -21.08 -13.02
C LEU C 436 14.88 -21.75 -13.36
N ARG C 437 14.80 -23.00 -13.80
CA ARG C 437 15.98 -23.78 -14.10
C ARG C 437 16.57 -23.34 -15.44
N ARG C 438 17.69 -23.95 -15.82
CA ARG C 438 18.38 -23.60 -17.05
C ARG C 438 17.50 -23.93 -18.24
N GLY C 439 16.98 -22.90 -18.89
CA GLY C 439 16.15 -23.03 -20.09
C GLY C 439 14.65 -23.06 -19.86
N LYS C 440 14.20 -23.71 -18.80
CA LYS C 440 12.79 -23.84 -18.52
C LYS C 440 12.52 -23.55 -17.04
N PRO C 441 11.33 -23.07 -16.71
CA PRO C 441 11.02 -22.71 -15.33
C PRO C 441 10.93 -23.93 -14.43
N SER C 442 11.06 -23.68 -13.13
CA SER C 442 11.01 -24.75 -12.14
C SER C 442 9.62 -25.36 -12.07
N THR C 443 9.57 -26.64 -11.66
CA THR C 443 8.31 -27.36 -11.67
C THR C 443 7.30 -26.75 -10.70
N HIS C 444 7.75 -26.37 -9.50
CA HIS C 444 6.83 -25.84 -8.50
C HIS C 444 6.50 -24.37 -8.74
N ASN C 445 7.14 -23.72 -9.70
CA ASN C 445 6.69 -22.42 -10.18
C ASN C 445 5.65 -22.53 -11.28
N ILE C 446 5.35 -23.74 -11.75
CA ILE C 446 4.41 -23.97 -12.83
C ILE C 446 3.23 -24.82 -12.38
N PHE C 447 3.49 -25.93 -11.68
CA PHE C 447 2.43 -26.81 -11.23
C PHE C 447 2.04 -26.61 -9.76
N GLY C 448 2.80 -25.84 -9.01
CA GLY C 448 2.52 -25.65 -7.60
C GLY C 448 3.28 -26.65 -6.74
N SER C 449 3.43 -26.29 -5.46
CA SER C 449 4.17 -27.13 -4.55
C SER C 449 3.41 -28.42 -4.24
N ALA C 450 2.09 -28.39 -4.36
CA ALA C 450 1.28 -29.54 -3.97
C ALA C 450 1.53 -30.72 -4.91
N GLN C 451 1.44 -30.49 -6.22
CA GLN C 451 1.58 -31.59 -7.17
C GLN C 451 3.02 -32.05 -7.28
N THR C 452 3.98 -31.13 -7.13
CA THR C 452 5.39 -31.49 -7.25
C THR C 452 5.79 -32.49 -6.17
N VAL C 453 5.36 -32.26 -4.93
CA VAL C 453 5.70 -33.15 -3.84
C VAL C 453 5.03 -34.51 -4.04
N ASN C 454 3.75 -34.49 -4.46
CA ASN C 454 3.01 -35.74 -4.64
C ASN C 454 3.63 -36.62 -5.71
N THR C 455 4.03 -36.03 -6.84
CA THR C 455 4.63 -36.82 -7.90
C THR C 455 6.05 -37.26 -7.55
N ALA C 456 6.68 -36.58 -6.61
CA ALA C 456 8.03 -36.97 -6.21
C ALA C 456 8.02 -38.25 -5.39
N THR C 457 7.06 -38.36 -4.46
CA THR C 457 6.97 -39.56 -3.64
C THR C 457 6.55 -40.76 -4.47
N TYR C 458 5.60 -40.58 -5.38
CA TYR C 458 5.13 -41.69 -6.20
C TYR C 458 6.22 -42.20 -7.12
N SER C 459 7.03 -41.29 -7.67
CA SER C 459 8.09 -41.70 -8.58
C SER C 459 9.10 -42.60 -7.87
N ILE C 460 9.42 -42.29 -6.61
CA ILE C 460 10.34 -43.11 -5.84
C ILE C 460 9.77 -44.52 -5.66
N ILE C 461 8.47 -44.60 -5.35
CA ILE C 461 7.85 -45.91 -5.15
C ILE C 461 7.88 -46.71 -6.44
N LYS C 462 7.59 -46.06 -7.56
CA LYS C 462 7.71 -46.74 -8.85
C LYS C 462 9.16 -47.11 -9.13
N ALA C 463 10.10 -46.25 -8.72
CA ALA C 463 11.52 -46.57 -8.87
C ALA C 463 11.88 -47.82 -8.10
N ILE C 464 11.37 -47.95 -6.88
CA ILE C 464 11.58 -49.17 -6.11
C ILE C 464 10.88 -50.34 -6.77
N GLY C 465 9.71 -50.09 -7.37
CA GLY C 465 8.94 -51.16 -7.98
C GLY C 465 9.69 -51.88 -9.08
N GLN C 466 10.43 -51.13 -9.89
CA GLN C 466 11.23 -51.75 -10.94
C GLN C 466 12.32 -52.64 -10.33
N ILE C 467 12.92 -52.19 -9.23
CA ILE C 467 14.09 -52.88 -8.69
C ILE C 467 13.74 -54.29 -8.22
N MET C 468 12.65 -54.43 -7.46
CA MET C 468 12.34 -55.73 -6.87
C MET C 468 12.04 -56.78 -7.94
N GLU C 469 11.27 -56.41 -8.96
CA GLU C 469 10.93 -57.40 -9.99
C GLU C 469 12.11 -57.69 -10.89
N PHE C 470 12.94 -56.68 -11.19
CA PHE C 470 14.06 -56.91 -12.08
C PHE C 470 15.21 -57.61 -11.36
N SER C 471 15.45 -57.26 -10.10
CA SER C 471 16.54 -57.88 -9.35
C SER C 471 16.09 -59.23 -8.79
N ALA C 472 17.02 -59.91 -8.10
CA ALA C 472 16.70 -61.21 -7.52
C ALA C 472 15.64 -61.08 -6.44
N GLY C 473 15.67 -60.00 -5.67
CA GLY C 473 14.72 -59.78 -4.60
C GLY C 473 15.19 -60.25 -3.24
N GLU C 474 16.28 -61.02 -3.18
CA GLU C 474 16.85 -61.39 -1.88
C GLU C 474 17.53 -60.21 -1.22
N SER C 475 18.15 -59.34 -2.01
CA SER C 475 18.92 -58.20 -1.52
C SER C 475 18.23 -56.87 -1.82
N VAL C 476 16.93 -56.91 -2.08
CA VAL C 476 16.21 -55.66 -2.32
C VAL C 476 16.17 -54.81 -1.06
N GLN C 477 16.14 -55.44 0.11
CA GLN C 477 16.24 -54.69 1.36
C GLN C 477 17.60 -54.02 1.50
N GLU C 478 18.65 -54.63 0.93
CA GLU C 478 19.96 -53.98 0.92
C GLU C 478 19.93 -52.71 0.09
N VAL C 479 19.22 -52.72 -1.04
CA VAL C 479 19.04 -51.50 -1.83
C VAL C 479 18.18 -50.50 -1.07
N MET C 480 17.14 -50.99 -0.40
CA MET C 480 16.19 -50.10 0.26
C MET C 480 16.85 -49.31 1.39
N ASN C 481 17.70 -49.95 2.20
CA ASN C 481 18.34 -49.23 3.28
C ASN C 481 19.35 -48.21 2.77
N SER C 482 19.84 -48.40 1.53
CA SER C 482 20.68 -47.38 0.92
C SER C 482 19.86 -46.18 0.47
N ILE C 483 18.59 -46.41 0.14
CA ILE C 483 17.69 -45.30 -0.16
C ILE C 483 17.33 -44.57 1.12
N MET C 484 17.23 -45.30 2.23
CA MET C 484 16.83 -44.68 3.50
C MET C 484 17.88 -43.70 4.00
N ILE C 485 19.16 -44.05 3.88
CA ILE C 485 20.21 -43.16 4.37
C ILE C 485 20.31 -41.92 3.49
N LEU C 486 19.82 -41.99 2.25
CA LEU C 486 19.79 -40.80 1.40
C LEU C 486 18.97 -39.70 2.04
N PHE C 487 17.85 -40.04 2.67
CA PHE C 487 16.99 -39.04 3.28
C PHE C 487 17.60 -38.51 4.57
N GLN C 488 18.48 -39.29 5.20
CA GLN C 488 19.11 -38.84 6.44
C GLN C 488 20.03 -37.65 6.19
N GLY C 489 20.81 -37.70 5.12
CA GLY C 489 21.70 -36.59 4.81
C GLY C 489 20.97 -35.32 4.45
N GLN C 490 19.90 -35.44 3.64
CA GLN C 490 19.14 -34.27 3.25
C GLN C 490 18.48 -33.61 4.45
N ALA C 491 17.97 -34.42 5.38
CA ALA C 491 17.37 -33.87 6.59
C ALA C 491 18.40 -33.14 7.44
N MET C 492 19.61 -33.69 7.53
CA MET C 492 20.64 -33.05 8.33
C MET C 492 21.05 -31.71 7.73
N ASP C 493 21.12 -31.64 6.40
CA ASP C 493 21.42 -30.38 5.73
C ASP C 493 20.32 -29.36 5.95
N LEU C 494 19.06 -29.79 5.89
CA LEU C 494 17.96 -28.88 6.15
C LEU C 494 17.97 -28.40 7.59
N PHE C 495 18.42 -29.27 8.51
CA PHE C 495 18.53 -28.89 9.92
C PHE C 495 19.49 -27.72 10.08
N TRP C 496 20.63 -27.77 9.39
CA TRP C 496 21.64 -26.72 9.49
C TRP C 496 21.13 -25.42 8.91
N THR C 497 20.44 -25.48 7.77
CA THR C 497 19.95 -24.27 7.11
C THR C 497 18.92 -23.56 7.99
N TYR C 498 18.02 -24.31 8.61
CA TYR C 498 16.93 -23.70 9.36
C TYR C 498 17.45 -22.91 10.56
N ASN C 499 18.44 -23.45 11.27
CA ASN C 499 18.91 -22.85 12.51
C ASN C 499 20.35 -22.35 12.45
N GLY C 500 20.99 -22.38 11.28
CA GLY C 500 22.34 -21.86 11.17
C GLY C 500 23.37 -22.57 12.00
N HIS C 501 23.26 -23.89 12.13
CA HIS C 501 24.26 -24.67 12.83
C HIS C 501 25.55 -24.73 12.03
N VAL C 502 26.68 -24.66 12.70
CA VAL C 502 27.99 -24.66 12.07
C VAL C 502 28.45 -26.12 11.94
N PRO C 503 28.62 -26.63 10.71
CA PRO C 503 29.04 -28.04 10.55
C PRO C 503 30.49 -28.26 10.91
N SER C 504 31.37 -27.36 10.46
CA SER C 504 32.78 -27.34 10.84
C SER C 504 33.55 -28.56 10.30
N GLU C 505 33.27 -28.95 9.05
CA GLU C 505 34.09 -29.92 8.32
C GLU C 505 34.21 -31.27 9.01
N GLU C 506 33.46 -31.49 10.09
CA GLU C 506 33.43 -32.78 10.76
C GLU C 506 32.18 -33.58 10.43
N GLU C 507 31.09 -32.91 10.07
CA GLU C 507 29.89 -33.56 9.59
C GLU C 507 29.56 -33.22 8.15
N TYR C 508 30.21 -32.20 7.57
CA TYR C 508 29.91 -31.82 6.19
C TYR C 508 30.38 -32.89 5.21
N TYR C 509 31.59 -33.44 5.44
CA TYR C 509 32.06 -34.53 4.59
C TYR C 509 31.18 -35.76 4.72
N ARG C 510 30.74 -36.06 5.95
CA ARG C 510 29.81 -37.16 6.14
C ARG C 510 28.48 -36.89 5.45
N MET C 511 27.99 -35.65 5.53
CA MET C 511 26.70 -35.32 4.95
C MET C 511 26.75 -35.43 3.42
N ILE C 512 27.88 -35.08 2.83
CA ILE C 512 28.02 -35.19 1.38
C ILE C 512 27.88 -36.63 0.93
N ASP C 513 28.49 -37.56 1.66
CA ASP C 513 28.41 -38.98 1.32
C ASP C 513 26.97 -39.48 1.41
N GLN C 514 26.25 -39.06 2.44
CA GLN C 514 24.90 -39.58 2.66
C GLN C 514 23.86 -38.91 1.78
N LYS C 515 24.21 -37.82 1.11
CA LYS C 515 23.25 -37.08 0.29
C LYS C 515 23.49 -37.21 -1.21
N THR C 516 24.75 -37.25 -1.64
CA THR C 516 25.08 -37.31 -3.06
C THR C 516 25.84 -38.57 -3.43
N GLY C 517 26.83 -38.96 -2.64
CA GLY C 517 27.60 -40.16 -2.93
C GLY C 517 26.86 -41.45 -2.69
N GLN C 518 25.69 -41.39 -2.04
CA GLN C 518 24.93 -42.62 -1.81
C GLN C 518 24.18 -43.09 -3.04
N LEU C 519 23.83 -42.16 -3.94
CA LEU C 519 23.14 -42.56 -5.16
C LEU C 519 24.03 -43.44 -6.03
N PHE C 520 25.32 -43.09 -6.10
CA PHE C 520 26.25 -43.88 -6.92
C PHE C 520 26.44 -45.28 -6.33
N SER C 521 26.36 -45.40 -5.01
CA SER C 521 26.58 -46.69 -4.37
C SER C 521 25.51 -47.69 -4.75
N ILE C 522 24.25 -47.25 -4.79
CA ILE C 522 23.16 -48.16 -5.15
C ILE C 522 23.26 -48.56 -6.62
N ALA C 523 23.81 -47.70 -7.45
CA ALA C 523 24.04 -48.06 -8.85
C ALA C 523 25.11 -49.13 -8.96
N THR C 524 26.19 -48.99 -8.18
CA THR C 524 27.26 -50.00 -8.23
C THR C 524 26.83 -51.28 -7.53
N SER C 525 26.01 -51.17 -6.49
CA SER C 525 25.59 -52.35 -5.75
C SER C 525 24.79 -53.31 -6.64
N LEU C 526 23.88 -52.76 -7.44
CA LEU C 526 23.08 -53.62 -8.32
C LEU C 526 23.93 -54.20 -9.44
N LEU C 527 24.89 -53.43 -9.97
CA LEU C 527 25.79 -53.96 -10.98
C LEU C 527 26.68 -55.06 -10.41
N LEU C 528 27.17 -54.87 -9.18
CA LEU C 528 28.01 -55.87 -8.54
C LEU C 528 27.25 -57.13 -8.20
N ASN C 529 25.96 -57.01 -7.86
CA ASN C 529 25.17 -58.18 -7.51
C ASN C 529 25.05 -59.14 -8.68
N ALA C 530 24.85 -58.62 -9.88
CA ALA C 530 24.75 -59.45 -11.07
C ALA C 530 26.13 -59.85 -11.57
N LEU C 544 32.83 -49.17 -6.55
CA LEU C 544 33.38 -50.34 -5.87
C LEU C 544 33.71 -50.01 -4.42
N HIS C 545 32.85 -49.18 -3.80
CA HIS C 545 32.95 -48.80 -2.39
C HIS C 545 34.19 -47.96 -2.12
N ARG C 546 35.04 -47.79 -3.13
CA ARG C 546 36.18 -46.88 -3.09
C ARG C 546 36.09 -45.82 -4.16
N LEU C 547 35.70 -46.20 -5.38
CA LEU C 547 35.44 -45.21 -6.41
C LEU C 547 34.19 -44.40 -6.07
N THR C 548 33.15 -45.06 -5.56
CA THR C 548 31.88 -44.41 -5.36
C THR C 548 31.97 -43.29 -4.33
N ARG C 549 32.51 -43.60 -3.15
CA ARG C 549 32.58 -42.60 -2.08
C ARG C 549 33.50 -41.45 -2.45
N LEU C 550 34.63 -41.76 -3.07
CA LEU C 550 35.53 -40.70 -3.52
C LEU C 550 34.90 -39.85 -4.61
N LEU C 551 34.18 -40.48 -5.54
CA LEU C 551 33.54 -39.73 -6.61
C LEU C 551 32.42 -38.85 -6.08
N GLY C 552 31.75 -39.30 -5.02
CA GLY C 552 30.68 -38.50 -4.45
C GLY C 552 31.18 -37.19 -3.86
N ARG C 553 32.30 -37.24 -3.13
CA ARG C 553 32.86 -36.03 -2.54
C ARG C 553 33.29 -35.05 -3.62
N CYS C 554 33.97 -35.56 -4.66
CA CYS C 554 34.45 -34.68 -5.71
C CYS C 554 33.30 -34.02 -6.46
N PHE C 555 32.22 -34.77 -6.70
CA PHE C 555 31.11 -34.24 -7.48
C PHE C 555 30.43 -33.09 -6.74
N GLN C 556 30.23 -33.23 -5.43
CA GLN C 556 29.53 -32.18 -4.69
C GLN C 556 30.42 -30.96 -4.46
N ILE C 557 31.72 -31.17 -4.27
CA ILE C 557 32.64 -30.04 -4.16
C ILE C 557 32.64 -29.23 -5.45
N ARG C 558 32.56 -29.92 -6.59
CA ARG C 558 32.44 -29.22 -7.87
C ARG C 558 31.15 -28.42 -7.93
N ASP C 559 30.05 -28.96 -7.39
CA ASP C 559 28.80 -28.23 -7.35
C ASP C 559 28.93 -26.97 -6.49
N ASP C 560 29.65 -27.07 -5.37
CA ASP C 560 29.94 -25.88 -4.58
C ASP C 560 30.80 -24.90 -5.36
N TYR C 561 31.74 -25.42 -6.16
CA TYR C 561 32.55 -24.56 -7.00
C TYR C 561 31.71 -23.78 -8.00
N GLN C 562 30.58 -24.35 -8.42
CA GLN C 562 29.75 -23.71 -9.44
C GLN C 562 29.21 -22.37 -8.94
N ASN C 563 28.76 -22.30 -7.69
CA ASN C 563 28.22 -21.07 -7.14
C ASN C 563 29.21 -20.43 -6.16
N GLY C 582 20.82 -19.39 1.63
CA GLY C 582 21.93 -19.34 2.57
C GLY C 582 22.45 -20.70 2.94
N LYS C 583 22.48 -21.61 1.96
CA LYS C 583 22.97 -22.96 2.19
C LYS C 583 24.48 -22.95 2.45
N TRP C 584 24.91 -23.78 3.37
CA TRP C 584 26.33 -23.85 3.72
C TRP C 584 27.13 -24.42 2.56
N SER C 585 28.45 -24.23 2.64
CA SER C 585 29.35 -24.65 1.57
C SER C 585 30.71 -24.94 2.16
N LEU C 586 31.55 -25.62 1.37
CA LEU C 586 32.88 -25.97 1.83
C LEU C 586 33.72 -24.73 2.09
N ALA C 587 33.63 -23.74 1.22
CA ALA C 587 34.44 -22.54 1.37
C ALA C 587 34.13 -21.81 2.67
N LEU C 588 32.84 -21.60 2.94
CA LEU C 588 32.44 -20.86 4.14
C LEU C 588 32.86 -21.61 5.40
N ILE C 589 32.79 -22.93 5.38
CA ILE C 589 33.10 -23.72 6.57
C ILE C 589 34.57 -23.57 6.93
N HIS C 590 35.46 -23.66 5.93
CA HIS C 590 36.89 -23.62 6.21
C HIS C 590 37.32 -22.26 6.75
N MET C 591 36.82 -21.17 6.15
CA MET C 591 37.19 -19.83 6.57
C MET C 591 36.48 -19.40 7.86
N ILE C 592 35.38 -20.06 8.23
CA ILE C 592 34.79 -19.82 9.54
C ILE C 592 35.76 -20.20 10.63
N HIS C 593 36.50 -21.30 10.43
CA HIS C 593 37.52 -21.70 11.38
C HIS C 593 38.84 -20.99 11.10
N LYS C 594 38.78 -19.67 10.99
CA LYS C 594 39.97 -18.82 10.87
C LYS C 594 39.83 -17.68 11.87
N GLN C 595 40.90 -17.42 12.62
CA GLN C 595 40.84 -16.42 13.66
C GLN C 595 40.65 -15.01 13.13
N ARG C 596 40.81 -14.79 11.83
CA ARG C 596 40.72 -13.43 11.28
C ARG C 596 39.27 -12.97 11.17
N SER C 597 38.46 -13.68 10.40
CA SER C 597 37.10 -13.27 10.09
C SER C 597 36.08 -14.31 10.51
N HIS C 598 36.32 -14.97 11.64
CA HIS C 598 35.35 -15.93 12.17
C HIS C 598 34.09 -15.21 12.64
N MET C 599 34.27 -14.17 13.45
CA MET C 599 33.11 -13.50 14.06
C MET C 599 32.39 -12.61 13.07
N ALA C 600 33.14 -11.98 12.16
CA ALA C 600 32.52 -11.05 11.22
C ALA C 600 31.54 -11.76 10.30
N LEU C 601 31.94 -12.92 9.77
CA LEU C 601 31.07 -13.65 8.85
C LEU C 601 29.90 -14.29 9.59
N LEU C 602 30.14 -14.78 10.81
CA LEU C 602 29.09 -15.44 11.57
C LEU C 602 27.93 -14.50 11.83
N ASN C 603 28.22 -13.23 12.14
CA ASN C 603 27.16 -12.26 12.39
C ASN C 603 26.46 -11.86 11.11
N VAL C 604 27.17 -11.84 9.97
CA VAL C 604 26.55 -11.47 8.71
C VAL C 604 25.48 -12.48 8.32
N LEU C 605 25.81 -13.78 8.42
CA LEU C 605 24.85 -14.80 8.05
C LEU C 605 23.62 -14.77 8.95
N SER C 606 23.82 -14.55 10.26
CA SER C 606 22.70 -14.43 11.16
C SER C 606 21.89 -13.16 10.87
N THR C 607 22.57 -12.10 10.44
CA THR C 607 21.87 -10.84 10.13
C THR C 607 20.91 -11.02 8.97
N GLY C 608 21.32 -11.74 7.93
CA GLY C 608 20.48 -11.92 6.77
C GLY C 608 19.18 -12.66 7.05
N ARG C 609 19.21 -13.66 7.92
CA ARG C 609 18.01 -14.41 8.24
C ARG C 609 17.28 -13.80 9.44
N LEU C 616 21.66 -6.15 1.28
CA LEU C 616 22.14 -5.91 -0.07
C LEU C 616 23.60 -5.51 -0.07
N GLU C 617 23.94 -4.52 0.77
CA GLU C 617 25.34 -4.11 0.91
C GLU C 617 26.18 -5.17 1.61
N GLN C 618 25.54 -6.08 2.35
CA GLN C 618 26.28 -7.15 2.99
C GLN C 618 26.67 -8.25 2.00
N LYS C 619 25.95 -8.34 0.89
CA LYS C 619 26.16 -9.45 -0.05
C LYS C 619 27.56 -9.41 -0.65
N GLN C 620 27.99 -8.24 -1.09
CA GLN C 620 29.33 -8.12 -1.67
C GLN C 620 30.43 -8.16 -0.61
N PHE C 621 30.09 -7.95 0.67
CA PHE C 621 31.08 -8.18 1.72
C PHE C 621 31.48 -9.65 1.76
N VAL C 622 30.49 -10.54 1.73
CA VAL C 622 30.79 -11.97 1.67
C VAL C 622 31.56 -12.29 0.40
N LEU C 623 31.20 -11.64 -0.71
CA LEU C 623 31.96 -11.81 -1.93
C LEU C 623 33.38 -11.26 -1.77
N ASP C 624 33.54 -10.25 -0.92
CA ASP C 624 34.86 -9.66 -0.73
C ASP C 624 35.77 -10.56 0.10
N ILE C 625 35.24 -11.16 1.15
CA ILE C 625 36.09 -11.90 2.08
C ILE C 625 36.60 -13.19 1.45
N ILE C 626 35.78 -13.83 0.61
CA ILE C 626 36.18 -15.13 0.06
C ILE C 626 37.41 -14.99 -0.82
N GLU C 627 37.44 -13.97 -1.68
CA GLU C 627 38.51 -13.84 -2.65
C GLU C 627 39.85 -13.49 -1.98
N GLU C 628 39.82 -12.71 -0.90
CA GLU C 628 41.05 -12.32 -0.24
C GLU C 628 41.56 -13.36 0.74
N GLU C 629 40.73 -14.34 1.11
CA GLU C 629 41.14 -15.38 2.04
C GLU C 629 41.69 -16.62 1.34
N LYS C 630 41.71 -16.64 0.02
CA LYS C 630 42.14 -17.80 -0.75
C LYS C 630 41.32 -19.04 -0.39
N SER C 631 40.07 -18.82 -0.01
CA SER C 631 39.18 -19.94 0.30
C SER C 631 38.78 -20.69 -0.96
N LEU C 632 38.55 -19.96 -2.05
CA LEU C 632 38.33 -20.65 -3.33
C LEU C 632 39.57 -21.39 -3.77
N ASP C 633 40.76 -20.88 -3.42
CA ASP C 633 41.98 -21.63 -3.68
C ASP C 633 42.04 -22.90 -2.84
N TYR C 634 41.51 -22.84 -1.62
CA TYR C 634 41.46 -24.04 -0.78
C TYR C 634 40.55 -25.10 -1.40
N THR C 635 39.53 -24.67 -2.13
CA THR C 635 38.66 -25.63 -2.81
C THR C 635 39.42 -26.41 -3.87
N ARG C 636 40.29 -25.73 -4.63
CA ARG C 636 41.08 -26.44 -5.63
C ARG C 636 42.16 -27.29 -4.97
N SER C 637 42.54 -26.95 -3.73
CA SER C 637 43.53 -27.75 -3.01
C SER C 637 42.97 -29.13 -2.66
N VAL C 638 41.74 -29.17 -2.16
CA VAL C 638 41.12 -30.44 -1.79
C VAL C 638 40.55 -31.14 -3.02
N MET C 639 40.15 -30.37 -4.03
CA MET C 639 39.65 -30.96 -5.26
C MET C 639 40.76 -31.73 -5.98
N MET C 640 41.94 -31.14 -6.08
CA MET C 640 43.01 -31.76 -6.85
C MET C 640 43.63 -32.95 -6.11
N ASP C 641 43.87 -32.81 -4.81
CA ASP C 641 44.55 -33.89 -4.09
C ASP C 641 43.68 -35.13 -3.98
N LEU C 642 42.37 -34.95 -3.82
CA LEU C 642 41.46 -36.09 -3.92
C LEU C 642 41.49 -36.68 -5.33
N HIS C 643 41.44 -35.82 -6.34
CA HIS C 643 41.45 -36.29 -7.72
C HIS C 643 42.76 -37.00 -8.05
N VAL C 644 43.88 -36.48 -7.55
CA VAL C 644 45.16 -37.15 -7.76
C VAL C 644 45.19 -38.49 -7.05
N GLN C 645 44.75 -38.53 -5.79
CA GLN C 645 44.75 -39.77 -5.03
C GLN C 645 43.72 -40.76 -5.57
N LEU C 646 42.74 -40.28 -6.34
CA LEU C 646 41.76 -41.19 -6.92
C LEU C 646 42.35 -41.97 -8.09
N ARG C 647 43.28 -41.36 -8.83
CA ARG C 647 43.96 -42.09 -9.90
C ARG C 647 44.73 -43.27 -9.35
N ALA C 648 45.18 -43.19 -8.10
CA ALA C 648 45.82 -44.34 -7.47
C ALA C 648 44.80 -45.43 -7.17
N GLU C 649 43.58 -45.03 -6.76
CA GLU C 649 42.58 -46.01 -6.36
C GLU C 649 42.02 -46.77 -7.56
N ILE C 650 41.75 -46.06 -8.66
CA ILE C 650 41.17 -46.71 -9.83
C ILE C 650 42.12 -47.76 -10.40
N GLY C 651 43.42 -47.48 -10.39
CA GLY C 651 44.37 -48.43 -10.96
C GLY C 651 44.60 -49.64 -10.06
N ARG C 652 44.28 -49.49 -8.77
CA ARG C 652 44.50 -50.60 -7.84
C ARG C 652 43.66 -51.82 -8.21
N ILE C 653 42.37 -51.62 -8.47
CA ILE C 653 41.53 -52.76 -8.84
C ILE C 653 41.93 -53.29 -10.21
N GLU C 654 42.34 -52.41 -11.11
CA GLU C 654 42.76 -52.80 -12.45
C GLU C 654 43.94 -53.77 -12.41
N ASP C 658 42.86 -56.99 -13.18
CA ASP C 658 42.09 -57.36 -14.36
C ASP C 658 42.80 -56.91 -15.63
N SER C 659 42.17 -55.99 -16.36
CA SER C 659 42.72 -55.45 -17.59
C SER C 659 42.51 -53.94 -17.62
N PRO C 660 43.44 -53.20 -18.21
CA PRO C 660 43.26 -51.74 -18.29
C PRO C 660 42.13 -51.36 -19.22
N ASN C 661 41.52 -50.20 -18.95
CA ASN C 661 40.46 -49.68 -19.80
C ASN C 661 40.66 -48.20 -20.09
N PRO C 662 40.24 -47.75 -21.28
CA PRO C 662 40.12 -46.32 -21.55
C PRO C 662 38.73 -45.77 -21.20
N ALA C 663 38.23 -46.11 -20.02
CA ALA C 663 36.89 -45.72 -19.62
C ALA C 663 36.87 -44.79 -18.43
N MET C 664 37.42 -45.21 -17.28
CA MET C 664 37.37 -44.37 -16.09
C MET C 664 38.37 -43.22 -16.16
N ARG C 665 39.49 -43.41 -16.86
CA ARG C 665 40.42 -42.31 -17.06
C ARG C 665 39.77 -41.18 -17.84
N LEU C 666 38.95 -41.52 -18.84
CA LEU C 666 38.23 -40.51 -19.59
C LEU C 666 37.26 -39.75 -18.69
N LEU C 667 36.58 -40.45 -17.80
CA LEU C 667 35.64 -39.79 -16.88
C LEU C 667 36.36 -38.83 -15.95
N LEU C 668 37.50 -39.27 -15.39
CA LEU C 668 38.21 -38.44 -14.42
C LEU C 668 38.76 -37.18 -15.04
N GLU C 669 39.31 -37.29 -16.26
CA GLU C 669 39.91 -36.12 -16.90
C GLU C 669 38.87 -35.10 -17.31
N LEU C 670 37.64 -35.53 -17.60
CA LEU C 670 36.56 -34.62 -17.95
C LEU C 670 35.80 -34.13 -16.73
N LEU C 671 36.07 -34.68 -15.55
CA LEU C 671 35.36 -34.24 -14.35
C LEU C 671 35.83 -32.88 -13.88
N ARG C 672 37.06 -32.52 -14.24
CA ARG C 672 37.63 -31.20 -13.84
C ARG C 672 37.03 -30.76 -12.50
N ALA D 374 16.88 -38.74 14.71
CA ALA D 374 16.87 -37.49 15.49
C ALA D 374 16.02 -36.43 14.79
N VAL D 375 16.67 -35.55 14.04
CA VAL D 375 15.96 -34.49 13.34
C VAL D 375 15.12 -35.09 12.21
N LEU D 376 15.56 -36.20 11.63
CA LEU D 376 14.83 -36.80 10.52
C LEU D 376 13.46 -37.30 10.96
N GLU D 377 13.38 -37.89 12.15
CA GLU D 377 12.13 -38.45 12.66
C GLU D 377 11.37 -37.47 13.55
N ALA D 378 11.86 -36.23 13.69
CA ALA D 378 11.18 -35.27 14.56
C ALA D 378 9.78 -34.92 14.07
N PRO D 379 9.54 -34.57 12.80
CA PRO D 379 8.16 -34.28 12.39
C PRO D 379 7.22 -35.46 12.54
N TYR D 380 7.71 -36.68 12.34
CA TYR D 380 6.84 -37.85 12.48
C TYR D 380 6.47 -38.08 13.94
N ASP D 381 7.46 -37.96 14.83
CA ASP D 381 7.19 -38.14 16.27
C ASP D 381 6.21 -37.06 16.74
N TYR D 382 6.41 -35.83 16.28
CA TYR D 382 5.56 -34.72 16.71
C TYR D 382 4.10 -34.99 16.37
N ILE D 383 3.84 -35.55 15.18
CA ILE D 383 2.47 -35.87 14.79
C ILE D 383 2.01 -37.18 15.37
N ALA D 384 2.93 -38.02 15.86
CA ALA D 384 2.55 -39.27 16.50
C ALA D 384 2.33 -39.12 18.00
N SER D 385 2.63 -37.95 18.56
CA SER D 385 2.37 -37.69 19.97
C SER D 385 0.93 -37.26 20.23
N MET D 386 0.14 -37.03 19.18
CA MET D 386 -1.24 -36.66 19.32
C MET D 386 -2.12 -37.91 19.22
N PRO D 387 -2.82 -38.31 20.28
CA PRO D 387 -3.64 -39.51 20.21
C PRO D 387 -4.88 -39.33 19.36
N SER D 388 -4.93 -40.04 18.22
CA SER D 388 -6.06 -39.93 17.30
C SER D 388 -7.21 -40.82 17.77
N LYS D 389 -8.28 -40.84 16.96
CA LYS D 389 -9.43 -41.67 17.27
C LYS D 389 -9.09 -43.15 17.18
N GLY D 390 -8.16 -43.52 16.31
CA GLY D 390 -7.76 -44.90 16.15
C GLY D 390 -8.82 -45.82 15.60
N VAL D 391 -9.52 -45.38 14.56
CA VAL D 391 -10.53 -46.21 13.93
C VAL D 391 -9.90 -47.39 13.18
N ARG D 392 -8.63 -47.29 12.82
CA ARG D 392 -7.95 -48.42 12.18
C ARG D 392 -7.72 -49.55 13.16
N ASP D 393 -7.43 -49.20 14.42
CA ASP D 393 -7.18 -50.23 15.43
C ASP D 393 -8.41 -51.09 15.65
N GLN D 394 -9.59 -50.46 15.70
CA GLN D 394 -10.81 -51.23 15.86
C GLN D 394 -11.06 -52.14 14.66
N PHE D 395 -10.84 -51.62 13.45
CA PHE D 395 -11.09 -52.42 12.26
C PHE D 395 -10.16 -53.62 12.17
N ILE D 396 -8.88 -53.40 12.46
CA ILE D 396 -7.92 -54.51 12.40
C ILE D 396 -8.21 -55.53 13.49
N ASP D 397 -8.75 -55.10 14.64
CA ASP D 397 -9.15 -56.06 15.66
C ASP D 397 -10.48 -56.72 15.30
N ALA D 398 -11.35 -56.00 14.58
CA ALA D 398 -12.62 -56.56 14.15
C ALA D 398 -12.45 -57.62 13.08
N LEU D 399 -11.24 -57.78 12.53
CA LEU D 399 -11.00 -58.79 11.51
C LEU D 399 -10.25 -59.99 12.07
N ASN D 400 -9.38 -59.78 13.05
CA ASN D 400 -8.61 -60.88 13.63
C ASN D 400 -9.51 -61.86 14.37
N ASP D 401 -10.51 -61.34 15.08
CA ASP D 401 -11.46 -62.23 15.76
C ASP D 401 -12.28 -63.06 14.78
N TRP D 402 -12.29 -62.67 13.50
CA TRP D 402 -12.99 -63.41 12.46
C TRP D 402 -12.06 -64.44 11.82
N LEU D 403 -10.90 -64.01 11.36
CA LEU D 403 -9.86 -64.88 10.84
C LEU D 403 -8.68 -64.84 11.81
N ARG D 404 -8.38 -65.99 12.42
CA ARG D 404 -7.44 -66.05 13.52
C ARG D 404 -6.01 -66.11 12.98
N VAL D 405 -5.24 -65.06 13.21
CA VAL D 405 -3.82 -65.03 12.87
C VAL D 405 -3.06 -64.47 14.07
N PRO D 406 -1.81 -64.90 14.30
CA PRO D 406 -1.02 -64.43 15.46
C PRO D 406 -0.77 -62.93 15.44
N LYS D 409 2.38 -60.69 14.96
CA LYS D 409 2.17 -60.43 13.54
C LYS D 409 1.20 -59.28 13.34
N VAL D 410 0.03 -59.36 13.99
CA VAL D 410 -0.97 -58.31 13.87
C VAL D 410 -0.44 -57.00 14.46
N GLY D 411 0.19 -57.07 15.64
CA GLY D 411 0.75 -55.87 16.24
C GLY D 411 1.79 -55.22 15.36
N LYS D 412 2.61 -56.02 14.68
CA LYS D 412 3.54 -55.48 13.70
C LYS D 412 2.80 -54.86 12.52
N ILE D 413 1.68 -55.48 12.13
CA ILE D 413 0.93 -55.00 10.97
C ILE D 413 0.29 -53.65 11.27
N LYS D 414 -0.26 -53.48 12.48
CA LYS D 414 -0.90 -52.22 12.84
C LYS D 414 0.10 -51.08 12.83
N ASP D 415 1.30 -51.31 13.36
CA ASP D 415 2.32 -50.27 13.37
C ASP D 415 2.75 -49.91 11.95
N ALA D 416 2.86 -50.91 11.08
CA ALA D 416 3.22 -50.64 9.69
C ALA D 416 2.15 -49.78 9.01
N VAL D 417 0.87 -50.11 9.24
CA VAL D 417 -0.21 -49.31 8.68
C VAL D 417 -0.26 -47.94 9.35
N ARG D 418 0.02 -47.89 10.67
CA ARG D 418 -0.01 -46.62 11.38
C ARG D 418 1.02 -45.64 10.84
N VAL D 419 2.21 -46.15 10.49
CA VAL D 419 3.25 -45.28 9.95
C VAL D 419 2.80 -44.67 8.62
N LEU D 420 2.15 -45.48 7.78
CA LEU D 420 1.69 -44.98 6.49
C LEU D 420 0.64 -43.87 6.67
N HIS D 421 -0.29 -44.06 7.60
CA HIS D 421 -1.33 -43.05 7.81
C HIS D 421 -0.75 -41.77 8.38
N ASN D 422 0.18 -41.88 9.33
CA ASN D 422 0.81 -40.69 9.90
C ASN D 422 1.60 -39.93 8.85
N SER D 423 2.34 -40.64 8.00
CA SER D 423 3.09 -39.98 6.93
C SER D 423 2.15 -39.35 5.92
N SER D 424 1.05 -40.05 5.58
CA SER D 424 0.07 -39.48 4.66
C SER D 424 -0.58 -38.25 5.27
N LEU D 425 -0.91 -38.30 6.56
CA LEU D 425 -1.47 -37.13 7.23
C LEU D 425 -0.47 -35.99 7.26
N LEU D 426 0.81 -36.29 7.44
CA LEU D 426 1.84 -35.26 7.43
C LEU D 426 1.90 -34.56 6.07
N LEU D 427 1.80 -35.33 4.99
CA LEU D 427 1.79 -34.74 3.66
C LEU D 427 0.50 -33.98 3.40
N ASP D 428 -0.64 -34.61 3.73
CA ASP D 428 -1.94 -34.02 3.38
C ASP D 428 -2.13 -32.68 4.07
N ASP D 429 -1.65 -32.55 5.31
CA ASP D 429 -1.79 -31.27 6.01
C ASP D 429 -1.04 -30.16 5.29
N PHE D 430 0.16 -30.45 4.77
CA PHE D 430 0.94 -29.43 4.09
C PHE D 430 0.28 -28.99 2.79
N GLN D 431 -0.31 -29.92 2.05
CA GLN D 431 -0.83 -29.61 0.72
C GLN D 431 -2.00 -28.62 0.80
N ASP D 432 -2.87 -28.78 1.81
CA ASP D 432 -4.03 -27.86 1.97
C ASP D 432 -3.70 -26.76 2.99
N ASN D 433 -2.45 -26.67 3.44
CA ASN D 433 -2.01 -25.62 4.36
C ASN D 433 -2.96 -25.49 5.55
N SER D 434 -3.32 -26.61 6.15
CA SER D 434 -4.17 -26.58 7.33
C SER D 434 -3.40 -25.94 8.48
N PRO D 435 -3.93 -24.88 9.10
CA PRO D 435 -3.16 -24.19 10.15
C PRO D 435 -3.05 -25.00 11.43
N LEU D 436 -4.14 -25.62 11.88
CA LEU D 436 -4.17 -26.36 13.13
C LEU D 436 -4.65 -27.77 12.86
N ARG D 437 -3.94 -28.76 13.40
CA ARG D 437 -4.35 -30.15 13.25
C ARG D 437 -5.48 -30.49 14.21
N ARG D 438 -5.21 -30.40 15.51
CA ARG D 438 -6.23 -30.58 16.54
C ARG D 438 -6.05 -29.53 17.62
N GLY D 439 -5.94 -28.27 17.22
CA GLY D 439 -5.71 -27.18 18.15
C GLY D 439 -4.25 -26.90 18.42
N LYS D 440 -3.36 -27.74 17.95
CA LYS D 440 -1.91 -27.56 17.99
C LYS D 440 -1.41 -27.07 16.64
N PRO D 441 -0.31 -26.31 16.62
CA PRO D 441 0.20 -25.80 15.35
C PRO D 441 0.59 -26.94 14.43
N SER D 442 0.37 -26.75 13.13
CA SER D 442 0.63 -27.79 12.16
C SER D 442 2.13 -28.04 12.03
N THR D 443 2.46 -29.21 11.48
CA THR D 443 3.86 -29.61 11.38
C THR D 443 4.63 -28.67 10.44
N HIS D 444 4.00 -28.25 9.34
CA HIS D 444 4.67 -27.32 8.44
C HIS D 444 4.74 -25.92 9.01
N ASN D 445 3.99 -25.63 10.07
CA ASN D 445 4.04 -24.32 10.71
C ASN D 445 5.13 -24.22 11.76
N ILE D 446 5.77 -25.34 12.12
CA ILE D 446 6.78 -25.38 13.16
C ILE D 446 8.15 -25.76 12.61
N PHE D 447 8.23 -26.86 11.86
CA PHE D 447 9.49 -27.35 11.33
C PHE D 447 9.77 -26.88 9.91
N GLY D 448 8.88 -26.11 9.31
CA GLY D 448 9.10 -25.71 7.92
C GLY D 448 8.55 -26.73 6.95
N SER D 449 8.21 -26.24 5.75
CA SER D 449 7.65 -27.12 4.73
C SER D 449 8.69 -28.10 4.19
N ALA D 450 9.97 -27.72 4.27
CA ALA D 450 11.02 -28.56 3.71
C ALA D 450 11.23 -29.83 4.54
N GLN D 451 11.29 -29.69 5.87
CA GLN D 451 11.60 -30.83 6.72
C GLN D 451 10.43 -31.80 6.79
N THR D 452 9.20 -31.29 6.81
CA THR D 452 8.03 -32.15 6.92
C THR D 452 7.90 -33.06 5.71
N VAL D 453 8.12 -32.53 4.51
CA VAL D 453 8.02 -33.33 3.29
C VAL D 453 9.09 -34.41 3.26
N ASN D 454 10.32 -34.05 3.64
CA ASN D 454 11.40 -35.03 3.64
C ASN D 454 11.14 -36.15 4.64
N THR D 455 10.67 -35.81 5.84
CA THR D 455 10.34 -36.85 6.81
C THR D 455 9.17 -37.70 6.35
N ALA D 456 8.17 -37.07 5.71
CA ALA D 456 7.02 -37.82 5.22
C ALA D 456 7.43 -38.84 4.17
N THR D 457 8.32 -38.45 3.25
CA THR D 457 8.78 -39.38 2.23
C THR D 457 9.62 -40.50 2.85
N TYR D 458 10.42 -40.18 3.85
CA TYR D 458 11.28 -41.19 4.48
C TYR D 458 10.45 -42.21 5.25
N SER D 459 9.36 -41.77 5.86
CA SER D 459 8.54 -42.67 6.67
C SER D 459 7.85 -43.72 5.79
N ILE D 460 7.42 -43.34 4.59
CA ILE D 460 6.79 -44.29 3.69
C ILE D 460 7.78 -45.37 3.27
N ILE D 461 9.03 -44.97 2.99
CA ILE D 461 10.05 -45.93 2.60
C ILE D 461 10.34 -46.88 3.75
N LYS D 462 10.39 -46.36 4.97
CA LYS D 462 10.55 -47.24 6.14
C LYS D 462 9.35 -48.15 6.30
N ALA D 463 8.15 -47.64 6.03
CA ALA D 463 6.95 -48.47 6.12
C ALA D 463 7.01 -49.63 5.12
N ILE D 464 7.53 -49.36 3.93
CA ILE D 464 7.70 -50.43 2.94
C ILE D 464 8.70 -51.45 3.46
N GLY D 465 9.76 -51.00 4.13
CA GLY D 465 10.76 -51.92 4.63
C GLY D 465 10.22 -52.86 5.70
N GLN D 466 9.40 -52.34 6.60
CA GLN D 466 8.82 -53.18 7.66
C GLN D 466 7.93 -54.26 7.07
N ILE D 467 7.10 -53.89 6.09
CA ILE D 467 6.23 -54.86 5.43
C ILE D 467 7.06 -55.89 4.67
N MET D 468 8.14 -55.44 4.06
CA MET D 468 8.95 -56.31 3.22
C MET D 468 9.61 -57.43 4.02
N GLU D 469 10.15 -57.10 5.20
CA GLU D 469 11.01 -58.04 5.90
C GLU D 469 10.21 -59.20 6.50
N PHE D 470 9.10 -58.90 7.16
CA PHE D 470 8.41 -59.95 7.89
C PHE D 470 6.93 -60.04 7.58
N SER D 471 6.25 -58.91 7.40
CA SER D 471 4.80 -58.93 7.24
C SER D 471 4.36 -59.67 5.98
N ALA D 472 5.24 -59.79 4.99
CA ALA D 472 4.91 -60.51 3.77
C ALA D 472 6.19 -61.08 3.16
N GLY D 473 6.04 -62.18 2.43
CA GLY D 473 7.18 -62.82 1.79
C GLY D 473 7.20 -62.68 0.28
N GLU D 474 6.03 -62.83 -0.35
CA GLU D 474 5.95 -62.76 -1.80
C GLU D 474 4.84 -61.80 -2.22
N SER D 475 3.85 -61.62 -1.35
CA SER D 475 2.75 -60.70 -1.62
C SER D 475 3.15 -59.24 -1.49
N VAL D 476 4.45 -58.96 -1.33
CA VAL D 476 4.91 -57.58 -1.23
C VAL D 476 4.61 -56.81 -2.51
N GLN D 477 4.77 -57.46 -3.67
CA GLN D 477 4.53 -56.78 -4.94
C GLN D 477 3.08 -56.32 -5.03
N GLU D 478 2.14 -57.16 -4.61
CA GLU D 478 0.74 -56.74 -4.54
C GLU D 478 0.56 -55.61 -3.55
N VAL D 479 1.25 -55.67 -2.41
CA VAL D 479 1.13 -54.64 -1.40
C VAL D 479 1.65 -53.30 -1.91
N MET D 480 2.80 -53.32 -2.59
CA MET D 480 3.36 -52.08 -3.11
C MET D 480 2.47 -51.49 -4.18
N ASN D 481 1.72 -52.33 -4.90
CA ASN D 481 0.83 -51.83 -5.94
C ASN D 481 -0.19 -50.86 -5.34
N SER D 482 -0.86 -51.29 -4.27
CA SER D 482 -1.97 -50.51 -3.71
C SER D 482 -1.53 -49.10 -3.31
N ILE D 483 -0.26 -48.95 -2.91
CA ILE D 483 0.24 -47.62 -2.62
C ILE D 483 0.32 -46.78 -3.88
N MET D 484 0.65 -47.40 -5.01
CA MET D 484 0.69 -46.68 -6.28
C MET D 484 -0.69 -46.14 -6.66
N ILE D 485 -1.75 -46.95 -6.48
CA ILE D 485 -3.10 -46.42 -6.68
C ILE D 485 -3.41 -45.36 -5.63
N LEU D 486 -2.92 -45.55 -4.40
CA LEU D 486 -3.24 -44.60 -3.33
C LEU D 486 -2.73 -43.20 -3.66
N PHE D 487 -1.57 -43.11 -4.29
CA PHE D 487 -1.07 -41.80 -4.71
C PHE D 487 -1.80 -41.30 -5.95
N GLN D 488 -2.32 -42.21 -6.77
CA GLN D 488 -3.00 -41.80 -7.99
C GLN D 488 -4.25 -41.00 -7.68
N GLY D 489 -5.04 -41.46 -6.71
CA GLY D 489 -6.24 -40.73 -6.34
C GLY D 489 -5.94 -39.38 -5.71
N GLN D 490 -4.84 -39.30 -4.95
CA GLN D 490 -4.45 -38.03 -4.33
C GLN D 490 -4.12 -36.99 -5.38
N ALA D 491 -3.44 -37.39 -6.45
CA ALA D 491 -3.09 -36.45 -7.51
C ALA D 491 -4.33 -35.91 -8.21
N MET D 492 -5.34 -36.76 -8.39
CA MET D 492 -6.57 -36.34 -9.06
C MET D 492 -7.28 -35.25 -8.25
N ASP D 493 -7.31 -35.39 -6.92
CA ASP D 493 -7.95 -34.38 -6.08
C ASP D 493 -7.23 -33.05 -6.23
N LEU D 494 -5.89 -33.07 -6.20
CA LEU D 494 -5.13 -31.84 -6.31
C LEU D 494 -5.32 -31.18 -7.67
N PHE D 495 -5.43 -32.00 -8.72
CA PHE D 495 -5.65 -31.46 -10.06
C PHE D 495 -6.97 -30.71 -10.14
N TRP D 496 -8.02 -31.25 -9.53
CA TRP D 496 -9.31 -30.57 -9.52
C TRP D 496 -9.24 -29.26 -8.75
N THR D 497 -8.58 -29.27 -7.59
CA THR D 497 -8.48 -28.07 -6.77
C THR D 497 -7.67 -26.98 -7.47
N TYR D 498 -6.58 -27.36 -8.13
CA TYR D 498 -5.68 -26.38 -8.73
C TYR D 498 -6.27 -25.77 -10.00
N ASN D 499 -6.73 -26.62 -10.91
CA ASN D 499 -7.17 -26.18 -12.23
C ASN D 499 -8.65 -25.81 -12.29
N GLY D 500 -9.38 -25.95 -11.18
CA GLY D 500 -10.77 -25.55 -11.17
C GLY D 500 -11.72 -26.45 -11.92
N HIS D 501 -11.29 -27.65 -12.29
CA HIS D 501 -12.14 -28.58 -13.01
C HIS D 501 -13.33 -28.99 -12.15
N VAL D 502 -14.52 -28.97 -12.73
CA VAL D 502 -15.72 -29.32 -11.97
C VAL D 502 -15.80 -30.84 -11.83
N PRO D 503 -15.93 -31.37 -10.63
CA PRO D 503 -16.04 -32.81 -10.45
C PRO D 503 -17.44 -33.31 -10.78
N SER D 504 -17.58 -34.63 -10.78
CA SER D 504 -18.87 -35.30 -11.00
C SER D 504 -19.11 -36.29 -9.87
N GLU D 505 -20.31 -36.85 -9.85
CA GLU D 505 -20.67 -37.84 -8.83
C GLU D 505 -19.88 -39.12 -9.01
N GLU D 506 -19.75 -39.59 -10.25
CA GLU D 506 -19.01 -40.83 -10.49
C GLU D 506 -17.52 -40.66 -10.29
N GLU D 507 -16.96 -39.53 -10.76
CA GLU D 507 -15.54 -39.28 -10.59
C GLU D 507 -15.17 -39.14 -9.12
N TYR D 508 -16.02 -38.47 -8.34
CA TYR D 508 -15.76 -38.33 -6.91
C TYR D 508 -15.78 -39.68 -6.20
N TYR D 509 -16.70 -40.55 -6.60
CA TYR D 509 -16.79 -41.87 -5.96
C TYR D 509 -15.53 -42.70 -6.21
N ARG D 510 -15.00 -42.65 -7.43
CA ARG D 510 -13.74 -43.35 -7.71
C ARG D 510 -12.61 -42.76 -6.89
N MET D 511 -12.52 -41.42 -6.81
CA MET D 511 -11.45 -40.78 -6.06
C MET D 511 -11.54 -41.12 -4.58
N ILE D 512 -12.76 -41.34 -4.08
CA ILE D 512 -12.92 -41.70 -2.67
C ILE D 512 -12.33 -43.07 -2.38
N ASP D 513 -12.54 -44.03 -3.28
CA ASP D 513 -11.99 -45.37 -3.09
C ASP D 513 -10.47 -45.34 -3.18
N GLN D 514 -9.94 -44.51 -4.07
CA GLN D 514 -8.51 -44.51 -4.35
C GLN D 514 -7.70 -43.92 -3.20
N LYS D 515 -8.29 -43.01 -2.43
CA LYS D 515 -7.56 -42.26 -1.42
C LYS D 515 -7.73 -42.84 -0.03
N THR D 516 -8.96 -43.00 0.43
CA THR D 516 -9.21 -43.46 1.80
C THR D 516 -9.57 -44.93 1.88
N GLY D 517 -9.90 -45.57 0.77
CA GLY D 517 -10.21 -46.98 0.77
C GLY D 517 -9.03 -47.90 0.55
N GLN D 518 -7.93 -47.38 0.01
CA GLN D 518 -6.77 -48.22 -0.24
C GLN D 518 -6.02 -48.54 1.04
N LEU D 519 -6.06 -47.65 2.03
CA LEU D 519 -5.40 -47.92 3.29
C LEU D 519 -6.02 -49.12 4.00
N PHE D 520 -7.36 -49.18 4.00
CA PHE D 520 -8.03 -50.35 4.56
C PHE D 520 -7.74 -51.60 3.73
N SER D 521 -7.68 -51.46 2.42
CA SER D 521 -7.41 -52.60 1.56
C SER D 521 -6.01 -53.18 1.82
N ILE D 522 -5.04 -52.30 2.10
CA ILE D 522 -3.70 -52.78 2.44
C ILE D 522 -3.74 -53.59 3.73
N ALA D 523 -4.45 -53.09 4.74
CA ALA D 523 -4.52 -53.78 6.02
C ALA D 523 -5.25 -55.12 5.89
N THR D 524 -6.36 -55.14 5.15
CA THR D 524 -7.11 -56.37 5.00
C THR D 524 -6.34 -57.40 4.17
N SER D 525 -5.68 -56.95 3.11
CA SER D 525 -4.92 -57.87 2.27
C SER D 525 -3.76 -58.49 3.04
N LEU D 526 -3.07 -57.69 3.85
CA LEU D 526 -1.94 -58.20 4.61
C LEU D 526 -2.36 -59.25 5.62
N LEU D 527 -3.50 -59.03 6.28
CA LEU D 527 -3.99 -60.00 7.25
C LEU D 527 -4.35 -61.32 6.59
N LEU D 528 -4.90 -61.26 5.37
CA LEU D 528 -5.34 -62.47 4.69
C LEU D 528 -4.17 -63.39 4.36
N ASN D 529 -3.03 -62.82 3.96
CA ASN D 529 -1.88 -63.62 3.58
C ASN D 529 -1.23 -64.29 4.79
N ALA D 530 -1.52 -63.84 6.00
CA ALA D 530 -0.93 -64.42 7.19
C ALA D 530 -1.52 -65.79 7.48
N CYS D 543 -15.08 -61.49 -1.64
CA CYS D 543 -14.53 -61.76 -0.32
C CYS D 543 -14.68 -60.54 0.59
N LEU D 544 -13.65 -60.24 1.35
CA LEU D 544 -13.65 -59.09 2.24
C LEU D 544 -13.22 -57.80 1.56
N HIS D 545 -12.76 -57.87 0.30
CA HIS D 545 -12.32 -56.67 -0.39
C HIS D 545 -13.50 -55.75 -0.67
N ARG D 546 -14.67 -56.32 -0.98
CA ARG D 546 -15.86 -55.51 -1.19
C ARG D 546 -16.29 -54.82 0.10
N LEU D 547 -15.94 -55.40 1.26
CA LEU D 547 -16.27 -54.79 2.53
C LEU D 547 -15.56 -53.47 2.73
N THR D 548 -14.26 -53.43 2.41
CA THR D 548 -13.47 -52.23 2.66
C THR D 548 -13.93 -51.08 1.79
N ARG D 549 -14.29 -51.36 0.54
CA ARG D 549 -14.76 -50.30 -0.36
C ARG D 549 -16.02 -49.66 0.19
N LEU D 550 -16.92 -50.46 0.76
CA LEU D 550 -18.12 -49.91 1.39
C LEU D 550 -17.75 -49.12 2.64
N LEU D 551 -16.96 -49.71 3.53
CA LEU D 551 -16.58 -49.03 4.77
C LEU D 551 -15.70 -47.83 4.50
N GLY D 552 -14.72 -47.97 3.59
CA GLY D 552 -13.86 -46.86 3.28
C GLY D 552 -14.61 -45.68 2.68
N ARG D 553 -15.57 -45.98 1.80
CA ARG D 553 -16.36 -44.91 1.18
C ARG D 553 -17.13 -44.13 2.24
N CYS D 554 -17.75 -44.85 3.19
CA CYS D 554 -18.61 -44.19 4.17
C CYS D 554 -17.80 -43.33 5.13
N PHE D 555 -16.57 -43.78 5.46
CA PHE D 555 -15.82 -43.11 6.51
C PHE D 555 -15.46 -41.68 6.13
N GLN D 556 -15.03 -41.46 4.89
CA GLN D 556 -14.51 -40.14 4.53
C GLN D 556 -15.62 -39.15 4.17
N ILE D 557 -16.75 -39.62 3.63
CA ILE D 557 -17.86 -38.70 3.41
C ILE D 557 -18.42 -38.23 4.75
N ARG D 558 -18.40 -39.11 5.76
CA ARG D 558 -18.74 -38.69 7.11
C ARG D 558 -17.79 -37.60 7.59
N ASP D 559 -16.50 -37.74 7.32
CA ASP D 559 -15.54 -36.68 7.64
C ASP D 559 -15.87 -35.41 6.87
N ASP D 560 -16.28 -35.55 5.61
CA ASP D 560 -16.71 -34.39 4.84
C ASP D 560 -17.96 -33.75 5.47
N TYR D 561 -18.79 -34.56 6.13
CA TYR D 561 -19.98 -34.03 6.78
C TYR D 561 -19.64 -33.12 7.96
N GLN D 562 -18.43 -33.23 8.51
CA GLN D 562 -18.04 -32.39 9.64
C GLN D 562 -18.00 -30.92 9.26
N ASN D 563 -17.88 -30.59 7.99
CA ASN D 563 -17.89 -29.21 7.55
C ASN D 563 -19.31 -28.73 7.29
N LEU D 586 -19.92 -34.11 -0.31
CA LEU D 586 -20.64 -34.63 -1.47
C LEU D 586 -21.80 -33.70 -1.81
N ALA D 587 -22.15 -32.82 -0.88
CA ALA D 587 -23.25 -31.88 -1.10
C ALA D 587 -22.96 -30.97 -2.29
N LEU D 588 -21.73 -30.46 -2.38
CA LEU D 588 -21.38 -29.59 -3.50
C LEU D 588 -21.32 -30.36 -4.81
N ILE D 589 -21.06 -31.66 -4.76
CA ILE D 589 -20.96 -32.45 -5.98
C ILE D 589 -22.31 -32.51 -6.68
N HIS D 590 -23.38 -32.77 -5.93
CA HIS D 590 -24.72 -32.81 -6.52
C HIS D 590 -25.36 -31.44 -6.60
N MET D 591 -24.71 -30.40 -6.09
CA MET D 591 -25.24 -29.04 -6.19
C MET D 591 -24.75 -28.34 -7.45
N ILE D 592 -23.53 -28.65 -7.89
CA ILE D 592 -22.98 -28.07 -9.10
C ILE D 592 -23.36 -28.93 -10.31
N SER D 597 -30.93 -23.06 -10.32
CA SER D 597 -30.02 -22.61 -9.28
C SER D 597 -28.62 -23.15 -9.50
N HIS D 598 -28.52 -24.23 -10.30
CA HIS D 598 -27.21 -24.83 -10.57
C HIS D 598 -26.34 -23.90 -11.40
N MET D 599 -26.90 -23.29 -12.45
CA MET D 599 -26.11 -22.45 -13.33
C MET D 599 -25.56 -21.24 -12.59
N ALA D 600 -26.37 -20.61 -11.73
CA ALA D 600 -25.91 -19.45 -10.98
C ALA D 600 -24.80 -19.81 -10.02
N LEU D 601 -24.92 -20.96 -9.35
CA LEU D 601 -23.92 -21.36 -8.36
C LEU D 601 -22.57 -21.62 -9.01
N LEU D 602 -22.57 -22.20 -10.23
CA LEU D 602 -21.32 -22.49 -10.90
C LEU D 602 -20.56 -21.22 -11.25
N ASN D 603 -21.27 -20.18 -11.69
CA ASN D 603 -20.61 -18.95 -12.12
C ASN D 603 -20.08 -18.14 -10.95
N VAL D 604 -20.50 -18.45 -9.73
CA VAL D 604 -19.99 -17.72 -8.57
C VAL D 604 -19.00 -18.55 -7.76
N LEU D 605 -19.07 -19.88 -7.87
CA LEU D 605 -18.19 -20.74 -7.08
C LEU D 605 -16.73 -20.53 -7.47
N SER D 606 -16.44 -20.39 -8.76
CA SER D 606 -15.08 -20.24 -9.25
C SER D 606 -14.76 -18.78 -9.52
N THR D 607 -13.92 -18.21 -8.67
CA THR D 607 -13.44 -16.83 -8.81
C THR D 607 -14.62 -15.85 -8.96
N GLY D 608 -15.39 -15.74 -7.89
CA GLY D 608 -16.56 -14.88 -7.92
C GLY D 608 -16.27 -13.43 -7.57
N ARG D 609 -15.01 -13.12 -7.29
CA ARG D 609 -14.61 -11.76 -6.99
C ARG D 609 -13.40 -11.34 -7.84
N THR D 615 -18.80 -10.07 -1.77
CA THR D 615 -17.92 -11.06 -1.16
C THR D 615 -18.61 -11.72 0.03
N LEU D 616 -19.05 -10.92 0.99
CA LEU D 616 -19.76 -11.46 2.14
C LEU D 616 -21.08 -12.10 1.74
N GLU D 617 -21.81 -11.48 0.80
CA GLU D 617 -23.03 -12.10 0.30
C GLU D 617 -22.71 -13.34 -0.53
N GLN D 618 -21.55 -13.36 -1.18
CA GLN D 618 -21.12 -14.57 -1.88
C GLN D 618 -20.95 -15.73 -0.92
N LYS D 619 -20.34 -15.48 0.24
CA LYS D 619 -20.25 -16.51 1.26
C LYS D 619 -21.64 -16.81 1.84
N GLN D 620 -22.51 -15.80 1.89
CA GLN D 620 -23.84 -16.02 2.44
C GLN D 620 -24.73 -16.79 1.47
N PHE D 621 -24.62 -16.49 0.17
CA PHE D 621 -25.56 -17.04 -0.80
C PHE D 621 -25.48 -18.56 -0.85
N VAL D 622 -24.27 -19.12 -0.79
CA VAL D 622 -24.13 -20.57 -0.84
C VAL D 622 -24.83 -21.22 0.36
N LEU D 623 -24.87 -20.53 1.50
CA LEU D 623 -25.53 -21.08 2.67
C LEU D 623 -27.03 -21.27 2.44
N ASP D 624 -27.64 -20.30 1.74
CA ASP D 624 -29.10 -20.40 1.46
C ASP D 624 -29.36 -21.50 0.43
N ILE D 625 -28.41 -21.74 -0.47
CA ILE D 625 -28.62 -22.72 -1.52
C ILE D 625 -28.64 -24.13 -0.94
N ILE D 626 -27.73 -24.41 0.00
CA ILE D 626 -27.65 -25.76 0.57
C ILE D 626 -28.90 -26.07 1.39
N GLU D 627 -29.45 -25.07 2.09
CA GLU D 627 -30.63 -25.32 2.90
C GLU D 627 -31.90 -25.44 2.07
N GLU D 628 -32.00 -24.69 0.97
CA GLU D 628 -33.17 -24.80 0.11
C GLU D 628 -33.22 -26.16 -0.57
N GLU D 629 -32.09 -26.65 -1.07
CA GLU D 629 -32.03 -27.98 -1.64
C GLU D 629 -31.92 -29.07 -0.58
N LYS D 630 -31.73 -28.69 0.68
CA LYS D 630 -31.62 -29.64 1.80
C LYS D 630 -30.51 -30.68 1.52
N SER D 631 -29.39 -30.19 1.01
CA SER D 631 -28.25 -31.06 0.76
C SER D 631 -27.68 -31.65 2.05
N LEU D 632 -27.93 -31.01 3.19
CA LEU D 632 -27.52 -31.60 4.47
C LEU D 632 -28.26 -32.91 4.70
N ASP D 633 -29.55 -32.97 4.36
CA ASP D 633 -30.28 -34.22 4.46
C ASP D 633 -29.91 -35.16 3.31
N TYR D 634 -29.46 -34.61 2.18
CA TYR D 634 -29.11 -35.45 1.04
C TYR D 634 -27.92 -36.35 1.37
N THR D 635 -26.85 -35.78 1.95
CA THR D 635 -25.70 -36.59 2.32
C THR D 635 -26.04 -37.54 3.46
N ARG D 636 -27.04 -37.19 4.28
CA ARG D 636 -27.52 -38.13 5.29
C ARG D 636 -28.12 -39.37 4.63
N SER D 637 -28.86 -39.18 3.54
CA SER D 637 -29.47 -40.31 2.85
C SER D 637 -28.41 -41.25 2.29
N VAL D 638 -27.36 -40.69 1.67
CA VAL D 638 -26.29 -41.54 1.13
C VAL D 638 -25.60 -42.32 2.24
N MET D 639 -25.45 -41.70 3.41
CA MET D 639 -24.89 -42.41 4.56
C MET D 639 -25.76 -43.61 4.93
N MET D 640 -27.08 -43.47 4.79
CA MET D 640 -27.98 -44.55 5.18
C MET D 640 -27.79 -45.76 4.27
N ASP D 641 -27.78 -45.55 2.95
CA ASP D 641 -27.62 -46.67 2.03
C ASP D 641 -26.27 -47.35 2.22
N LEU D 642 -25.24 -46.58 2.53
CA LEU D 642 -23.92 -47.16 2.78
C LEU D 642 -23.96 -48.09 3.99
N HIS D 643 -24.67 -47.68 5.04
CA HIS D 643 -24.70 -48.48 6.27
C HIS D 643 -25.48 -49.77 6.08
N VAL D 644 -26.68 -49.69 5.50
CA VAL D 644 -27.55 -50.86 5.44
C VAL D 644 -26.93 -51.95 4.57
N GLN D 645 -26.27 -51.55 3.49
CA GLN D 645 -25.57 -52.53 2.65
C GLN D 645 -24.45 -53.21 3.42
N LEU D 646 -23.74 -52.45 4.27
CA LEU D 646 -22.65 -53.03 5.04
C LEU D 646 -23.15 -54.06 6.04
N ARG D 647 -24.30 -53.79 6.68
CA ARG D 647 -24.81 -54.70 7.69
C ARG D 647 -25.14 -56.06 7.09
N ALA D 648 -25.72 -56.07 5.88
CA ALA D 648 -25.93 -57.33 5.19
C ALA D 648 -24.60 -57.96 4.80
N GLU D 649 -23.62 -57.14 4.43
CA GLU D 649 -22.32 -57.65 4.01
C GLU D 649 -21.58 -58.33 5.15
N ILE D 650 -21.56 -57.69 6.33
CA ILE D 650 -20.88 -58.29 7.47
C ILE D 650 -21.59 -59.56 7.91
N GLY D 651 -22.92 -59.60 7.81
CA GLY D 651 -23.64 -60.82 8.14
C GLY D 651 -23.34 -61.95 7.17
N ARG D 652 -23.28 -61.64 5.87
CA ARG D 652 -23.06 -62.68 4.87
C ARG D 652 -21.72 -63.37 5.05
N ILE D 653 -20.66 -62.60 5.28
CA ILE D 653 -19.34 -63.18 5.51
C ILE D 653 -19.29 -63.94 6.82
N GLU D 654 -20.22 -63.67 7.74
CA GLU D 654 -20.30 -64.36 9.02
C GLU D 654 -19.02 -64.22 9.83
N LEU D 657 -15.99 -69.11 7.75
CA LEU D 657 -17.33 -68.58 7.95
C LEU D 657 -17.96 -69.19 9.20
N ASP D 658 -19.27 -69.03 9.32
CA ASP D 658 -20.05 -69.55 10.45
C ASP D 658 -19.48 -69.05 11.78
N SER D 659 -19.34 -67.73 11.85
CA SER D 659 -18.77 -67.11 13.08
C SER D 659 -19.68 -65.96 13.50
N PRO D 660 -19.78 -65.65 14.81
CA PRO D 660 -20.56 -64.50 15.28
C PRO D 660 -19.96 -63.20 14.78
N ASN D 661 -20.74 -62.13 14.87
CA ASN D 661 -20.37 -60.81 14.36
C ASN D 661 -20.22 -59.84 15.52
N PRO D 662 -19.06 -59.83 16.19
CA PRO D 662 -18.81 -58.78 17.19
C PRO D 662 -18.49 -57.43 16.58
N ALA D 663 -18.33 -57.36 15.26
CA ALA D 663 -18.00 -56.09 14.61
C ALA D 663 -19.16 -55.12 14.57
N MET D 664 -20.36 -55.53 15.02
CA MET D 664 -21.49 -54.62 15.08
C MET D 664 -21.16 -53.37 15.90
N ARG D 665 -20.27 -53.52 16.89
CA ARG D 665 -19.86 -52.38 17.70
C ARG D 665 -19.20 -51.30 16.86
N LEU D 666 -18.52 -51.70 15.77
CA LEU D 666 -17.83 -50.72 14.94
C LEU D 666 -18.83 -49.87 14.16
N LEU D 667 -19.83 -50.51 13.55
CA LEU D 667 -20.83 -49.77 12.81
C LEU D 667 -21.74 -48.98 13.73
N LEU D 668 -21.84 -49.38 14.99
CA LEU D 668 -22.67 -48.65 15.94
C LEU D 668 -22.16 -47.24 16.19
N GLU D 669 -20.84 -47.05 16.27
CA GLU D 669 -20.26 -45.73 16.49
C GLU D 669 -19.61 -45.18 15.23
N LEU D 670 -19.90 -45.77 14.07
CA LEU D 670 -19.34 -45.26 12.83
C LEU D 670 -19.86 -43.87 12.53
N LEU D 671 -21.15 -43.63 12.76
CA LEU D 671 -21.75 -42.33 12.49
C LEU D 671 -21.72 -41.44 13.74
N ALA E 374 21.95 20.76 30.41
CA ALA E 374 20.62 20.22 30.66
C ALA E 374 20.22 19.23 29.57
N VAL E 375 20.63 19.50 28.34
CA VAL E 375 20.32 18.61 27.23
C VAL E 375 21.05 17.29 27.38
N LEU E 376 22.29 17.32 27.88
CA LEU E 376 23.06 16.10 28.04
C LEU E 376 22.50 15.23 29.15
N GLU E 377 22.05 15.83 30.24
CA GLU E 377 21.51 15.10 31.38
C GLU E 377 20.02 14.82 31.26
N ALA E 378 19.38 15.24 30.16
CA ALA E 378 17.94 15.04 30.03
C ALA E 378 17.54 13.57 30.01
N PRO E 379 18.16 12.69 29.22
CA PRO E 379 17.75 11.26 29.28
C PRO E 379 18.00 10.62 30.63
N TYR E 380 19.05 11.03 31.33
CA TYR E 380 19.36 10.43 32.63
C TYR E 380 18.39 10.89 33.70
N ASP E 381 17.92 12.14 33.61
CA ASP E 381 16.99 12.65 34.62
C ASP E 381 15.62 12.03 34.48
N TYR E 382 15.20 11.68 33.26
CA TYR E 382 13.90 11.07 33.06
C TYR E 382 13.84 9.70 33.75
N ILE E 383 14.90 8.91 33.64
CA ILE E 383 14.92 7.60 34.29
C ILE E 383 14.99 7.76 35.80
N ALA E 384 15.74 8.74 36.29
CA ALA E 384 15.87 8.96 37.72
C ALA E 384 14.56 9.37 38.38
N SER E 385 13.57 9.82 37.62
CA SER E 385 12.25 10.15 38.14
C SER E 385 11.28 8.99 38.08
N MET E 386 11.69 7.84 37.54
CA MET E 386 10.82 6.69 37.46
C MET E 386 10.55 6.13 38.87
N PRO E 387 9.42 5.45 39.07
CA PRO E 387 9.18 4.80 40.37
C PRO E 387 10.27 3.79 40.69
N SER E 388 11.05 4.06 41.74
CA SER E 388 12.21 3.25 42.06
C SER E 388 11.82 2.08 42.97
N LYS E 389 12.19 0.88 42.56
CA LYS E 389 12.01 -0.33 43.36
C LYS E 389 13.24 -0.66 44.20
N GLY E 390 14.05 0.35 44.51
CA GLY E 390 15.40 0.19 45.03
C GLY E 390 15.66 -0.96 45.97
N VAL E 391 16.61 -1.81 45.61
CA VAL E 391 16.98 -2.95 46.43
C VAL E 391 18.46 -2.96 46.79
N ARG E 392 19.32 -2.30 46.03
CA ARG E 392 20.73 -2.26 46.38
C ARG E 392 21.00 -1.36 47.58
N ASP E 393 20.20 -0.31 47.75
CA ASP E 393 20.42 0.60 48.86
C ASP E 393 20.18 -0.09 50.21
N GLN E 394 19.22 -1.02 50.27
CA GLN E 394 19.08 -1.83 51.47
C GLN E 394 20.31 -2.71 51.69
N PHE E 395 20.84 -3.29 50.61
CA PHE E 395 21.98 -4.18 50.74
C PHE E 395 23.21 -3.43 51.24
N ILE E 396 23.46 -2.24 50.71
CA ILE E 396 24.60 -1.46 51.18
C ILE E 396 24.37 -0.95 52.60
N ASP E 397 23.11 -0.64 52.94
CA ASP E 397 22.78 -0.32 54.33
C ASP E 397 22.96 -1.54 55.21
N ALA E 398 22.55 -2.72 54.72
CA ALA E 398 22.74 -3.95 55.48
C ALA E 398 24.22 -4.26 55.67
N LEU E 399 25.01 -4.13 54.61
CA LEU E 399 26.44 -4.36 54.72
C LEU E 399 27.11 -3.32 55.61
N ASN E 400 26.54 -2.10 55.67
CA ASN E 400 27.06 -1.10 56.58
C ASN E 400 26.90 -1.53 58.03
N ASP E 401 25.87 -2.34 58.30
CA ASP E 401 25.69 -2.88 59.67
C ASP E 401 26.93 -3.72 60.01
N TRP E 402 27.30 -4.64 59.12
CA TRP E 402 28.47 -5.47 59.35
C TRP E 402 29.72 -4.60 59.50
N LEU E 403 29.88 -3.61 58.62
CA LEU E 403 31.09 -2.80 58.54
C LEU E 403 30.70 -1.34 58.68
N ARG E 404 30.85 -0.78 59.89
CA ARG E 404 30.50 0.61 60.13
C ARG E 404 31.48 1.52 59.39
N VAL E 405 30.96 2.40 58.56
CA VAL E 405 31.77 3.34 57.78
C VAL E 405 31.75 4.69 58.48
N PRO E 406 32.81 5.50 58.36
CA PRO E 406 32.85 6.82 58.99
C PRO E 406 31.91 7.83 58.32
N GLY E 411 27.07 4.19 53.29
CA GLY E 411 27.56 5.55 53.16
C GLY E 411 27.09 6.24 51.90
N LYS E 412 27.90 7.18 51.41
CA LYS E 412 27.59 7.89 50.18
C LYS E 412 28.00 7.12 48.93
N ILE E 413 28.54 5.91 49.08
CA ILE E 413 28.95 5.11 47.94
C ILE E 413 27.76 4.76 47.06
N LYS E 414 26.57 4.64 47.68
CA LYS E 414 25.40 4.23 46.92
C LYS E 414 25.01 5.27 45.87
N ASP E 415 25.45 6.51 46.05
CA ASP E 415 25.18 7.54 45.04
C ASP E 415 25.93 7.24 43.74
N ALA E 416 27.20 6.84 43.85
CA ALA E 416 27.96 6.47 42.67
C ALA E 416 27.40 5.20 42.03
N VAL E 417 26.98 4.25 42.87
CA VAL E 417 26.46 2.98 42.36
C VAL E 417 25.15 3.21 41.61
N ARG E 418 24.32 4.11 42.12
CA ARG E 418 23.01 4.34 41.51
C ARG E 418 23.14 4.87 40.10
N VAL E 419 24.15 5.71 39.86
CA VAL E 419 24.36 6.26 38.52
C VAL E 419 24.66 5.15 37.53
N LEU E 420 25.43 4.15 37.96
CA LEU E 420 25.77 3.03 37.10
C LEU E 420 24.52 2.22 36.73
N HIS E 421 23.63 2.00 37.69
CA HIS E 421 22.43 1.22 37.42
C HIS E 421 21.49 1.96 36.47
N ASN E 422 21.31 3.25 36.69
CA ASN E 422 20.44 4.04 35.82
C ASN E 422 20.99 4.08 34.40
N SER E 423 22.30 4.22 34.26
CA SER E 423 22.92 4.16 32.94
C SER E 423 22.78 2.78 32.33
N SER E 424 22.91 1.73 33.14
CA SER E 424 22.74 0.38 32.65
C SER E 424 21.32 0.15 32.13
N LEU E 425 20.33 0.68 32.84
CA LEU E 425 18.96 0.58 32.37
C LEU E 425 18.73 1.46 31.15
N LEU E 426 19.46 2.57 31.04
CA LEU E 426 19.34 3.44 29.88
C LEU E 426 19.72 2.71 28.60
N LEU E 427 20.81 1.95 28.64
CA LEU E 427 21.25 1.21 27.47
C LEU E 427 20.30 0.06 27.15
N ASP E 428 19.88 -0.68 28.17
CA ASP E 428 19.04 -1.86 27.94
C ASP E 428 17.72 -1.49 27.28
N ASP E 429 17.22 -0.29 27.53
CA ASP E 429 16.02 0.18 26.84
C ASP E 429 16.24 0.33 25.35
N PHE E 430 17.49 0.46 24.92
CA PHE E 430 17.82 0.55 23.49
C PHE E 430 18.24 -0.77 22.88
N GLN E 431 18.92 -1.63 23.65
CA GLN E 431 19.34 -2.92 23.11
C GLN E 431 18.14 -3.74 22.69
N ASP E 432 17.13 -3.80 23.57
CA ASP E 432 15.87 -4.51 23.27
C ASP E 432 14.74 -3.50 23.45
N ASN E 433 13.92 -3.29 22.42
CA ASN E 433 12.89 -2.26 22.49
C ASN E 433 11.79 -2.67 23.47
N SER E 434 11.36 -1.70 24.27
CA SER E 434 10.28 -1.89 25.23
C SER E 434 9.37 -0.68 25.22
N PRO E 435 8.07 -0.85 24.97
CA PRO E 435 7.17 0.31 24.95
C PRO E 435 7.11 1.07 26.27
N LEU E 436 7.22 0.37 27.40
CA LEU E 436 7.16 1.01 28.71
C LEU E 436 8.23 0.41 29.60
N ARG E 437 8.63 1.17 30.63
CA ARG E 437 9.64 0.73 31.57
C ARG E 437 9.09 0.59 32.98
N ARG E 438 8.46 1.63 33.52
CA ARG E 438 7.89 1.62 34.86
C ARG E 438 6.50 2.25 34.83
N GLY E 439 5.67 1.81 33.88
CA GLY E 439 4.37 2.39 33.69
C GLY E 439 4.34 3.63 32.83
N LYS E 440 5.50 4.09 32.36
CA LYS E 440 5.64 5.26 31.51
C LYS E 440 6.52 4.91 30.32
N PRO E 441 6.35 5.59 29.19
CA PRO E 441 7.05 5.17 27.97
C PRO E 441 8.56 5.23 28.13
N SER E 442 9.24 4.30 27.48
CA SER E 442 10.69 4.18 27.59
C SER E 442 11.38 5.43 27.05
N THR E 443 12.68 5.52 27.31
CA THR E 443 13.42 6.73 26.97
C THR E 443 13.89 6.74 25.52
N HIS E 444 13.89 5.59 24.84
CA HIS E 444 14.49 5.52 23.52
C HIS E 444 13.63 6.20 22.45
N ASN E 445 12.30 6.19 22.62
CA ASN E 445 11.44 6.78 21.60
C ASN E 445 11.11 8.24 21.88
N ILE E 446 11.01 8.63 23.16
CA ILE E 446 10.73 10.03 23.48
C ILE E 446 11.93 10.90 23.14
N PHE E 447 13.14 10.44 23.48
CA PHE E 447 14.35 11.24 23.32
C PHE E 447 15.16 10.89 22.09
N GLY E 448 14.80 9.84 21.37
CA GLY E 448 15.60 9.41 20.23
C GLY E 448 16.68 8.44 20.62
N SER E 449 17.00 7.53 19.70
CA SER E 449 17.98 6.50 19.99
C SER E 449 19.38 7.08 20.14
N ALA E 450 19.71 8.08 19.32
CA ALA E 450 21.07 8.64 19.37
C ALA E 450 21.32 9.39 20.66
N GLN E 451 20.35 10.18 21.12
CA GLN E 451 20.56 10.99 22.31
C GLN E 451 20.66 10.14 23.57
N THR E 452 19.87 9.08 23.65
CA THR E 452 19.86 8.25 24.85
C THR E 452 21.20 7.55 25.06
N VAL E 453 21.81 7.06 23.98
CA VAL E 453 23.07 6.32 24.10
C VAL E 453 24.18 7.25 24.56
N ASN E 454 24.23 8.46 24.02
CA ASN E 454 25.29 9.40 24.39
C ASN E 454 25.23 9.77 25.87
N THR E 455 24.02 10.02 26.38
CA THR E 455 23.87 10.29 27.81
C THR E 455 24.23 9.07 28.64
N ALA E 456 23.86 7.87 28.16
CA ALA E 456 24.19 6.66 28.90
C ALA E 456 25.70 6.46 29.01
N THR E 457 26.42 6.72 27.92
CA THR E 457 27.88 6.61 27.97
C THR E 457 28.48 7.70 28.85
N TYR E 458 27.89 8.89 28.85
CA TYR E 458 28.41 9.97 29.66
C TYR E 458 28.23 9.69 31.15
N SER E 459 27.14 9.02 31.53
CA SER E 459 26.87 8.77 32.93
C SER E 459 27.94 7.89 33.56
N ILE E 460 28.42 6.89 32.83
CA ILE E 460 29.42 5.98 33.38
C ILE E 460 30.72 6.72 33.68
N ILE E 461 31.14 7.60 32.77
CA ILE E 461 32.36 8.37 32.99
C ILE E 461 32.21 9.27 34.21
N LYS E 462 31.04 9.88 34.37
CA LYS E 462 30.78 10.72 35.54
C LYS E 462 30.83 9.88 36.82
N ALA E 463 30.25 8.68 36.78
CA ALA E 463 30.29 7.81 37.95
C ALA E 463 31.71 7.36 38.26
N ILE E 464 32.49 7.04 37.23
CA ILE E 464 33.87 6.62 37.44
C ILE E 464 34.69 7.75 38.04
N GLY E 465 34.50 8.97 37.53
CA GLY E 465 35.19 10.11 38.09
C GLY E 465 34.80 10.37 39.54
N GLN E 466 33.53 10.15 39.87
CA GLN E 466 33.08 10.30 41.25
C GLN E 466 33.74 9.27 42.17
N ILE E 467 33.87 8.03 41.69
CA ILE E 467 34.49 6.99 42.51
C ILE E 467 35.96 7.31 42.75
N MET E 468 36.63 7.91 41.76
CA MET E 468 38.02 8.28 41.94
C MET E 468 38.20 9.24 43.11
N GLU E 469 37.27 10.17 43.28
CA GLU E 469 37.33 11.08 44.42
C GLU E 469 37.13 10.34 45.73
N PHE E 470 36.33 9.28 45.74
CA PHE E 470 36.05 8.55 46.96
C PHE E 470 37.31 7.89 47.52
N SER E 471 38.04 7.17 46.66
CA SER E 471 39.21 6.42 47.09
C SER E 471 40.35 6.67 46.12
N ALA E 472 41.55 6.88 46.67
CA ALA E 472 42.74 7.16 45.88
C ALA E 472 43.74 6.02 45.88
N GLY E 473 43.94 5.34 47.02
CA GLY E 473 44.82 4.19 47.04
C GLY E 473 44.32 3.04 46.18
N GLU E 474 43.03 3.04 45.88
CA GLU E 474 42.47 2.10 44.92
C GLU E 474 43.24 2.17 43.60
N SER E 475 43.86 1.05 43.24
CA SER E 475 44.64 0.97 42.02
C SER E 475 43.68 0.68 40.85
N VAL E 476 44.24 0.38 39.67
CA VAL E 476 43.40 0.18 38.49
C VAL E 476 42.38 -0.93 38.74
N GLN E 477 42.78 -1.97 39.48
CA GLN E 477 41.88 -3.07 39.76
C GLN E 477 40.85 -2.67 40.82
N GLU E 478 39.88 -3.56 41.02
CA GLU E 478 38.88 -3.48 42.08
C GLU E 478 37.83 -2.41 41.82
N VAL E 479 38.04 -1.55 40.82
CA VAL E 479 37.01 -0.60 40.42
C VAL E 479 36.82 -0.67 38.91
N MET E 480 37.91 -0.49 38.16
CA MET E 480 37.81 -0.48 36.71
C MET E 480 37.59 -1.88 36.15
N ASN E 481 38.19 -2.89 36.79
CA ASN E 481 38.03 -4.26 36.31
C ASN E 481 36.59 -4.73 36.43
N SER E 482 35.90 -4.33 37.51
CA SER E 482 34.51 -4.73 37.68
C SER E 482 33.61 -4.11 36.61
N ILE E 483 33.91 -2.88 36.19
CA ILE E 483 33.17 -2.28 35.10
C ILE E 483 33.48 -2.99 33.78
N MET E 484 34.75 -3.33 33.56
CA MET E 484 35.12 -3.98 32.32
C MET E 484 34.49 -5.37 32.20
N ILE E 485 34.53 -6.15 33.28
CA ILE E 485 33.92 -7.48 33.25
C ILE E 485 32.40 -7.36 33.17
N LEU E 486 31.85 -6.24 33.60
CA LEU E 486 30.42 -6.01 33.51
C LEU E 486 29.97 -5.98 32.06
N PHE E 487 30.74 -5.31 31.19
CA PHE E 487 30.39 -5.24 29.78
C PHE E 487 30.65 -6.57 29.08
N GLN E 488 31.61 -7.35 29.59
CA GLN E 488 31.87 -8.67 29.01
C GLN E 488 30.66 -9.58 29.16
N GLY E 489 29.99 -9.52 30.31
CA GLY E 489 28.78 -10.29 30.50
C GLY E 489 27.64 -9.81 29.62
N GLN E 490 27.48 -8.49 29.52
CA GLN E 490 26.40 -7.95 28.69
C GLN E 490 26.63 -8.26 27.22
N ALA E 491 27.89 -8.34 26.80
CA ALA E 491 28.19 -8.69 25.42
C ALA E 491 27.87 -10.15 25.12
N MET E 492 28.07 -11.04 26.10
CA MET E 492 27.78 -12.45 25.88
C MET E 492 26.30 -12.67 25.62
N ASP E 493 25.44 -11.99 26.38
CA ASP E 493 24.00 -12.14 26.19
C ASP E 493 23.56 -11.64 24.82
N LEU E 494 24.10 -10.50 24.39
CA LEU E 494 23.69 -9.93 23.12
C LEU E 494 24.13 -10.80 21.94
N PHE E 495 25.28 -11.46 22.09
CA PHE E 495 25.75 -12.37 21.04
C PHE E 495 24.84 -13.58 20.91
N TRP E 496 24.36 -14.10 22.03
CA TRP E 496 23.53 -15.30 22.01
C TRP E 496 22.17 -15.03 21.36
N THR E 497 21.57 -13.88 21.65
CA THR E 497 20.25 -13.57 21.10
C THR E 497 20.31 -13.12 19.65
N TYR E 498 21.51 -12.94 19.09
CA TYR E 498 21.65 -12.52 17.70
C TYR E 498 22.14 -13.62 16.78
N ASN E 499 22.96 -14.55 17.28
CA ASN E 499 23.53 -15.60 16.45
C ASN E 499 23.18 -17.01 16.94
N GLY E 500 22.21 -17.15 17.84
CA GLY E 500 21.82 -18.47 18.30
C GLY E 500 22.74 -18.96 19.39
N HIS E 501 23.28 -20.17 19.21
CA HIS E 501 24.21 -20.78 20.15
C HIS E 501 23.58 -20.90 21.54
N VAL E 502 22.56 -21.75 21.59
CA VAL E 502 21.81 -22.07 22.81
C VAL E 502 22.79 -22.33 23.95
N PRO E 503 22.79 -21.52 25.00
CA PRO E 503 23.77 -21.69 26.08
C PRO E 503 23.47 -22.92 26.92
N SER E 504 24.52 -23.40 27.60
CA SER E 504 24.37 -24.45 28.58
C SER E 504 24.13 -23.83 29.96
N GLU E 505 23.82 -24.67 30.95
CA GLU E 505 23.53 -24.17 32.29
C GLU E 505 24.77 -23.53 32.91
N GLU E 506 25.94 -24.14 32.73
CA GLU E 506 27.16 -23.57 33.29
C GLU E 506 27.49 -22.23 32.62
N GLU E 507 27.35 -22.15 31.31
CA GLU E 507 27.64 -20.90 30.61
C GLU E 507 26.64 -19.81 31.00
N TYR E 508 25.37 -20.17 31.13
CA TYR E 508 24.36 -19.17 31.50
C TYR E 508 24.61 -18.62 32.89
N TYR E 509 25.01 -19.48 33.83
CA TYR E 509 25.30 -19.02 35.17
C TYR E 509 26.51 -18.09 35.19
N ARG E 510 27.48 -18.35 34.31
CA ARG E 510 28.66 -17.49 34.24
C ARG E 510 28.29 -16.09 33.76
N MET E 511 27.39 -16.00 32.79
CA MET E 511 26.97 -14.70 32.28
C MET E 511 26.22 -13.90 33.32
N ILE E 512 25.42 -14.58 34.15
CA ILE E 512 24.58 -13.89 35.13
C ILE E 512 25.44 -13.18 36.16
N ASP E 513 26.46 -13.87 36.68
CA ASP E 513 27.28 -13.28 37.73
C ASP E 513 28.11 -12.12 37.18
N GLN E 514 28.55 -12.23 35.92
CA GLN E 514 29.34 -11.18 35.32
C GLN E 514 28.51 -9.93 35.05
N LYS E 515 27.21 -10.09 34.80
CA LYS E 515 26.37 -8.98 34.38
C LYS E 515 25.57 -8.37 35.52
N THR E 516 24.99 -9.17 36.40
CA THR E 516 24.15 -8.68 37.49
C THR E 516 24.88 -8.68 38.83
N GLY E 517 25.62 -9.74 39.14
CA GLY E 517 26.30 -9.83 40.42
C GLY E 517 27.50 -8.93 40.56
N GLN E 518 27.98 -8.33 39.48
CA GLN E 518 29.15 -7.46 39.58
C GLN E 518 28.80 -6.10 40.18
N LEU E 519 27.54 -5.67 40.04
CA LEU E 519 27.13 -4.41 40.66
C LEU E 519 27.23 -4.49 42.18
N PHE E 520 26.78 -5.61 42.75
CA PHE E 520 26.90 -5.79 44.20
C PHE E 520 28.35 -5.92 44.62
N SER E 521 29.19 -6.46 43.74
CA SER E 521 30.61 -6.60 44.06
C SER E 521 31.28 -5.24 44.22
N ILE E 522 30.92 -4.27 43.37
CA ILE E 522 31.50 -2.94 43.48
C ILE E 522 31.14 -2.30 44.80
N ALA E 523 29.86 -2.40 45.19
CA ALA E 523 29.41 -1.77 46.42
C ALA E 523 30.08 -2.38 47.64
N THR E 524 30.21 -3.71 47.66
CA THR E 524 30.86 -4.36 48.79
C THR E 524 32.35 -4.07 48.82
N SER E 525 33.00 -4.05 47.66
CA SER E 525 34.44 -3.78 47.61
C SER E 525 34.74 -2.38 48.11
N LEU E 526 33.95 -1.39 47.68
CA LEU E 526 34.18 -0.03 48.13
C LEU E 526 33.88 0.12 49.61
N LEU E 527 32.79 -0.48 50.09
CA LEU E 527 32.43 -0.38 51.49
C LEU E 527 33.47 -1.07 52.37
N LEU E 528 33.94 -2.25 51.97
CA LEU E 528 34.94 -2.96 52.75
C LEU E 528 36.24 -2.17 52.84
N ASN E 529 36.66 -1.55 51.73
CA ASN E 529 37.87 -0.75 51.74
C ASN E 529 37.70 0.47 52.64
N ALA E 530 36.55 1.14 52.54
CA ALA E 530 36.34 2.36 53.31
C ALA E 530 36.34 2.08 54.80
N ALA E 531 35.69 0.99 55.23
CA ALA E 531 35.62 0.66 56.64
C ALA E 531 36.94 0.05 57.12
N LEU E 544 30.55 -9.86 52.25
CA LEU E 544 31.73 -10.60 51.80
C LEU E 544 31.63 -10.90 50.31
N HIS E 545 32.27 -11.99 49.88
CA HIS E 545 32.30 -12.32 48.46
C HIS E 545 31.13 -13.19 48.06
N ARG E 546 30.99 -14.37 48.68
CA ARG E 546 29.91 -15.28 48.32
C ARG E 546 28.55 -14.75 48.73
N LEU E 547 28.49 -13.77 49.64
CA LEU E 547 27.22 -13.13 49.94
C LEU E 547 26.67 -12.43 48.70
N THR E 548 27.55 -11.75 47.96
CA THR E 548 27.11 -11.06 46.75
C THR E 548 26.90 -12.03 45.60
N ARG E 549 27.74 -13.06 45.49
CA ARG E 549 27.63 -13.99 44.38
C ARG E 549 26.28 -14.71 44.39
N LEU E 550 25.90 -15.27 45.53
CA LEU E 550 24.61 -15.95 45.62
C LEU E 550 23.46 -14.97 45.45
N LEU E 551 23.57 -13.79 46.05
CA LEU E 551 22.52 -12.79 45.92
C LEU E 551 22.41 -12.28 44.49
N GLY E 552 23.55 -12.12 43.81
CA GLY E 552 23.51 -11.66 42.44
C GLY E 552 22.80 -12.63 41.52
N ARG E 553 23.07 -13.93 41.68
CA ARG E 553 22.39 -14.93 40.87
C ARG E 553 20.91 -15.00 41.21
N CYS E 554 20.56 -14.73 42.46
CA CYS E 554 19.16 -14.80 42.87
C CYS E 554 18.31 -13.79 42.13
N PHE E 555 18.83 -12.58 41.93
CA PHE E 555 18.03 -11.53 41.31
C PHE E 555 17.79 -11.80 39.84
N GLN E 556 18.85 -12.16 39.10
CA GLN E 556 18.69 -12.36 37.66
C GLN E 556 17.79 -13.55 37.36
N ILE E 557 17.89 -14.62 38.14
CA ILE E 557 16.98 -15.75 37.98
C ILE E 557 15.55 -15.31 38.28
N ARG E 558 15.37 -14.51 39.33
CA ARG E 558 14.04 -14.03 39.67
C ARG E 558 13.44 -13.18 38.54
N ASP E 559 14.24 -12.31 37.94
CA ASP E 559 13.73 -11.42 36.91
C ASP E 559 13.23 -12.21 35.70
N ASP E 560 14.00 -13.21 35.26
CA ASP E 560 13.59 -14.02 34.13
C ASP E 560 12.35 -14.85 34.47
N TYR E 561 12.31 -15.43 35.67
CA TYR E 561 11.14 -16.19 36.08
C TYR E 561 9.91 -15.29 36.24
N GLN E 562 10.10 -14.10 36.82
CA GLN E 562 8.98 -13.18 37.00
C GLN E 562 8.40 -12.70 35.67
N ASN E 563 9.19 -12.73 34.60
CA ASN E 563 8.70 -12.33 33.29
C ASN E 563 7.72 -13.35 32.69
N LEU E 564 7.74 -14.58 33.18
CA LEU E 564 6.86 -15.61 32.65
C LEU E 564 6.06 -16.27 33.76
N GLY E 582 12.79 -13.07 22.11
CA GLY E 582 13.73 -14.17 22.25
C GLY E 582 14.80 -13.93 23.29
N LYS E 583 14.45 -14.08 24.55
CA LYS E 583 15.37 -13.91 25.67
C LYS E 583 15.51 -15.24 26.41
N TRP E 584 16.76 -15.65 26.64
CA TRP E 584 17.00 -16.90 27.35
C TRP E 584 16.69 -16.75 28.83
N SER E 585 16.39 -17.87 29.47
CA SER E 585 16.06 -17.91 30.88
C SER E 585 16.36 -19.31 31.42
N LEU E 586 16.41 -19.42 32.75
CA LEU E 586 16.68 -20.72 33.37
C LEU E 586 15.59 -21.72 33.05
N ALA E 587 14.33 -21.30 33.10
CA ALA E 587 13.22 -22.21 32.80
C ALA E 587 13.27 -22.70 31.36
N LEU E 588 13.51 -21.78 30.43
CA LEU E 588 13.54 -22.16 29.01
C LEU E 588 14.73 -23.05 28.70
N ILE E 589 15.90 -22.71 29.25
CA ILE E 589 17.12 -23.41 28.85
C ILE E 589 17.14 -24.83 29.37
N HIS E 590 16.69 -25.04 30.61
CA HIS E 590 16.69 -26.38 31.19
C HIS E 590 15.78 -27.32 30.42
N MET E 591 14.64 -26.83 29.96
CA MET E 591 13.67 -27.70 29.28
C MET E 591 14.22 -28.19 27.94
N ILE E 592 15.15 -27.45 27.34
CA ILE E 592 15.76 -27.86 26.09
C ILE E 592 16.88 -28.85 26.36
N SER E 597 10.88 -33.90 24.75
CA SER E 597 10.41 -33.20 23.56
C SER E 597 11.05 -31.83 23.45
N HIS E 598 12.35 -31.80 23.13
CA HIS E 598 13.08 -30.56 22.98
C HIS E 598 13.44 -30.21 21.54
N MET E 599 13.47 -31.20 20.64
CA MET E 599 13.81 -30.91 19.25
C MET E 599 12.76 -30.02 18.60
N ALA E 600 11.50 -30.16 19.02
CA ALA E 600 10.44 -29.32 18.47
C ALA E 600 10.63 -27.86 18.86
N LEU E 601 11.09 -27.62 20.09
CA LEU E 601 11.25 -26.24 20.56
C LEU E 601 12.35 -25.51 19.80
N LEU E 602 13.42 -26.22 19.43
CA LEU E 602 14.53 -25.58 18.73
C LEU E 602 14.08 -25.01 17.39
N ASN E 603 13.24 -25.75 16.66
CA ASN E 603 12.78 -25.28 15.37
C ASN E 603 11.75 -24.16 15.51
N VAL E 604 10.90 -24.23 16.54
CA VAL E 604 9.88 -23.22 16.71
C VAL E 604 10.50 -21.89 17.12
N LEU E 605 11.65 -21.93 17.80
CA LEU E 605 12.35 -20.70 18.16
C LEU E 605 12.99 -20.06 16.94
N SER E 606 13.62 -20.86 16.08
CA SER E 606 14.26 -20.33 14.89
C SER E 606 13.22 -19.83 13.89
N THR E 607 12.04 -20.43 13.88
CA THR E 607 10.98 -19.97 12.97
C THR E 607 10.55 -18.55 13.29
N GLY E 608 10.34 -18.25 14.56
CA GLY E 608 9.98 -16.89 14.94
C GLY E 608 11.10 -15.89 14.73
N ARG E 609 12.34 -16.32 14.94
CA ARG E 609 13.48 -15.42 14.83
C ARG E 609 13.67 -14.88 13.41
N LYS E 610 13.14 -15.56 12.41
CA LYS E 610 13.29 -15.12 11.03
C LYS E 610 11.97 -14.59 10.48
N THR E 615 0.61 -16.42 16.33
CA THR E 615 1.83 -17.15 16.65
C THR E 615 2.01 -17.27 18.15
N LEU E 616 3.06 -17.97 18.56
CA LEU E 616 3.47 -18.10 19.96
C LEU E 616 2.41 -18.82 20.81
N GLU E 617 1.60 -19.68 20.19
CA GLU E 617 0.62 -20.43 20.97
C GLU E 617 1.26 -21.58 21.73
N GLN E 618 2.34 -22.14 21.19
CA GLN E 618 2.89 -23.38 21.76
C GLN E 618 3.98 -23.13 22.79
N LYS E 619 4.58 -21.94 22.81
CA LYS E 619 5.70 -21.69 23.71
C LYS E 619 5.28 -21.86 25.17
N GLN E 620 4.29 -21.08 25.61
CA GLN E 620 3.85 -21.19 27.00
C GLN E 620 3.11 -22.49 27.25
N PHE E 621 2.48 -23.05 26.22
CA PHE E 621 1.67 -24.26 26.40
C PHE E 621 2.51 -25.49 26.69
N VAL E 622 3.81 -25.44 26.36
CA VAL E 622 4.66 -26.61 26.58
C VAL E 622 5.44 -26.51 27.89
N LEU E 623 5.62 -25.31 28.44
CA LEU E 623 6.26 -25.19 29.75
C LEU E 623 5.42 -25.86 30.83
N ASP E 624 4.11 -25.66 30.78
CA ASP E 624 3.22 -26.17 31.82
C ASP E 624 2.90 -27.65 31.66
N ILE E 625 3.36 -28.29 30.59
CA ILE E 625 3.21 -29.73 30.40
C ILE E 625 4.62 -30.29 30.18
N ILE E 626 5.27 -30.65 31.27
CA ILE E 626 6.60 -31.25 31.24
C ILE E 626 6.65 -32.33 32.31
N GLU E 627 7.26 -33.48 31.99
CA GLU E 627 7.35 -34.58 32.93
C GLU E 627 8.12 -34.20 34.20
N GLU E 628 8.93 -33.15 34.15
CA GLU E 628 9.71 -32.69 35.30
C GLU E 628 9.13 -31.43 35.92
N GLU E 629 8.85 -30.41 35.12
CA GLU E 629 8.35 -29.12 35.62
C GLU E 629 6.99 -28.83 34.98
N LYS E 630 5.92 -29.19 35.69
CA LYS E 630 4.57 -28.95 35.21
C LYS E 630 4.09 -27.53 35.47
N SER E 631 4.76 -26.78 36.34
CA SER E 631 4.40 -25.40 36.64
C SER E 631 5.65 -24.54 36.80
N LEU E 632 6.61 -24.72 35.90
CA LEU E 632 7.92 -24.07 36.02
C LEU E 632 8.55 -24.39 37.37
N ASP E 633 8.48 -25.66 37.76
CA ASP E 633 8.92 -26.08 39.08
C ASP E 633 10.43 -25.93 39.26
N TYR E 634 11.19 -25.96 38.16
CA TYR E 634 12.64 -25.87 38.28
C TYR E 634 13.07 -24.52 38.86
N THR E 635 12.43 -23.43 38.42
CA THR E 635 12.84 -22.11 38.87
C THR E 635 12.70 -21.97 40.38
N ARG E 636 11.58 -22.41 40.94
CA ARG E 636 11.42 -22.35 42.39
C ARG E 636 12.26 -23.39 43.11
N SER E 637 12.62 -24.48 42.41
CA SER E 637 13.47 -25.50 43.02
C SER E 637 14.88 -24.97 43.26
N VAL E 638 15.49 -24.37 42.24
CA VAL E 638 16.85 -23.85 42.39
C VAL E 638 16.85 -22.63 43.30
N MET E 639 15.81 -21.81 43.23
CA MET E 639 15.73 -20.61 44.06
C MET E 639 15.78 -20.96 45.54
N MET E 640 15.07 -22.03 45.93
CA MET E 640 15.08 -22.45 47.33
C MET E 640 16.46 -22.95 47.75
N ASP E 641 17.15 -23.69 46.87
CA ASP E 641 18.47 -24.18 47.21
C ASP E 641 19.46 -23.03 47.40
N LEU E 642 19.28 -21.95 46.65
CA LEU E 642 20.14 -20.77 46.83
C LEU E 642 19.98 -20.19 48.23
N HIS E 643 18.73 -20.10 48.72
CA HIS E 643 18.47 -19.44 49.98
C HIS E 643 19.11 -20.17 51.16
N VAL E 644 19.02 -21.51 51.16
CA VAL E 644 19.56 -22.28 52.27
C VAL E 644 21.06 -22.09 52.36
N GLN E 645 21.77 -22.17 51.23
CA GLN E 645 23.20 -21.91 51.23
C GLN E 645 23.50 -20.46 51.59
N LEU E 646 22.68 -19.53 51.09
CA LEU E 646 22.88 -18.12 51.41
C LEU E 646 22.64 -17.86 52.90
N ARG E 647 21.63 -18.52 53.48
CA ARG E 647 21.31 -18.30 54.89
C ARG E 647 22.46 -18.74 55.79
N ALA E 648 23.22 -19.74 55.37
CA ALA E 648 24.43 -20.10 56.11
C ALA E 648 25.46 -18.98 56.06
N GLU E 649 25.55 -18.29 54.93
CA GLU E 649 26.52 -17.21 54.79
C GLU E 649 26.11 -15.98 55.59
N ILE E 650 24.83 -15.87 55.93
CA ILE E 650 24.35 -14.70 56.66
C ILE E 650 25.03 -14.62 58.03
N GLY E 651 25.16 -15.76 58.71
CA GLY E 651 25.85 -15.76 59.99
C GLY E 651 27.31 -15.35 59.87
N ARG E 652 27.99 -15.85 58.84
CA ARG E 652 29.39 -15.52 58.63
C ARG E 652 29.55 -14.06 58.20
N ASP E 658 30.95 -10.95 65.87
CA ASP E 658 30.04 -9.83 65.71
C ASP E 658 28.64 -10.20 66.20
N SER E 659 27.63 -9.52 65.65
CA SER E 659 26.24 -9.76 65.99
C SER E 659 25.43 -9.94 64.72
N PRO E 660 24.39 -10.79 64.76
CA PRO E 660 23.55 -10.99 63.57
C PRO E 660 22.62 -9.81 63.34
N ASN E 661 22.88 -9.05 62.28
CA ASN E 661 22.01 -7.93 61.97
C ASN E 661 20.73 -8.42 61.31
N PRO E 662 19.58 -7.82 61.66
CA PRO E 662 18.33 -8.18 61.00
C PRO E 662 18.17 -7.58 59.61
N ALA E 663 19.05 -6.66 59.21
CA ALA E 663 18.87 -5.96 57.95
C ALA E 663 18.89 -6.91 56.76
N MET E 664 19.81 -7.89 56.79
CA MET E 664 19.82 -8.90 55.74
C MET E 664 18.58 -9.78 55.79
N ARG E 665 18.08 -10.07 56.99
CA ARG E 665 16.91 -10.94 57.12
C ARG E 665 15.69 -10.31 56.44
N LEU E 666 15.50 -9.00 56.64
CA LEU E 666 14.40 -8.31 55.97
C LEU E 666 14.60 -8.30 54.45
N LEU E 667 15.85 -8.29 54.00
CA LEU E 667 16.13 -8.30 52.57
C LEU E 667 15.63 -9.61 51.93
N LEU E 668 15.87 -10.73 52.60
CA LEU E 668 15.51 -12.03 52.01
C LEU E 668 14.01 -12.17 51.83
N GLU E 669 13.23 -11.74 52.83
CA GLU E 669 11.78 -11.88 52.74
C GLU E 669 11.20 -11.06 51.61
N LEU E 670 11.90 -10.00 51.18
CA LEU E 670 11.45 -9.23 50.03
C LEU E 670 11.65 -10.00 48.73
N LEU E 671 12.70 -10.83 48.66
CA LEU E 671 12.93 -11.62 47.45
C LEU E 671 11.83 -12.64 47.23
N ARG E 672 11.36 -13.29 48.29
CA ARG E 672 10.30 -14.28 48.18
C ARG E 672 9.42 -14.28 49.42
N PHE F 371 35.14 -18.98 22.57
CA PHE F 371 34.60 -17.65 22.18
C PHE F 371 34.24 -16.87 23.44
N GLU F 372 35.10 -15.94 23.86
CA GLU F 372 34.72 -15.10 25.03
C GLU F 372 35.14 -13.66 24.76
N LYS F 373 36.44 -13.40 24.81
CA LYS F 373 36.97 -12.06 24.58
C LYS F 373 36.67 -11.59 23.16
N ALA F 374 36.60 -12.51 22.21
CA ALA F 374 36.38 -12.13 20.82
C ALA F 374 35.01 -11.48 20.63
N VAL F 375 34.01 -11.94 21.37
CA VAL F 375 32.67 -11.39 21.22
C VAL F 375 32.65 -9.92 21.62
N LEU F 376 33.31 -9.58 22.72
CA LEU F 376 33.30 -8.19 23.20
C LEU F 376 34.05 -7.27 22.25
N GLU F 377 35.16 -7.73 21.70
CA GLU F 377 36.02 -6.90 20.86
C GLU F 377 35.81 -7.13 19.37
N ALA F 378 34.79 -7.89 18.99
CA ALA F 378 34.55 -8.11 17.56
C ALA F 378 34.30 -6.83 16.78
N PRO F 379 33.46 -5.89 17.25
CA PRO F 379 33.25 -4.68 16.44
C PRO F 379 34.44 -3.71 16.48
N TYR F 380 35.20 -3.69 17.57
CA TYR F 380 36.32 -2.75 17.64
C TYR F 380 37.44 -3.14 16.69
N ASP F 381 37.84 -4.42 16.70
CA ASP F 381 38.89 -4.85 15.77
C ASP F 381 38.43 -4.79 14.32
N TYR F 382 37.12 -4.75 14.08
CA TYR F 382 36.64 -4.56 12.73
C TYR F 382 36.98 -3.17 12.23
N ILE F 383 36.75 -2.15 13.06
CA ILE F 383 37.09 -0.78 12.68
C ILE F 383 38.61 -0.59 12.70
N ALA F 384 39.28 -1.16 13.70
CA ALA F 384 40.73 -1.03 13.78
C ALA F 384 41.44 -1.75 12.66
N SER F 385 40.85 -2.80 12.10
CA SER F 385 41.44 -3.45 10.92
C SER F 385 41.32 -2.60 9.68
N MET F 386 40.45 -1.59 9.68
CA MET F 386 40.31 -0.68 8.56
C MET F 386 41.42 0.34 8.60
N PRO F 387 42.32 0.34 7.61
CA PRO F 387 43.43 1.31 7.60
C PRO F 387 42.99 2.67 7.06
N SER F 388 42.93 3.64 7.96
CA SER F 388 42.58 5.01 7.60
C SER F 388 43.85 5.85 7.50
N LYS F 389 43.67 7.14 7.25
CA LYS F 389 44.78 8.07 7.13
C LYS F 389 45.15 8.59 8.51
N GLY F 390 46.35 8.28 8.97
CA GLY F 390 46.79 8.72 10.27
C GLY F 390 47.18 10.18 10.30
N VAL F 391 46.39 11.00 10.99
CA VAL F 391 46.65 12.42 11.12
C VAL F 391 47.05 12.79 12.55
N ARG F 392 46.37 12.24 13.55
CA ARG F 392 46.79 12.49 14.93
C ARG F 392 48.09 11.77 15.25
N ASP F 393 48.37 10.69 14.50
CA ASP F 393 49.67 10.00 14.69
C ASP F 393 50.77 11.00 14.30
N GLN F 394 50.62 11.68 13.17
CA GLN F 394 51.60 12.68 12.77
C GLN F 394 51.67 13.81 13.78
N PHE F 395 50.52 14.26 14.28
CA PHE F 395 50.49 15.40 15.20
C PHE F 395 51.21 15.07 16.50
N ILE F 396 50.99 13.88 17.05
CA ILE F 396 51.64 13.52 18.30
C ILE F 396 53.14 13.35 18.09
N ASP F 397 53.55 12.93 16.89
CA ASP F 397 54.98 12.89 16.58
C ASP F 397 55.49 14.30 16.30
N ALA F 398 54.63 15.17 15.75
CA ALA F 398 55.02 16.54 15.51
C ALA F 398 55.27 17.30 16.82
N LEU F 399 54.44 17.05 17.83
CA LEU F 399 54.66 17.67 19.12
C LEU F 399 55.82 17.04 19.87
N ASN F 400 56.20 15.83 19.48
CA ASN F 400 57.29 15.13 20.16
C ASN F 400 58.61 15.87 20.01
N ASP F 401 58.90 16.31 18.78
CA ASP F 401 60.19 17.00 18.52
C ASP F 401 60.34 18.20 19.46
N TRP F 402 59.26 18.94 19.69
CA TRP F 402 59.36 20.15 20.51
C TRP F 402 59.69 19.80 21.96
N LEU F 403 59.06 18.75 22.50
CA LEU F 403 59.23 18.36 23.88
C LEU F 403 59.72 16.91 23.92
N ARG F 404 61.01 16.74 24.19
CA ARG F 404 61.60 15.40 24.18
C ARG F 404 60.91 14.50 25.21
N VAL F 405 60.57 13.30 24.77
CA VAL F 405 59.90 12.31 25.61
C VAL F 405 60.27 10.92 25.09
N PRO F 406 60.60 9.97 25.96
CA PRO F 406 61.06 8.66 25.49
C PRO F 406 60.03 7.97 24.60
N ASP F 407 60.53 7.27 23.59
CA ASP F 407 59.65 6.62 22.62
C ASP F 407 58.81 5.52 23.28
N VAL F 408 59.27 4.97 24.41
CA VAL F 408 58.50 3.95 25.10
C VAL F 408 57.18 4.52 25.58
N LYS F 409 57.21 5.72 26.17
CA LYS F 409 55.98 6.35 26.63
C LYS F 409 55.15 6.87 25.47
N VAL F 410 55.82 7.36 24.41
CA VAL F 410 55.10 7.98 23.30
C VAL F 410 54.14 6.98 22.67
N GLY F 411 54.55 5.71 22.59
CA GLY F 411 53.65 4.70 22.06
C GLY F 411 52.41 4.50 22.91
N LYS F 412 52.52 4.82 24.21
CA LYS F 412 51.37 4.63 25.09
C LYS F 412 50.24 5.60 24.77
N ILE F 413 50.57 6.89 24.62
CA ILE F 413 49.52 7.87 24.31
C ILE F 413 48.97 7.64 22.92
N LYS F 414 49.81 7.24 21.96
CA LYS F 414 49.34 7.04 20.60
C LYS F 414 48.30 5.92 20.55
N ASP F 415 48.55 4.82 21.28
CA ASP F 415 47.59 3.73 21.30
C ASP F 415 46.36 4.09 22.14
N ALA F 416 46.57 4.77 23.27
CA ALA F 416 45.44 5.17 24.11
C ALA F 416 44.52 6.13 23.38
N VAL F 417 45.09 7.10 22.66
CA VAL F 417 44.28 8.03 21.89
C VAL F 417 43.60 7.31 20.72
N ARG F 418 44.28 6.33 20.13
CA ARG F 418 43.70 5.62 18.99
C ARG F 418 42.44 4.87 19.40
N VAL F 419 42.42 4.30 20.60
CA VAL F 419 41.25 3.56 21.06
C VAL F 419 40.05 4.47 21.19
N LEU F 420 40.24 5.66 21.76
CA LEU F 420 39.13 6.60 21.93
C LEU F 420 38.58 7.06 20.58
N HIS F 421 39.48 7.33 19.62
CA HIS F 421 39.03 7.75 18.30
C HIS F 421 38.25 6.65 17.59
N ASN F 422 38.73 5.40 17.69
CA ASN F 422 38.03 4.29 17.07
C ASN F 422 36.66 4.08 17.69
N SER F 423 36.57 4.20 19.02
CA SER F 423 35.28 4.07 19.69
C SER F 423 34.32 5.17 19.27
N SER F 424 34.82 6.39 19.14
CA SER F 424 33.96 7.49 18.70
C SER F 424 33.44 7.26 17.29
N LEU F 425 34.27 6.68 16.42
CA LEU F 425 33.81 6.34 15.08
C LEU F 425 32.69 5.30 15.12
N LEU F 426 32.77 4.36 16.05
CA LEU F 426 31.72 3.37 16.21
C LEU F 426 30.40 4.04 16.61
N LEU F 427 30.47 5.00 17.52
CA LEU F 427 29.26 5.65 18.01
C LEU F 427 28.68 6.59 16.97
N ASP F 428 29.54 7.37 16.30
CA ASP F 428 29.07 8.34 15.33
C ASP F 428 28.37 7.65 14.16
N ASP F 429 28.94 6.53 13.69
CA ASP F 429 28.36 5.85 12.54
C ASP F 429 26.97 5.33 12.85
N PHE F 430 26.77 4.77 14.05
CA PHE F 430 25.46 4.23 14.40
C PHE F 430 24.41 5.32 14.48
N GLN F 431 24.75 6.44 15.12
CA GLN F 431 23.78 7.53 15.29
C GLN F 431 23.41 8.17 13.96
N ASP F 432 24.39 8.33 13.07
CA ASP F 432 24.16 9.00 11.78
C ASP F 432 23.64 8.06 10.71
N ASN F 433 23.50 6.76 11.02
CA ASN F 433 22.97 5.77 10.08
C ASN F 433 23.74 5.77 8.75
N SER F 434 25.06 5.89 8.85
CA SER F 434 25.89 5.86 7.65
C SER F 434 25.91 4.45 7.08
N PRO F 435 25.55 4.25 5.82
CA PRO F 435 25.54 2.89 5.27
C PRO F 435 26.93 2.27 5.20
N LEU F 436 27.88 2.96 4.57
CA LEU F 436 29.25 2.49 4.46
C LEU F 436 30.18 3.57 5.01
N ARG F 437 31.23 3.14 5.70
CA ARG F 437 32.19 4.11 6.24
C ARG F 437 33.10 4.62 5.13
N ARG F 438 33.93 3.74 4.57
CA ARG F 438 34.69 4.07 3.37
C ARG F 438 34.85 2.84 2.47
N GLY F 439 33.77 2.08 2.29
CA GLY F 439 33.80 0.98 1.36
C GLY F 439 33.24 -0.33 1.88
N LYS F 440 33.48 -0.62 3.15
CA LYS F 440 32.87 -1.78 3.77
C LYS F 440 31.65 -1.36 4.57
N PRO F 441 30.69 -2.26 4.76
CA PRO F 441 29.48 -1.90 5.50
C PRO F 441 29.80 -1.45 6.93
N SER F 442 29.03 -0.48 7.41
CA SER F 442 29.25 0.06 8.74
C SER F 442 28.98 -1.01 9.80
N THR F 443 29.62 -0.82 10.96
CA THR F 443 29.48 -1.78 12.04
C THR F 443 28.04 -1.86 12.53
N HIS F 444 27.25 -0.81 12.30
CA HIS F 444 25.83 -0.87 12.65
C HIS F 444 25.11 -1.91 11.82
N ASN F 445 25.48 -2.05 10.55
CA ASN F 445 24.85 -3.00 9.65
C ASN F 445 25.58 -4.34 9.60
N ILE F 446 26.65 -4.51 10.37
CA ILE F 446 27.45 -5.73 10.35
C ILE F 446 27.24 -6.54 11.64
N PHE F 447 27.34 -5.89 12.79
CA PHE F 447 27.23 -6.56 14.07
C PHE F 447 25.95 -6.20 14.83
N GLY F 448 25.06 -5.44 14.23
CA GLY F 448 23.83 -5.04 14.89
C GLY F 448 24.03 -3.81 15.77
N SER F 449 22.92 -3.13 16.03
CA SER F 449 22.99 -1.88 16.80
C SER F 449 23.27 -2.15 18.27
N ALA F 450 22.86 -3.31 18.78
CA ALA F 450 23.03 -3.61 20.20
C ALA F 450 24.49 -3.82 20.54
N GLN F 451 25.22 -4.57 19.71
CA GLN F 451 26.58 -4.95 20.06
C GLN F 451 27.56 -3.79 19.88
N THR F 452 27.35 -2.95 18.86
CA THR F 452 28.32 -1.89 18.57
C THR F 452 28.35 -0.86 19.68
N VAL F 453 27.19 -0.55 20.28
CA VAL F 453 27.16 0.39 21.39
C VAL F 453 27.86 -0.19 22.61
N ASN F 454 27.64 -1.48 22.87
CA ASN F 454 28.21 -2.10 24.06
C ASN F 454 29.74 -2.09 24.01
N THR F 455 30.32 -2.41 22.86
CA THR F 455 31.77 -2.42 22.76
C THR F 455 32.34 -1.01 22.71
N ALA F 456 31.56 -0.03 22.24
CA ALA F 456 32.03 1.35 22.23
C ALA F 456 32.24 1.86 23.65
N THR F 457 31.30 1.56 24.54
CA THR F 457 31.44 1.99 25.93
C THR F 457 32.54 1.22 26.64
N TYR F 458 32.68 -0.06 26.32
CA TYR F 458 33.73 -0.87 26.95
C TYR F 458 35.11 -0.39 26.55
N SER F 459 35.30 -0.03 25.27
CA SER F 459 36.61 0.39 24.81
C SER F 459 37.02 1.71 25.45
N ILE F 460 36.05 2.60 25.71
CA ILE F 460 36.36 3.87 26.36
C ILE F 460 36.85 3.63 27.77
N ILE F 461 36.19 2.74 28.52
CA ILE F 461 36.61 2.45 29.89
C ILE F 461 37.99 1.81 29.90
N LYS F 462 38.27 0.93 28.95
CA LYS F 462 39.60 0.35 28.84
C LYS F 462 40.63 1.43 28.50
N ALA F 463 40.24 2.42 27.70
CA ALA F 463 41.15 3.50 27.35
C ALA F 463 41.54 4.31 28.58
N ILE F 464 40.56 4.62 29.45
CA ILE F 464 40.84 5.40 30.65
C ILE F 464 41.75 4.62 31.58
N GLY F 465 41.46 3.33 31.79
CA GLY F 465 42.32 2.53 32.63
C GLY F 465 43.73 2.41 32.09
N GLN F 466 43.86 2.35 30.77
CA GLN F 466 45.19 2.32 30.16
C GLN F 466 45.95 3.62 30.45
N ILE F 467 45.25 4.75 30.38
CA ILE F 467 45.89 6.04 30.66
C ILE F 467 46.32 6.10 32.11
N MET F 468 45.49 5.61 33.02
CA MET F 468 45.76 5.72 34.44
C MET F 468 46.92 4.82 34.87
N GLU F 469 47.03 3.63 34.27
CA GLU F 469 47.92 2.61 34.82
C GLU F 469 49.38 2.98 34.59
N PHE F 470 49.75 3.42 33.39
CA PHE F 470 51.15 3.70 33.12
C PHE F 470 51.40 5.09 32.56
N SER F 471 50.50 5.62 31.73
CA SER F 471 50.75 6.90 31.08
C SER F 471 50.88 8.01 32.12
N ALA F 472 49.98 8.05 33.09
CA ALA F 472 50.00 9.08 34.12
C ALA F 472 49.11 8.67 35.27
N GLY F 473 49.55 8.94 36.50
CA GLY F 473 48.77 8.59 37.67
C GLY F 473 48.55 9.72 38.65
N GLU F 474 49.36 10.77 38.57
CA GLU F 474 49.27 11.84 39.56
C GLU F 474 48.08 12.75 39.31
N SER F 475 47.74 13.01 38.05
CA SER F 475 46.62 13.89 37.69
C SER F 475 45.77 13.16 36.66
N VAL F 476 44.83 12.36 37.16
CA VAL F 476 43.91 11.63 36.29
C VAL F 476 42.60 12.37 36.09
N GLN F 477 42.28 13.35 36.95
CA GLN F 477 41.04 14.10 36.81
C GLN F 477 41.02 14.91 35.52
N GLU F 478 42.19 15.38 35.07
CA GLU F 478 42.23 16.15 33.84
C GLU F 478 41.82 15.32 32.64
N VAL F 479 42.28 14.06 32.57
CA VAL F 479 41.91 13.18 31.48
C VAL F 479 40.41 12.91 31.51
N MET F 480 39.86 12.66 32.71
CA MET F 480 38.43 12.44 32.84
C MET F 480 37.64 13.67 32.42
N ASN F 481 38.09 14.85 32.83
CA ASN F 481 37.39 16.07 32.50
C ASN F 481 37.39 16.32 30.99
N SER F 482 38.52 16.03 30.33
CA SER F 482 38.59 16.21 28.89
C SER F 482 37.65 15.26 28.16
N ILE F 483 37.56 14.01 28.60
CA ILE F 483 36.65 13.06 27.97
C ILE F 483 35.21 13.47 28.21
N MET F 484 34.92 14.00 29.40
CA MET F 484 33.55 14.38 29.73
C MET F 484 33.04 15.48 28.81
N ILE F 485 33.88 16.46 28.51
CA ILE F 485 33.42 17.59 27.70
C ILE F 485 33.20 17.17 26.24
N LEU F 486 33.78 16.06 25.83
CA LEU F 486 33.53 15.55 24.48
C LEU F 486 32.06 15.23 24.28
N PHE F 487 31.44 14.62 25.29
CA PHE F 487 30.07 14.13 25.13
C PHE F 487 29.06 15.26 25.18
N GLN F 488 29.35 16.33 25.92
CA GLN F 488 28.37 17.40 26.04
C GLN F 488 28.31 18.20 24.75
N GLY F 489 29.45 18.37 24.07
CA GLY F 489 29.43 18.95 22.74
C GLY F 489 28.76 18.06 21.71
N GLN F 490 28.98 16.75 21.81
CA GLN F 490 28.32 15.81 20.91
C GLN F 490 26.82 15.78 21.16
N ALA F 491 26.40 16.04 22.39
CA ALA F 491 24.98 16.05 22.70
C ALA F 491 24.26 17.18 21.98
N MET F 492 24.89 18.36 21.89
CA MET F 492 24.26 19.49 21.22
C MET F 492 24.08 19.21 19.74
N ASP F 493 25.05 18.54 19.11
CA ASP F 493 24.92 18.21 17.70
C ASP F 493 23.71 17.32 17.46
N LEU F 494 23.54 16.30 18.31
CA LEU F 494 22.41 15.39 18.16
C LEU F 494 21.10 16.08 18.53
N PHE F 495 21.15 17.02 19.47
CA PHE F 495 19.95 17.74 19.87
C PHE F 495 19.41 18.59 18.73
N TRP F 496 20.31 19.26 17.98
CA TRP F 496 19.86 20.15 16.91
C TRP F 496 19.24 19.38 15.76
N THR F 497 19.84 18.26 15.36
CA THR F 497 19.31 17.52 14.21
C THR F 497 17.99 16.85 14.54
N TYR F 498 17.76 16.50 15.81
CA TYR F 498 16.51 15.84 16.19
C TYR F 498 15.40 16.86 16.39
N ASN F 499 15.69 17.96 17.08
CA ASN F 499 14.67 18.97 17.33
C ASN F 499 14.40 19.79 16.07
N GLY F 500 15.42 20.49 15.58
CA GLY F 500 15.27 21.28 14.38
C GLY F 500 15.96 22.63 14.42
N HIS F 501 16.26 23.12 15.62
CA HIS F 501 16.87 24.43 15.74
C HIS F 501 18.31 24.39 15.24
N VAL F 502 18.64 25.33 14.35
CA VAL F 502 20.01 25.47 13.85
C VAL F 502 20.41 26.94 13.96
N PRO F 503 21.53 27.25 14.57
CA PRO F 503 21.98 28.65 14.63
C PRO F 503 22.35 29.16 13.25
N SER F 504 22.17 30.47 13.07
CA SER F 504 22.47 31.11 11.78
C SER F 504 23.95 31.00 11.45
N GLU F 505 24.81 31.62 12.26
CA GLU F 505 26.24 31.56 12.03
C GLU F 505 27.08 31.30 13.29
N GLU F 506 26.58 31.62 14.48
CA GLU F 506 27.35 31.48 15.71
C GLU F 506 26.95 30.18 16.42
N GLU F 507 27.47 30.01 17.63
CA GLU F 507 27.20 28.86 18.49
C GLU F 507 27.58 27.53 17.84
N TYR F 508 28.31 27.56 16.74
CA TYR F 508 28.76 26.36 16.06
C TYR F 508 30.27 26.13 16.16
N TYR F 509 31.05 27.20 16.25
CA TYR F 509 32.48 27.05 16.51
C TYR F 509 32.73 26.45 17.89
N ARG F 510 31.96 26.88 18.89
CA ARG F 510 32.09 26.30 20.22
C ARG F 510 31.76 24.82 20.22
N MET F 511 30.70 24.43 19.51
CA MET F 511 30.38 23.02 19.36
C MET F 511 31.50 22.27 18.63
N ILE F 512 32.11 22.91 17.64
CA ILE F 512 33.13 22.25 16.84
C ILE F 512 34.37 21.94 17.68
N ASP F 513 34.77 22.90 18.53
CA ASP F 513 35.98 22.73 19.32
C ASP F 513 35.84 21.54 20.27
N GLN F 514 34.69 21.43 20.93
CA GLN F 514 34.49 20.38 21.90
C GLN F 514 34.36 19.01 21.24
N LYS F 515 33.73 18.96 20.07
CA LYS F 515 33.47 17.67 19.43
C LYS F 515 34.72 17.06 18.83
N THR F 516 35.61 17.88 18.28
CA THR F 516 36.79 17.40 17.57
C THR F 516 38.10 17.87 18.18
N GLY F 517 38.20 19.16 18.51
CA GLY F 517 39.45 19.72 18.98
C GLY F 517 39.93 19.21 20.32
N GLN F 518 39.03 18.67 21.15
CA GLN F 518 39.45 18.19 22.47
C GLN F 518 40.09 16.82 22.42
N LEU F 519 39.94 16.07 21.33
CA LEU F 519 40.70 14.85 21.16
C LEU F 519 42.18 15.16 20.96
N PHE F 520 42.46 16.29 20.28
CA PHE F 520 43.84 16.76 20.21
C PHE F 520 44.32 17.26 21.57
N SER F 521 43.43 17.89 22.34
CA SER F 521 43.81 18.44 23.64
C SER F 521 44.21 17.34 24.61
N ILE F 522 43.45 16.24 24.66
CA ILE F 522 43.78 15.16 25.58
C ILE F 522 45.09 14.51 25.18
N ALA F 523 45.35 14.40 23.87
CA ALA F 523 46.65 13.92 23.41
C ALA F 523 47.76 14.88 23.78
N THR F 524 47.51 16.18 23.67
CA THR F 524 48.52 17.17 24.03
C THR F 524 48.74 17.20 25.54
N SER F 525 47.65 17.14 26.32
CA SER F 525 47.77 17.26 27.77
C SER F 525 48.59 16.13 28.36
N LEU F 526 48.38 14.90 27.88
CA LEU F 526 49.18 13.78 28.36
C LEU F 526 50.64 13.93 27.98
N LEU F 527 50.90 14.42 26.76
CA LEU F 527 52.27 14.63 26.32
C LEU F 527 52.93 15.75 27.12
N LEU F 528 52.14 16.75 27.54
CA LEU F 528 52.69 17.83 28.35
C LEU F 528 53.22 17.31 29.67
N ASN F 529 52.47 16.41 30.31
CA ASN F 529 52.91 15.84 31.58
C ASN F 529 54.04 14.84 31.41
N ALA F 530 54.38 14.46 30.18
CA ALA F 530 55.49 13.56 29.94
C ALA F 530 56.79 14.34 29.73
N CYS F 543 53.41 26.04 25.99
CA CYS F 543 52.00 26.41 25.88
C CYS F 543 51.46 26.12 24.48
N LEU F 544 51.18 24.84 24.21
CA LEU F 544 50.65 24.41 22.93
C LEU F 544 49.13 24.32 22.92
N HIS F 545 48.46 24.73 24.00
CA HIS F 545 47.02 24.59 24.08
C HIS F 545 46.31 25.39 22.99
N ARG F 546 46.80 26.60 22.72
CA ARG F 546 46.18 27.41 21.67
C ARG F 546 46.37 26.79 20.30
N LEU F 547 47.53 26.17 20.06
CA LEU F 547 47.76 25.47 18.81
C LEU F 547 46.82 24.28 18.66
N THR F 548 46.66 23.48 19.72
CA THR F 548 45.87 22.27 19.61
C THR F 548 44.38 22.59 19.56
N ARG F 549 43.97 23.72 20.12
CA ARG F 549 42.58 24.14 20.02
C ARG F 549 42.27 24.65 18.62
N LEU F 550 43.21 25.36 18.01
CA LEU F 550 42.96 25.97 16.71
C LEU F 550 42.92 24.91 15.61
N LEU F 551 43.79 23.91 15.67
CA LEU F 551 43.85 22.91 14.61
C LEU F 551 42.59 22.07 14.59
N GLY F 552 41.99 21.81 15.76
CA GLY F 552 40.74 21.07 15.78
C GLY F 552 39.62 21.80 15.07
N ARG F 553 39.55 23.12 15.26
CA ARG F 553 38.51 23.91 14.61
C ARG F 553 38.65 23.87 13.09
N CYS F 554 39.89 23.94 12.60
CA CYS F 554 40.13 23.89 11.16
C CYS F 554 39.86 22.50 10.60
N PHE F 555 40.14 21.45 11.38
CA PHE F 555 40.10 20.10 10.85
C PHE F 555 38.69 19.68 10.48
N GLN F 556 37.72 19.94 11.36
CA GLN F 556 36.36 19.47 11.09
C GLN F 556 35.71 20.25 9.96
N ILE F 557 36.15 21.49 9.75
CA ILE F 557 35.65 22.28 8.62
C ILE F 557 36.10 21.63 7.30
N ARG F 558 37.35 21.17 7.25
CA ARG F 558 37.88 20.58 6.04
C ARG F 558 37.08 19.35 5.62
N ASP F 559 36.76 18.48 6.58
CA ASP F 559 35.99 17.28 6.25
C ASP F 559 34.61 17.65 5.72
N ASP F 560 33.97 18.65 6.33
CA ASP F 560 32.69 19.13 5.84
C ASP F 560 32.83 19.74 4.45
N TYR F 561 33.93 20.47 4.22
CA TYR F 561 34.19 21.03 2.90
C TYR F 561 34.41 19.93 1.87
N GLN F 562 34.96 18.79 2.28
CA GLN F 562 35.15 17.67 1.37
C GLN F 562 33.82 17.01 1.00
N ASN F 563 32.76 17.27 1.74
CA ASN F 563 31.45 16.71 1.44
C ASN F 563 30.54 17.76 0.82
N TRP F 584 26.62 19.61 10.31
CA TRP F 584 26.37 20.54 9.22
C TRP F 584 27.62 21.35 8.88
N SER F 585 27.90 21.48 7.59
CA SER F 585 29.04 22.27 7.15
C SER F 585 28.77 23.75 7.34
N LEU F 586 29.85 24.53 7.43
CA LEU F 586 29.73 25.97 7.46
C LEU F 586 29.09 26.51 6.19
N ALA F 587 29.25 25.82 5.07
CA ALA F 587 28.59 26.22 3.84
C ALA F 587 27.07 26.13 3.98
N LEU F 588 26.59 25.08 4.63
CA LEU F 588 25.15 24.88 4.79
C LEU F 588 24.51 25.95 5.66
N ILE F 589 25.27 26.60 6.52
CA ILE F 589 24.74 27.63 7.41
C ILE F 589 25.18 29.04 7.04
N HIS F 590 26.02 29.18 6.01
CA HIS F 590 26.50 30.51 5.62
C HIS F 590 25.41 31.36 4.98
N MET F 591 24.46 30.75 4.27
CA MET F 591 23.37 31.51 3.69
C MET F 591 22.51 32.16 4.77
N ILE F 592 22.28 31.44 5.88
CA ILE F 592 21.46 31.94 6.97
C ILE F 592 22.25 32.91 7.83
N SER F 597 18.78 35.37 0.36
CA SER F 597 17.53 34.70 0.69
C SER F 597 17.65 33.91 1.99
N HIS F 598 17.19 34.51 3.08
CA HIS F 598 17.23 33.90 4.39
C HIS F 598 15.89 33.32 4.81
N MET F 599 14.84 34.16 4.83
CA MET F 599 13.53 33.72 5.30
C MET F 599 12.97 32.63 4.39
N ALA F 600 13.13 32.79 3.08
CA ALA F 600 12.66 31.78 2.14
C ALA F 600 13.44 30.47 2.32
N LEU F 601 14.72 30.57 2.64
CA LEU F 601 15.53 29.37 2.82
C LEU F 601 15.05 28.54 4.01
N LEU F 602 14.68 29.20 5.11
CA LEU F 602 14.27 28.46 6.29
C LEU F 602 12.95 27.73 6.05
N ASN F 603 12.07 28.31 5.25
CA ASN F 603 10.78 27.69 4.99
C ASN F 603 10.92 26.42 4.17
N VAL F 604 11.72 26.48 3.11
CA VAL F 604 11.90 25.28 2.23
C VAL F 604 12.58 24.18 3.06
N LEU F 605 13.52 24.53 3.92
CA LEU F 605 14.13 23.55 4.80
C LEU F 605 13.10 23.01 5.79
N SER F 606 12.22 23.87 6.30
CA SER F 606 11.21 23.44 7.26
C SER F 606 10.20 22.49 6.63
N THR F 607 10.02 22.55 5.31
CA THR F 607 9.12 21.57 4.64
C THR F 607 9.64 20.17 4.96
N GLY F 608 10.95 19.96 4.79
CA GLY F 608 11.55 18.68 5.12
C GLY F 608 11.26 18.27 6.55
N ARG F 609 10.82 17.04 6.74
CA ARG F 609 10.39 16.57 8.05
C ARG F 609 11.56 16.04 8.85
N THR F 615 10.10 16.55 -3.74
CA THR F 615 10.85 17.61 -3.09
C THR F 615 12.23 17.79 -3.69
N LEU F 616 12.52 17.02 -4.74
CA LEU F 616 13.82 17.13 -5.40
C LEU F 616 13.96 18.42 -6.20
N GLU F 617 12.85 18.98 -6.68
CA GLU F 617 12.93 20.25 -7.41
C GLU F 617 13.42 21.37 -6.49
N GLN F 618 12.96 21.37 -5.24
CA GLN F 618 13.44 22.35 -4.28
C GLN F 618 14.93 22.19 -4.03
N LYS F 619 15.43 20.95 -4.12
CA LYS F 619 16.88 20.74 -4.01
C LYS F 619 17.62 21.47 -5.11
N GLN F 620 17.11 21.41 -6.35
CA GLN F 620 17.68 22.23 -7.41
C GLN F 620 17.59 23.71 -7.05
N PHE F 621 16.53 24.10 -6.36
CA PHE F 621 16.43 25.48 -5.88
C PHE F 621 17.47 25.77 -4.80
N VAL F 622 17.56 24.91 -3.79
CA VAL F 622 18.39 25.24 -2.63
C VAL F 622 19.86 25.31 -3.03
N LEU F 623 20.29 24.44 -3.95
CA LEU F 623 21.65 24.55 -4.47
C LEU F 623 21.83 25.79 -5.32
N ASP F 624 20.75 26.32 -5.89
CA ASP F 624 20.87 27.50 -6.74
C ASP F 624 21.37 28.70 -5.95
N ILE F 625 20.90 28.87 -4.71
CA ILE F 625 21.44 29.97 -3.90
C ILE F 625 22.92 29.73 -3.63
N ILE F 626 23.33 28.48 -3.40
CA ILE F 626 24.76 28.20 -3.21
C ILE F 626 25.55 28.61 -4.44
N GLU F 627 25.04 28.28 -5.63
CA GLU F 627 25.70 28.69 -6.86
C GLU F 627 25.69 30.21 -7.02
N GLU F 628 24.58 30.86 -6.68
CA GLU F 628 24.49 32.30 -6.84
C GLU F 628 24.99 33.07 -5.62
N GLU F 629 25.38 32.38 -4.54
CA GLU F 629 26.08 33.01 -3.43
C GLU F 629 27.54 32.59 -3.33
N LYS F 630 27.87 31.39 -3.79
CA LYS F 630 29.23 30.86 -3.76
C LYS F 630 29.80 30.91 -2.34
N SER F 631 28.97 30.49 -1.37
CA SER F 631 29.41 30.45 0.02
C SER F 631 30.58 29.50 0.22
N LEU F 632 30.74 28.50 -0.66
CA LEU F 632 31.89 27.61 -0.54
C LEU F 632 33.19 28.36 -0.77
N ASP F 633 33.16 29.47 -1.50
CA ASP F 633 34.31 30.37 -1.51
C ASP F 633 34.56 30.96 -0.12
N TYR F 634 33.50 31.38 0.55
CA TYR F 634 33.65 32.00 1.87
C TYR F 634 34.19 31.00 2.89
N THR F 635 33.70 29.76 2.85
CA THR F 635 34.28 28.73 3.70
C THR F 635 35.72 28.43 3.30
N ARG F 636 35.99 28.41 1.99
CA ARG F 636 37.35 28.14 1.52
C ARG F 636 38.30 29.27 1.91
N SER F 637 37.79 30.51 1.96
CA SER F 637 38.62 31.62 2.41
C SER F 637 39.06 31.43 3.86
N VAL F 638 38.14 30.97 4.71
CA VAL F 638 38.47 30.70 6.10
C VAL F 638 39.50 29.58 6.20
N MET F 639 39.45 28.62 5.27
CA MET F 639 40.33 27.46 5.33
C MET F 639 41.80 27.87 5.28
N MET F 640 42.15 28.79 4.37
CA MET F 640 43.51 29.32 4.34
C MET F 640 43.72 30.35 5.44
N ASP F 641 42.66 31.02 5.88
CA ASP F 641 42.79 31.93 7.01
C ASP F 641 43.21 31.18 8.27
N LEU F 642 42.68 29.96 8.45
CA LEU F 642 43.08 29.15 9.59
C LEU F 642 44.53 28.72 9.48
N HIS F 643 45.00 28.42 8.26
CA HIS F 643 46.39 28.00 8.08
C HIS F 643 47.35 29.13 8.42
N VAL F 644 46.96 30.39 8.14
CA VAL F 644 47.80 31.52 8.49
C VAL F 644 47.97 31.63 10.00
N GLN F 645 46.87 31.42 10.74
CA GLN F 645 46.94 31.49 12.19
C GLN F 645 47.83 30.38 12.76
N LEU F 646 47.76 29.18 12.17
CA LEU F 646 48.62 28.09 12.62
C LEU F 646 50.09 28.41 12.40
N ARG F 647 50.41 29.05 11.26
CA ARG F 647 51.80 29.32 10.93
C ARG F 647 52.45 30.25 11.96
N ALA F 648 51.70 31.26 12.41
CA ALA F 648 52.22 32.14 13.46
C ALA F 648 52.36 31.40 14.77
N GLU F 649 51.50 30.41 15.02
CA GLU F 649 51.56 29.65 16.25
C GLU F 649 52.85 28.84 16.35
N ILE F 650 53.26 28.20 15.24
CA ILE F 650 54.52 27.49 15.22
C ILE F 650 55.68 28.46 15.44
N GLY F 651 55.62 29.63 14.80
CA GLY F 651 56.68 30.61 14.97
C GLY F 651 56.78 31.15 16.38
N ARG F 652 55.62 31.40 17.02
CA ARG F 652 55.63 31.91 18.38
C ARG F 652 56.26 30.90 19.34
N ILE F 653 55.91 29.62 19.20
CA ILE F 653 56.57 28.58 19.98
C ILE F 653 58.01 28.41 19.53
N GLU F 654 58.29 28.69 18.25
CA GLU F 654 59.64 28.51 17.73
C GLU F 654 60.65 29.39 18.46
N ILE F 655 60.25 30.62 18.77
CA ILE F 655 61.16 31.54 19.44
C ILE F 655 61.46 31.06 20.86
N LEU F 656 60.42 30.62 21.58
CA LEU F 656 60.58 30.32 23.00
C LEU F 656 61.40 29.05 23.23
N LEU F 657 61.27 28.05 22.37
CA LEU F 657 62.17 26.90 22.34
C LEU F 657 62.86 26.87 20.99
N ASP F 658 64.16 27.16 20.98
CA ASP F 658 64.93 27.25 19.74
C ASP F 658 65.13 25.84 19.20
N SER F 659 64.20 25.39 18.37
CA SER F 659 64.31 24.08 17.74
C SER F 659 63.54 24.07 16.42
N PRO F 660 64.22 24.15 15.28
CA PRO F 660 63.51 24.14 13.99
C PRO F 660 62.66 22.89 13.85
N ASN F 661 61.42 23.07 13.41
CA ASN F 661 60.45 21.99 13.37
C ASN F 661 59.78 21.96 12.01
N PRO F 662 60.44 21.36 11.01
CA PRO F 662 59.77 21.13 9.73
C PRO F 662 58.76 19.99 9.76
N ALA F 663 58.77 19.17 10.82
CA ALA F 663 57.85 18.05 10.90
C ALA F 663 56.39 18.52 10.96
N MET F 664 56.12 19.52 11.81
CA MET F 664 54.78 20.11 11.86
C MET F 664 54.44 20.85 10.57
N ARG F 665 55.45 21.41 9.89
CA ARG F 665 55.21 22.10 8.63
C ARG F 665 54.64 21.14 7.60
N LEU F 666 55.16 19.91 7.57
CA LEU F 666 54.63 18.92 6.63
C LEU F 666 53.19 18.55 6.97
N LEU F 667 52.83 18.60 8.25
CA LEU F 667 51.46 18.33 8.64
C LEU F 667 50.51 19.38 8.09
N LEU F 668 50.91 20.65 8.13
CA LEU F 668 50.06 21.72 7.61
C LEU F 668 49.90 21.65 6.10
N GLU F 669 50.73 20.87 5.41
CA GLU F 669 50.56 20.70 3.97
C GLU F 669 49.26 19.98 3.64
N LEU F 670 48.64 19.30 4.61
CA LEU F 670 47.33 18.70 4.43
C LEU F 670 46.29 19.82 4.41
N LEU F 671 45.87 20.22 3.21
CA LEU F 671 44.92 21.30 3.06
C LEU F 671 43.52 20.90 3.53
N ALA G 374 8.56 41.26 8.51
CA ALA G 374 9.59 40.26 8.22
C ALA G 374 8.98 39.03 7.56
N VAL G 375 8.40 38.15 8.38
CA VAL G 375 7.79 36.93 7.85
C VAL G 375 6.53 37.21 7.05
N LEU G 376 5.87 38.34 7.28
CA LEU G 376 4.65 38.66 6.54
C LEU G 376 4.95 39.01 5.09
N GLU G 377 6.07 39.69 4.85
CA GLU G 377 6.47 40.06 3.49
C GLU G 377 7.22 38.96 2.76
N ALA G 378 7.46 37.82 3.42
CA ALA G 378 8.32 36.80 2.83
C ALA G 378 7.81 36.24 1.51
N PRO G 379 6.55 35.83 1.37
CA PRO G 379 6.15 35.23 0.09
C PRO G 379 5.99 36.23 -1.03
N TYR G 380 5.56 37.45 -0.73
CA TYR G 380 5.42 38.46 -1.79
C TYR G 380 6.76 38.81 -2.39
N ASP G 381 7.80 38.95 -1.56
CA ASP G 381 9.12 39.32 -2.07
C ASP G 381 9.69 38.22 -2.94
N TYR G 382 9.38 36.96 -2.64
CA TYR G 382 9.84 35.87 -3.47
C TYR G 382 9.26 35.95 -4.88
N ILE G 383 7.98 36.30 -4.99
CA ILE G 383 7.38 36.44 -6.31
C ILE G 383 7.69 37.79 -6.95
N ALA G 384 8.11 38.78 -6.16
CA ALA G 384 8.51 40.06 -6.70
C ALA G 384 9.96 40.09 -7.17
N SER G 385 10.80 39.20 -6.64
CA SER G 385 12.18 39.11 -7.10
C SER G 385 12.31 38.29 -8.37
N MET G 386 11.28 37.54 -8.74
CA MET G 386 11.32 36.70 -9.93
C MET G 386 10.99 37.56 -11.15
N PRO G 387 11.93 37.75 -12.08
CA PRO G 387 11.69 38.69 -13.17
C PRO G 387 11.00 38.07 -14.36
N SER G 388 9.97 38.75 -14.87
CA SER G 388 9.23 38.29 -16.03
C SER G 388 8.94 39.46 -16.95
N LYS G 389 8.64 39.15 -18.21
CA LYS G 389 8.35 40.17 -19.21
C LYS G 389 7.09 40.91 -18.82
N GLY G 390 7.23 42.16 -18.40
CA GLY G 390 6.13 42.96 -17.92
C GLY G 390 5.59 43.86 -19.02
N VAL G 391 4.30 43.70 -19.32
CA VAL G 391 3.65 44.51 -20.33
C VAL G 391 2.75 45.59 -19.71
N ARG G 392 2.21 45.36 -18.51
CA ARG G 392 1.45 46.41 -17.84
C ARG G 392 2.33 47.61 -17.52
N ASP G 393 3.64 47.37 -17.36
CA ASP G 393 4.57 48.49 -17.07
C ASP G 393 4.67 49.38 -18.31
N GLN G 394 4.78 48.78 -19.50
CA GLN G 394 4.96 49.57 -20.71
C GLN G 394 3.68 50.27 -21.13
N PHE G 395 2.54 49.86 -20.57
CA PHE G 395 1.29 50.53 -20.90
C PHE G 395 1.25 51.92 -20.28
N ILE G 396 1.76 52.06 -19.06
CA ILE G 396 1.61 53.32 -18.33
C ILE G 396 2.44 54.43 -18.98
N ASP G 397 3.71 54.15 -19.27
CA ASP G 397 4.57 55.19 -19.82
C ASP G 397 4.25 55.48 -21.29
N ALA G 398 3.80 54.46 -22.04
CA ALA G 398 3.32 54.72 -23.39
C ALA G 398 2.08 55.61 -23.35
N LEU G 399 1.19 55.36 -22.40
CA LEU G 399 0.03 56.23 -22.22
C LEU G 399 0.43 57.60 -21.69
N ASN G 400 1.47 57.65 -20.86
CA ASN G 400 1.93 58.93 -20.32
C ASN G 400 2.44 59.85 -21.43
N ASP G 401 2.87 59.29 -22.55
CA ASP G 401 3.31 60.13 -23.67
C ASP G 401 2.19 61.02 -24.17
N TRP G 402 0.94 60.62 -23.96
CA TRP G 402 -0.19 61.48 -24.31
C TRP G 402 -0.51 62.45 -23.17
N LEU G 403 -0.67 61.93 -21.96
CA LEU G 403 -1.11 62.76 -20.84
C LEU G 403 0.01 63.65 -20.32
N ARG G 404 1.26 63.19 -20.40
CA ARG G 404 2.42 63.96 -19.95
C ARG G 404 2.35 64.31 -18.47
N VAL G 405 1.71 63.45 -17.68
CA VAL G 405 1.58 63.64 -16.24
C VAL G 405 2.88 63.13 -15.60
N PRO G 406 3.58 63.95 -14.80
CA PRO G 406 4.85 63.59 -14.16
C PRO G 406 4.74 62.40 -13.23
N LYS G 409 1.94 61.39 -10.32
CA LYS G 409 3.29 60.86 -10.43
C LYS G 409 3.28 59.38 -10.81
N VAL G 410 3.88 59.07 -11.95
CA VAL G 410 3.86 57.70 -12.46
C VAL G 410 4.65 56.75 -11.57
N GLY G 411 5.52 57.27 -10.70
CA GLY G 411 6.24 56.39 -9.80
C GLY G 411 5.32 55.65 -8.84
N LYS G 412 4.32 56.37 -8.30
CA LYS G 412 3.36 55.72 -7.42
C LYS G 412 2.34 54.90 -8.20
N ILE G 413 2.04 55.30 -9.44
CA ILE G 413 1.08 54.56 -10.25
C ILE G 413 1.65 53.21 -10.67
N LYS G 414 2.92 53.20 -11.10
CA LYS G 414 3.51 51.98 -11.65
C LYS G 414 3.69 50.92 -10.57
N ASP G 415 4.20 51.32 -9.40
CA ASP G 415 4.47 50.32 -8.37
C ASP G 415 3.19 49.85 -7.65
N ALA G 416 2.20 50.74 -7.52
CA ALA G 416 0.95 50.33 -6.90
C ALA G 416 0.25 49.26 -7.74
N VAL G 417 0.25 49.43 -9.07
CA VAL G 417 -0.31 48.41 -9.94
C VAL G 417 0.52 47.13 -9.87
N ARG G 418 1.84 47.28 -9.74
CA ARG G 418 2.70 46.10 -9.65
C ARG G 418 2.39 45.27 -8.41
N VAL G 419 2.14 45.94 -7.28
CA VAL G 419 1.81 45.22 -6.05
C VAL G 419 0.48 44.51 -6.19
N LEU G 420 -0.50 45.17 -6.83
CA LEU G 420 -1.79 44.53 -7.06
C LEU G 420 -1.66 43.30 -7.94
N HIS G 421 -0.86 43.39 -9.00
CA HIS G 421 -0.70 42.27 -9.92
C HIS G 421 0.04 41.11 -9.25
N ASN G 422 1.11 41.42 -8.52
CA ASN G 422 1.85 40.36 -7.82
C ASN G 422 1.00 39.70 -6.75
N SER G 423 0.20 40.50 -6.03
CA SER G 423 -0.70 39.93 -5.04
C SER G 423 -1.73 39.02 -5.68
N SER G 424 -2.26 39.41 -6.84
CA SER G 424 -3.20 38.54 -7.55
C SER G 424 -2.51 37.27 -8.05
N LEU G 425 -1.23 37.37 -8.38
CA LEU G 425 -0.50 36.21 -8.86
C LEU G 425 -0.37 35.15 -7.76
N LEU G 426 -0.09 35.57 -6.53
CA LEU G 426 0.04 34.63 -5.42
C LEU G 426 -1.27 33.89 -5.17
N LEU G 427 -2.39 34.60 -5.25
CA LEU G 427 -3.69 33.96 -5.06
C LEU G 427 -3.96 32.94 -6.16
N ASP G 428 -3.80 33.36 -7.42
CA ASP G 428 -4.15 32.49 -8.54
C ASP G 428 -3.27 31.25 -8.59
N ASP G 429 -2.01 31.37 -8.16
CA ASP G 429 -1.13 30.21 -8.14
C ASP G 429 -1.66 29.13 -7.20
N PHE G 430 -2.08 29.53 -5.99
CA PHE G 430 -2.70 28.58 -5.08
C PHE G 430 -4.07 28.16 -5.58
N GLN G 431 -4.79 29.08 -6.21
CA GLN G 431 -6.13 28.77 -6.71
C GLN G 431 -6.10 27.74 -7.82
N ASP G 432 -5.13 27.84 -8.73
CA ASP G 432 -5.00 26.90 -9.84
C ASP G 432 -4.03 25.76 -9.57
N ASN G 433 -3.39 25.73 -8.40
CA ASN G 433 -2.44 24.68 -8.02
C ASN G 433 -1.33 24.53 -9.07
N SER G 434 -0.83 25.66 -9.56
CA SER G 434 0.20 25.63 -10.58
C SER G 434 1.50 25.08 -9.98
N PRO G 435 2.09 24.04 -10.57
CA PRO G 435 3.31 23.49 -9.97
C PRO G 435 4.51 24.39 -10.14
N LEU G 436 4.73 24.94 -11.34
CA LEU G 436 5.84 25.84 -11.61
C LEU G 436 5.30 27.08 -12.31
N ARG G 437 5.74 28.25 -11.86
CA ARG G 437 5.36 29.49 -12.55
C ARG G 437 6.10 29.61 -13.88
N ARG G 438 7.42 29.67 -13.83
CA ARG G 438 8.22 29.67 -15.05
C ARG G 438 9.50 28.85 -14.91
N GLY G 439 9.58 27.98 -13.90
CA GLY G 439 10.77 27.17 -13.68
C GLY G 439 11.14 27.11 -12.21
N LYS G 440 10.88 28.20 -11.49
CA LYS G 440 11.09 28.23 -10.05
C LYS G 440 9.91 27.55 -9.35
N PRO G 441 10.12 27.01 -8.16
CA PRO G 441 9.02 26.34 -7.45
C PRO G 441 7.91 27.32 -7.10
N SER G 442 6.69 26.81 -7.07
CA SER G 442 5.53 27.65 -6.81
C SER G 442 5.61 28.22 -5.39
N THR G 443 5.05 29.43 -5.23
CA THR G 443 5.12 30.11 -3.95
C THR G 443 4.39 29.35 -2.84
N HIS G 444 3.41 28.51 -3.19
CA HIS G 444 2.71 27.71 -2.20
C HIS G 444 3.36 26.36 -1.95
N ASN G 445 4.36 25.99 -2.75
CA ASN G 445 5.06 24.73 -2.58
C ASN G 445 6.34 24.87 -1.76
N ILE G 446 6.68 26.10 -1.34
CA ILE G 446 7.87 26.31 -0.53
C ILE G 446 7.51 26.96 0.79
N PHE G 447 6.43 27.76 0.80
CA PHE G 447 5.95 28.37 2.04
C PHE G 447 4.64 27.80 2.53
N GLY G 448 3.91 27.07 1.70
CA GLY G 448 2.64 26.51 2.11
C GLY G 448 1.47 27.38 1.70
N SER G 449 0.28 26.75 1.66
CA SER G 449 -0.91 27.47 1.22
C SER G 449 -1.36 28.49 2.25
N ALA G 450 -1.06 28.26 3.53
CA ALA G 450 -1.53 29.14 4.58
C ALA G 450 -0.89 30.51 4.50
N GLN G 451 0.44 30.56 4.37
CA GLN G 451 1.14 31.84 4.36
C GLN G 451 0.92 32.60 3.06
N THR G 452 0.77 31.88 1.95
CA THR G 452 0.59 32.54 0.65
C THR G 452 -0.69 33.36 0.63
N VAL G 453 -1.78 32.80 1.14
CA VAL G 453 -3.05 33.51 1.16
C VAL G 453 -2.98 34.72 2.09
N ASN G 454 -2.34 34.56 3.24
CA ASN G 454 -2.24 35.65 4.20
C ASN G 454 -1.44 36.82 3.62
N THR G 455 -0.32 36.52 2.96
CA THR G 455 0.50 37.58 2.39
C THR G 455 -0.15 38.19 1.15
N ALA G 456 -1.05 37.46 0.51
CA ALA G 456 -1.74 37.99 -0.67
C ALA G 456 -2.78 39.04 -0.28
N THR G 457 -3.55 38.76 0.78
CA THR G 457 -4.56 39.71 1.22
C THR G 457 -3.92 40.97 1.78
N TYR G 458 -2.83 40.82 2.53
CA TYR G 458 -2.19 41.99 3.11
C TYR G 458 -1.58 42.89 2.04
N SER G 459 -1.04 42.29 0.97
CA SER G 459 -0.41 43.08 -0.08
C SER G 459 -1.42 43.99 -0.77
N ILE G 460 -2.65 43.50 -0.97
CA ILE G 460 -3.68 44.32 -1.58
C ILE G 460 -3.99 45.53 -0.71
N ILE G 461 -4.08 45.32 0.61
CA ILE G 461 -4.39 46.41 1.52
C ILE G 461 -3.30 47.46 1.49
N LYS G 462 -2.03 47.03 1.47
CA LYS G 462 -0.93 47.97 1.32
C LYS G 462 -1.00 48.68 -0.01
N ALA G 463 -1.37 47.97 -1.08
CA ALA G 463 -1.50 48.60 -2.39
C ALA G 463 -2.57 49.67 -2.39
N ILE G 464 -3.68 49.42 -1.71
CA ILE G 464 -4.71 50.45 -1.56
C ILE G 464 -4.17 51.63 -0.76
N GLY G 465 -3.39 51.34 0.28
CA GLY G 465 -2.83 52.40 1.11
C GLY G 465 -1.92 53.32 0.33
N GLN G 466 -1.14 52.76 -0.60
CA GLN G 466 -0.31 53.60 -1.45
C GLN G 466 -1.16 54.52 -2.31
N ILE G 467 -2.28 54.01 -2.82
CA ILE G 467 -3.15 54.82 -3.68
C ILE G 467 -3.77 55.96 -2.90
N MET G 468 -4.02 55.75 -1.59
CA MET G 468 -4.61 56.80 -0.77
C MET G 468 -3.71 58.02 -0.65
N GLU G 469 -2.39 57.84 -0.74
CA GLU G 469 -1.49 58.96 -0.47
C GLU G 469 -1.64 60.07 -1.50
N PHE G 470 -2.17 59.77 -2.68
CA PHE G 470 -2.49 60.78 -3.67
C PHE G 470 -3.99 60.78 -3.95
N SER G 471 -4.50 61.94 -4.33
CA SER G 471 -5.91 62.11 -4.66
C SER G 471 -6.81 61.62 -3.52
N ALA G 472 -6.43 61.96 -2.30
CA ALA G 472 -7.19 61.53 -1.12
C ALA G 472 -8.50 62.28 -0.97
N GLY G 473 -8.68 63.40 -1.66
CA GLY G 473 -9.91 64.17 -1.52
C GLY G 473 -11.13 63.42 -2.02
N GLU G 474 -11.02 62.78 -3.18
CA GLU G 474 -12.12 62.06 -3.79
C GLU G 474 -11.54 61.11 -4.84
N SER G 475 -12.42 60.45 -5.59
CA SER G 475 -12.10 59.53 -6.68
C SER G 475 -11.42 58.25 -6.21
N VAL G 476 -11.19 58.07 -4.90
CA VAL G 476 -10.64 56.81 -4.42
C VAL G 476 -11.72 55.72 -4.42
N GLN G 477 -13.00 56.09 -4.48
CA GLN G 477 -14.04 55.11 -4.72
C GLN G 477 -13.89 54.47 -6.09
N GLU G 478 -13.32 55.20 -7.05
CA GLU G 478 -13.08 54.63 -8.38
C GLU G 478 -12.11 53.46 -8.31
N VAL G 479 -11.09 53.58 -7.47
CA VAL G 479 -10.10 52.51 -7.33
C VAL G 479 -10.77 51.26 -6.75
N MET G 480 -11.59 51.44 -5.72
CA MET G 480 -12.15 50.29 -5.01
C MET G 480 -13.14 49.52 -5.87
N ASN G 481 -14.00 50.22 -6.61
CA ASN G 481 -14.96 49.50 -7.46
C ASN G 481 -14.24 48.76 -8.59
N SER G 482 -13.03 49.21 -8.95
CA SER G 482 -12.22 48.45 -9.89
C SER G 482 -11.71 47.16 -9.27
N ILE G 483 -11.27 47.22 -8.02
CA ILE G 483 -10.89 46.01 -7.30
C ILE G 483 -12.11 45.16 -7.03
N MET G 484 -13.25 45.80 -6.78
CA MET G 484 -14.47 45.06 -6.44
C MET G 484 -14.90 44.17 -7.61
N ILE G 485 -14.88 44.71 -8.82
CA ILE G 485 -15.35 43.95 -9.98
C ILE G 485 -14.33 42.90 -10.39
N LEU G 486 -13.07 43.11 -10.05
CA LEU G 486 -12.03 42.14 -10.39
C LEU G 486 -12.33 40.79 -9.77
N PHE G 487 -12.80 40.79 -8.52
CA PHE G 487 -13.06 39.53 -7.84
C PHE G 487 -14.33 38.87 -8.37
N GLN G 488 -15.21 39.64 -9.01
CA GLN G 488 -16.41 39.04 -9.59
C GLN G 488 -16.05 38.13 -10.76
N GLY G 489 -15.09 38.55 -11.57
CA GLY G 489 -14.69 37.71 -12.70
C GLY G 489 -14.01 36.43 -12.27
N GLN G 490 -13.11 36.51 -11.28
CA GLN G 490 -12.42 35.31 -10.82
C GLN G 490 -13.39 34.33 -10.18
N ALA G 491 -14.45 34.84 -9.53
CA ALA G 491 -15.47 33.96 -8.95
C ALA G 491 -16.20 33.21 -10.04
N MET G 492 -16.54 33.88 -11.15
CA MET G 492 -17.20 33.20 -12.25
C MET G 492 -16.31 32.14 -12.87
N ASP G 493 -15.01 32.45 -13.02
CA ASP G 493 -14.08 31.46 -13.56
C ASP G 493 -13.99 30.26 -12.63
N LEU G 494 -13.89 30.50 -11.32
CA LEU G 494 -13.81 29.41 -10.36
C LEU G 494 -15.10 28.60 -10.35
N PHE G 495 -16.25 29.28 -10.42
CA PHE G 495 -17.54 28.59 -10.36
C PHE G 495 -17.71 27.67 -11.57
N TRP G 496 -17.27 28.10 -12.74
CA TRP G 496 -17.37 27.26 -13.93
C TRP G 496 -16.42 26.08 -13.85
N THR G 497 -15.25 26.27 -13.23
CA THR G 497 -14.29 25.18 -13.11
C THR G 497 -14.74 24.15 -12.08
N TYR G 498 -15.21 24.61 -10.92
CA TYR G 498 -15.61 23.68 -9.86
C TYR G 498 -16.83 22.88 -10.28
N ASN G 499 -17.83 23.54 -10.84
CA ASN G 499 -18.98 22.85 -11.42
C ASN G 499 -18.70 22.59 -12.90
N GLY G 500 -19.74 22.25 -13.66
CA GLY G 500 -19.57 21.99 -15.08
C GLY G 500 -20.37 22.92 -15.97
N HIS G 501 -20.47 24.19 -15.57
CA HIS G 501 -21.26 25.15 -16.32
C HIS G 501 -20.48 25.57 -17.57
N VAL G 502 -20.91 25.10 -18.72
CA VAL G 502 -20.23 25.46 -19.97
C VAL G 502 -20.52 26.92 -20.31
N PRO G 503 -19.49 27.73 -20.55
CA PRO G 503 -19.74 29.13 -20.90
C PRO G 503 -20.06 29.30 -22.37
N SER G 504 -20.67 30.43 -22.68
CA SER G 504 -20.96 30.82 -24.06
C SER G 504 -19.88 31.77 -24.55
N GLU G 505 -20.02 32.22 -25.80
CA GLU G 505 -19.07 33.17 -26.35
C GLU G 505 -19.19 34.54 -25.68
N GLU G 506 -20.42 35.01 -25.48
CA GLU G 506 -20.62 36.29 -24.81
C GLU G 506 -20.20 36.24 -23.35
N GLU G 507 -20.49 35.13 -22.67
CA GLU G 507 -20.16 35.02 -21.25
C GLU G 507 -18.66 35.05 -21.01
N TYR G 508 -17.89 34.37 -21.88
CA TYR G 508 -16.45 34.34 -21.70
C TYR G 508 -15.82 35.69 -22.01
N TYR G 509 -16.38 36.43 -22.96
CA TYR G 509 -15.84 37.73 -23.32
C TYR G 509 -16.00 38.74 -22.20
N ARG G 510 -17.17 38.75 -21.56
CA ARG G 510 -17.41 39.71 -20.48
C ARG G 510 -16.65 39.32 -19.23
N MET G 511 -16.42 38.03 -19.01
CA MET G 511 -15.66 37.59 -17.85
C MET G 511 -14.19 37.97 -17.98
N ILE G 512 -13.64 37.82 -19.19
CA ILE G 512 -12.23 38.16 -19.42
C ILE G 512 -12.01 39.65 -19.20
N ASP G 513 -12.94 40.47 -19.68
CA ASP G 513 -12.82 41.92 -19.52
C ASP G 513 -12.81 42.29 -18.04
N GLN G 514 -13.70 41.67 -17.26
CA GLN G 514 -13.85 42.04 -15.86
C GLN G 514 -12.87 41.32 -14.94
N LYS G 515 -12.04 40.43 -15.47
CA LYS G 515 -11.01 39.76 -14.67
C LYS G 515 -9.60 40.28 -14.96
N THR G 516 -9.21 40.34 -16.23
CA THR G 516 -7.87 40.75 -16.62
C THR G 516 -7.82 42.17 -17.17
N GLY G 517 -8.79 42.54 -18.00
CA GLY G 517 -8.81 43.87 -18.58
C GLY G 517 -9.13 44.97 -17.59
N GLN G 518 -9.56 44.63 -16.38
CA GLN G 518 -9.86 45.66 -15.39
C GLN G 518 -8.58 46.21 -14.75
N LEU G 519 -7.54 45.38 -14.65
CA LEU G 519 -6.29 45.85 -14.07
C LEU G 519 -5.68 46.97 -14.92
N PHE G 520 -5.91 46.93 -16.23
CA PHE G 520 -5.47 48.04 -17.08
C PHE G 520 -6.37 49.26 -16.87
N SER G 521 -7.66 49.02 -16.60
CA SER G 521 -8.61 50.13 -16.47
C SER G 521 -8.35 50.95 -15.22
N ILE G 522 -7.96 50.30 -14.12
CA ILE G 522 -7.64 51.04 -12.90
C ILE G 522 -6.35 51.83 -13.10
N ALA G 523 -5.36 51.25 -13.77
CA ALA G 523 -4.09 51.94 -14.00
C ALA G 523 -4.28 53.18 -14.85
N THR G 524 -5.10 53.10 -15.90
CA THR G 524 -5.31 54.26 -16.76
C THR G 524 -6.20 55.29 -16.10
N SER G 525 -7.05 54.88 -15.16
CA SER G 525 -7.95 55.83 -14.51
C SER G 525 -7.18 56.80 -13.63
N LEU G 526 -6.18 56.31 -12.90
CA LEU G 526 -5.39 57.19 -12.05
C LEU G 526 -4.55 58.16 -12.87
N LEU G 527 -4.01 57.69 -14.00
CA LEU G 527 -3.26 58.58 -14.88
C LEU G 527 -4.15 59.66 -15.48
N LEU G 528 -5.38 59.30 -15.86
CA LEU G 528 -6.31 60.28 -16.39
C LEU G 528 -6.70 61.30 -15.34
N ASN G 529 -6.83 60.86 -14.08
CA ASN G 529 -7.24 61.77 -13.01
C ASN G 529 -6.22 62.89 -12.82
N ALA G 530 -4.94 62.56 -12.87
CA ALA G 530 -3.89 63.56 -12.72
C ALA G 530 -3.66 64.31 -14.01
N LEU G 544 -10.58 56.77 -24.31
CA LEU G 544 -9.30 56.18 -23.95
C LEU G 544 -9.48 54.84 -23.25
N HIS G 545 -10.51 54.77 -22.40
CA HIS G 545 -10.79 53.53 -21.68
C HIS G 545 -11.22 52.42 -22.65
N ARG G 546 -11.78 52.80 -23.80
CA ARG G 546 -12.09 51.81 -24.83
C ARG G 546 -10.83 51.11 -25.31
N LEU G 547 -9.72 51.86 -25.42
CA LEU G 547 -8.44 51.27 -25.74
C LEU G 547 -8.01 50.26 -24.67
N THR G 548 -8.19 50.61 -23.39
CA THR G 548 -7.68 49.76 -22.33
C THR G 548 -8.50 48.48 -22.20
N ARG G 549 -9.82 48.57 -22.25
CA ARG G 549 -10.65 47.38 -22.06
C ARG G 549 -10.44 46.40 -23.20
N LEU G 550 -10.34 46.90 -24.42
CA LEU G 550 -10.17 46.02 -25.58
C LEU G 550 -8.76 45.47 -25.65
N LEU G 551 -7.77 46.22 -25.16
CA LEU G 551 -6.43 45.68 -25.06
C LEU G 551 -6.36 44.52 -24.08
N GLY G 552 -7.22 44.55 -23.05
CA GLY G 552 -7.25 43.47 -22.09
C GLY G 552 -7.71 42.16 -22.70
N ARG G 553 -8.71 42.23 -23.58
CA ARG G 553 -9.23 41.02 -24.22
C ARG G 553 -8.15 40.37 -25.09
N CYS G 554 -7.43 41.18 -25.87
CA CYS G 554 -6.39 40.64 -26.73
C CYS G 554 -5.30 39.97 -25.92
N PHE G 555 -4.92 40.57 -24.79
CA PHE G 555 -3.84 40.03 -23.97
C PHE G 555 -4.21 38.67 -23.40
N GLN G 556 -5.44 38.51 -22.93
CA GLN G 556 -5.82 37.27 -22.26
C GLN G 556 -6.02 36.13 -23.27
N ILE G 557 -6.54 36.44 -24.46
CA ILE G 557 -6.70 35.41 -25.48
C ILE G 557 -5.34 34.83 -25.86
N ARG G 558 -4.31 35.68 -25.91
CA ARG G 558 -2.96 35.19 -26.16
C ARG G 558 -2.51 34.22 -25.08
N ASP G 559 -2.78 34.57 -23.81
CA ASP G 559 -2.41 33.66 -22.72
C ASP G 559 -3.18 32.35 -22.82
N ASP G 560 -4.48 32.41 -23.12
CA ASP G 560 -5.26 31.20 -23.28
C ASP G 560 -4.79 30.41 -24.49
N TYR G 561 -4.44 31.11 -25.58
CA TYR G 561 -3.84 30.45 -26.74
C TYR G 561 -2.51 29.82 -26.37
N GLN G 562 -1.68 30.53 -25.62
CA GLN G 562 -0.39 30.00 -25.21
C GLN G 562 -0.54 28.89 -24.18
N ASN G 563 -1.65 28.92 -23.42
CA ASN G 563 -1.86 27.93 -22.37
C ASN G 563 -2.00 26.52 -22.95
N LEU G 564 -2.73 26.39 -24.06
CA LEU G 564 -2.93 25.07 -24.65
C LEU G 564 -1.63 24.49 -25.18
N VAL G 565 -0.81 25.31 -25.82
CA VAL G 565 0.45 24.85 -26.38
C VAL G 565 1.56 24.97 -25.35
N GLY G 582 -8.24 21.62 -15.59
CA GLY G 582 -9.10 21.66 -16.76
C GLY G 582 -9.90 22.94 -16.86
N LYS G 583 -9.23 24.03 -17.23
CA LYS G 583 -9.86 25.32 -17.37
C LYS G 583 -10.58 25.43 -18.72
N TRP G 584 -10.99 26.65 -19.06
CA TRP G 584 -11.71 26.93 -20.29
C TRP G 584 -10.88 27.84 -21.18
N SER G 585 -10.87 27.55 -22.47
CA SER G 585 -10.16 28.34 -23.46
C SER G 585 -11.08 28.63 -24.63
N LEU G 586 -10.79 29.73 -25.34
CA LEU G 586 -11.68 30.18 -26.42
C LEU G 586 -11.91 29.09 -27.45
N ALA G 587 -10.93 28.20 -27.64
CA ALA G 587 -11.13 27.07 -28.54
C ALA G 587 -12.24 26.16 -28.03
N LEU G 588 -12.33 26.00 -26.71
CA LEU G 588 -13.30 25.07 -26.13
C LEU G 588 -14.73 25.53 -26.40
N ILE G 589 -15.00 26.82 -26.19
CA ILE G 589 -16.37 27.32 -26.36
C ILE G 589 -16.75 27.30 -27.84
N HIS G 590 -15.82 27.65 -28.73
CA HIS G 590 -16.15 27.78 -30.13
C HIS G 590 -16.59 26.44 -30.73
N MET G 591 -15.90 25.36 -30.38
CA MET G 591 -16.23 24.05 -30.93
C MET G 591 -17.37 23.36 -30.21
N ILE G 592 -17.64 23.72 -28.95
CA ILE G 592 -18.75 23.12 -28.23
C ILE G 592 -20.08 23.50 -28.89
N HIS G 593 -20.20 24.76 -29.31
CA HIS G 593 -21.45 25.21 -29.91
C HIS G 593 -21.65 24.62 -31.31
N LYS G 594 -20.57 24.28 -32.00
CA LYS G 594 -20.68 23.71 -33.34
C LYS G 594 -21.22 22.28 -33.26
N GLN G 595 -21.83 21.84 -34.35
CA GLN G 595 -22.56 20.56 -34.35
C GLN G 595 -21.60 19.39 -34.18
N ARG G 596 -20.53 19.36 -34.96
CA ARG G 596 -19.63 18.21 -34.94
C ARG G 596 -18.85 18.17 -33.62
N SER G 597 -18.76 16.97 -33.04
CA SER G 597 -18.00 16.70 -31.82
C SER G 597 -18.46 17.54 -30.64
N HIS G 598 -19.70 18.03 -30.67
CA HIS G 598 -20.23 18.77 -29.53
C HIS G 598 -20.46 17.84 -28.33
N MET G 599 -21.12 16.71 -28.56
CA MET G 599 -21.45 15.81 -27.45
C MET G 599 -20.25 15.00 -27.01
N ALA G 600 -19.34 14.68 -27.94
CA ALA G 600 -18.19 13.86 -27.60
C ALA G 600 -17.27 14.57 -26.62
N LEU G 601 -16.92 15.82 -26.92
CA LEU G 601 -16.03 16.57 -26.04
C LEU G 601 -16.69 16.87 -24.70
N LEU G 602 -17.99 17.16 -24.71
CA LEU G 602 -18.69 17.48 -23.47
C LEU G 602 -18.65 16.31 -22.50
N ASN G 603 -18.74 15.08 -23.02
CA ASN G 603 -18.68 13.91 -22.15
C ASN G 603 -17.25 13.62 -21.70
N VAL G 604 -16.28 13.90 -22.57
CA VAL G 604 -14.88 13.63 -22.22
C VAL G 604 -14.44 14.53 -21.07
N LEU G 605 -14.78 15.82 -21.13
CA LEU G 605 -14.40 16.74 -20.07
C LEU G 605 -15.02 16.35 -18.73
N SER G 606 -16.29 15.93 -18.75
CA SER G 606 -16.93 15.46 -17.53
C SER G 606 -16.31 14.17 -17.04
N THR G 607 -15.79 13.35 -17.96
CA THR G 607 -15.21 12.07 -17.56
C THR G 607 -13.97 12.27 -16.71
N GLY G 608 -13.08 13.18 -17.11
CA GLY G 608 -11.86 13.40 -16.35
C GLY G 608 -12.12 13.95 -14.97
N ARG G 609 -12.99 14.94 -14.87
CA ARG G 609 -13.31 15.56 -13.59
C ARG G 609 -14.36 14.75 -12.83
N GLY G 612 -9.46 10.51 -9.85
CA GLY G 612 -10.24 10.79 -11.04
C GLY G 612 -9.60 11.84 -11.94
N GLY G 613 -9.08 11.40 -13.08
CA GLY G 613 -8.45 12.30 -14.01
C GLY G 613 -8.41 11.70 -15.40
N MET G 614 -8.09 12.55 -16.38
CA MET G 614 -8.04 12.09 -17.76
C MET G 614 -6.84 11.18 -17.98
N THR G 615 -7.07 10.07 -18.66
CA THR G 615 -5.99 9.15 -18.99
C THR G 615 -5.18 9.68 -20.16
N LEU G 616 -4.06 9.00 -20.43
CA LEU G 616 -3.17 9.44 -21.50
C LEU G 616 -3.86 9.40 -22.86
N GLU G 617 -4.64 8.35 -23.12
CA GLU G 617 -5.34 8.25 -24.39
C GLU G 617 -6.37 9.35 -24.55
N GLN G 618 -7.14 9.64 -23.49
CA GLN G 618 -8.17 10.66 -23.58
C GLN G 618 -7.56 12.04 -23.82
N LYS G 619 -6.43 12.34 -23.19
CA LYS G 619 -5.76 13.60 -23.45
C LYS G 619 -5.36 13.72 -24.91
N GLN G 620 -4.91 12.62 -25.51
CA GLN G 620 -4.58 12.62 -26.93
C GLN G 620 -5.82 12.92 -27.78
N PHE G 621 -6.97 12.36 -27.40
CA PHE G 621 -8.19 12.61 -28.16
C PHE G 621 -8.54 14.09 -28.14
N VAL G 622 -8.47 14.72 -26.98
CA VAL G 622 -8.76 16.15 -26.89
C VAL G 622 -7.76 16.94 -27.73
N LEU G 623 -6.50 16.51 -27.73
CA LEU G 623 -5.50 17.15 -28.58
C LEU G 623 -5.78 16.87 -30.05
N ASP G 624 -6.40 15.73 -30.35
CA ASP G 624 -6.65 15.38 -31.75
C ASP G 624 -7.75 16.23 -32.34
N ILE G 625 -8.83 16.46 -31.59
CA ILE G 625 -10.01 17.11 -32.17
C ILE G 625 -9.74 18.58 -32.44
N ILE G 626 -8.98 19.24 -31.57
CA ILE G 626 -8.81 20.70 -31.69
C ILE G 626 -8.12 21.04 -33.01
N GLU G 627 -7.06 20.31 -33.36
CA GLU G 627 -6.28 20.66 -34.53
C GLU G 627 -6.98 20.30 -35.84
N GLU G 628 -7.98 19.41 -35.80
CA GLU G 628 -8.67 19.00 -37.01
C GLU G 628 -9.89 19.86 -37.34
N GLU G 629 -10.46 20.53 -36.35
CA GLU G 629 -11.61 21.39 -36.61
C GLU G 629 -11.22 22.85 -36.78
N LYS G 630 -9.92 23.14 -36.84
CA LYS G 630 -9.42 24.50 -37.03
C LYS G 630 -9.88 25.44 -35.91
N SER G 631 -10.17 24.88 -34.73
CA SER G 631 -10.47 25.72 -33.58
C SER G 631 -9.24 26.50 -33.13
N LEU G 632 -8.06 25.89 -33.25
CA LEU G 632 -6.82 26.63 -33.02
C LEU G 632 -6.65 27.72 -34.06
N ASP G 633 -7.16 27.49 -35.27
CA ASP G 633 -7.14 28.52 -36.30
C ASP G 633 -8.17 29.60 -36.02
N TYR G 634 -9.23 29.25 -35.27
CA TYR G 634 -10.26 30.23 -34.97
C TYR G 634 -9.74 31.32 -34.05
N THR G 635 -8.75 30.99 -33.20
CA THR G 635 -8.17 31.99 -32.31
C THR G 635 -7.50 33.10 -33.11
N ARG G 636 -6.71 32.73 -34.13
CA ARG G 636 -6.05 33.74 -34.94
C ARG G 636 -7.05 34.52 -35.77
N SER G 637 -8.24 33.97 -35.99
CA SER G 637 -9.27 34.69 -36.72
C SER G 637 -9.77 35.89 -35.90
N VAL G 638 -9.97 35.69 -34.60
CA VAL G 638 -10.48 36.77 -33.76
C VAL G 638 -9.33 37.61 -33.20
N MET G 639 -8.13 37.03 -33.15
CA MET G 639 -6.97 37.79 -32.68
C MET G 639 -6.54 38.84 -33.70
N MET G 640 -6.46 38.45 -34.97
CA MET G 640 -5.98 39.36 -36.00
C MET G 640 -6.99 40.47 -36.28
N ASP G 641 -8.26 40.08 -36.39
CA ASP G 641 -9.33 41.08 -36.63
C ASP G 641 -9.28 42.11 -35.50
N LEU G 642 -9.20 41.64 -34.25
CA LEU G 642 -9.18 42.55 -33.11
C LEU G 642 -8.06 43.57 -33.25
N HIS G 643 -6.89 43.12 -33.73
CA HIS G 643 -5.75 44.02 -33.90
C HIS G 643 -6.08 45.15 -34.87
N VAL G 644 -6.77 44.83 -35.96
CA VAL G 644 -7.01 45.81 -37.01
C VAL G 644 -7.91 46.93 -36.50
N GLN G 645 -9.01 46.56 -35.85
CA GLN G 645 -9.94 47.58 -35.35
C GLN G 645 -9.32 48.36 -34.21
N LEU G 646 -8.43 47.75 -33.44
CA LEU G 646 -7.72 48.50 -32.40
C LEU G 646 -6.77 49.50 -33.00
N ARG G 647 -6.12 49.16 -34.11
CA ARG G 647 -5.20 50.09 -34.76
C ARG G 647 -5.94 51.31 -35.29
N ALA G 648 -7.26 51.20 -35.46
CA ALA G 648 -8.05 52.37 -35.82
C ALA G 648 -8.41 53.18 -34.58
N GLU G 649 -8.66 52.51 -33.46
CA GLU G 649 -9.07 53.19 -32.24
C GLU G 649 -7.95 54.10 -31.72
N ILE G 650 -6.72 53.61 -31.74
CA ILE G 650 -5.58 54.43 -31.33
C ILE G 650 -5.39 55.60 -32.29
N GLY G 651 -5.63 55.39 -33.58
CA GLY G 651 -5.44 56.46 -34.54
C GLY G 651 -6.42 57.60 -34.36
N ARG G 652 -7.66 57.26 -33.97
CA ARG G 652 -8.71 58.29 -33.91
C ARG G 652 -8.55 59.21 -32.70
N ILE G 653 -8.03 58.70 -31.58
CA ILE G 653 -7.85 59.55 -30.41
C ILE G 653 -6.74 60.57 -30.63
N GLU G 654 -5.66 60.14 -31.29
CA GLU G 654 -4.56 61.05 -31.57
C GLU G 654 -4.79 61.82 -32.85
N ASP G 658 -3.99 64.47 -28.90
CA ASP G 658 -4.09 65.00 -30.26
C ASP G 658 -2.67 65.34 -30.72
N SER G 659 -1.78 64.37 -30.55
CA SER G 659 -0.38 64.48 -30.92
C SER G 659 0.12 63.14 -31.48
N PRO G 660 1.12 63.18 -32.35
CA PRO G 660 1.69 61.91 -32.83
C PRO G 660 2.27 61.08 -31.70
N ASN G 661 2.02 59.78 -31.76
CA ASN G 661 2.47 58.84 -30.73
C ASN G 661 3.13 57.65 -31.39
N PRO G 662 4.47 57.62 -31.50
CA PRO G 662 5.13 56.43 -32.03
C PRO G 662 5.26 55.32 -31.01
N ALA G 663 5.10 55.62 -29.72
CA ALA G 663 5.37 54.61 -28.69
C ALA G 663 4.31 53.52 -28.67
N MET G 664 3.02 53.90 -28.73
CA MET G 664 1.97 52.92 -28.57
C MET G 664 1.91 51.95 -29.75
N ARG G 665 2.26 52.40 -30.95
CA ARG G 665 2.35 51.48 -32.08
C ARG G 665 3.44 50.44 -31.86
N LEU G 666 4.53 50.82 -31.20
CA LEU G 666 5.61 49.87 -30.93
C LEU G 666 5.12 48.75 -30.03
N LEU G 667 4.26 49.06 -29.06
CA LEU G 667 3.68 48.03 -28.21
C LEU G 667 2.81 47.06 -29.02
N LEU G 668 2.04 47.60 -29.97
CA LEU G 668 1.15 46.76 -30.75
C LEU G 668 1.90 45.73 -31.57
N GLU G 669 3.00 46.14 -32.22
CA GLU G 669 3.77 45.20 -33.02
C GLU G 669 4.49 44.18 -32.14
N LEU G 670 4.79 44.54 -30.88
CA LEU G 670 5.37 43.58 -29.96
C LEU G 670 4.37 42.50 -29.60
N LEU G 671 3.09 42.86 -29.44
CA LEU G 671 2.07 41.86 -29.12
C LEU G 671 1.92 40.86 -30.25
N ARG G 672 1.92 41.32 -31.50
CA ARG G 672 1.83 40.43 -32.65
C ARG G 672 2.25 41.16 -33.92
N ALA H 374 -24.43 35.79 -7.80
CA ALA H 374 -24.42 35.69 -6.35
C ALA H 374 -23.47 34.60 -5.88
N VAL H 375 -22.72 34.02 -6.83
CA VAL H 375 -21.77 32.97 -6.49
C VAL H 375 -20.62 33.55 -5.66
N LEU H 376 -20.22 34.79 -5.94
CA LEU H 376 -19.14 35.40 -5.17
C LEU H 376 -19.53 35.59 -3.72
N GLU H 377 -20.76 36.02 -3.46
CA GLU H 377 -21.21 36.27 -2.09
C GLU H 377 -21.75 35.02 -1.41
N ALA H 378 -21.85 33.90 -2.12
CA ALA H 378 -22.42 32.70 -1.53
C ALA H 378 -21.62 32.15 -0.35
N PRO H 379 -20.30 31.98 -0.44
CA PRO H 379 -19.58 31.47 0.74
C PRO H 379 -19.68 32.38 1.95
N TYR H 380 -19.73 33.69 1.75
CA TYR H 380 -19.87 34.60 2.88
C TYR H 380 -21.25 34.48 3.51
N ASP H 381 -22.30 34.41 2.67
CA ASP H 381 -23.66 34.31 3.21
C ASP H 381 -23.86 33.00 3.95
N TYR H 382 -23.24 31.93 3.47
CA TYR H 382 -23.35 30.65 4.16
C TYR H 382 -22.76 30.72 5.57
N ILE H 383 -21.61 31.37 5.72
CA ILE H 383 -21.01 31.50 7.04
C ILE H 383 -21.75 32.52 7.89
N ALA H 384 -22.57 33.37 7.28
CA ALA H 384 -23.39 34.32 8.02
C ALA H 384 -24.76 33.78 8.38
N SER H 385 -25.15 32.64 7.82
CA SER H 385 -26.42 32.03 8.21
C SER H 385 -26.32 31.37 9.58
N MET H 386 -25.12 30.95 9.97
CA MET H 386 -24.92 30.39 11.30
C MET H 386 -25.12 31.47 12.35
N PRO H 387 -25.93 31.23 13.38
CA PRO H 387 -26.04 32.21 14.47
C PRO H 387 -24.76 32.27 15.31
N SER H 388 -24.02 33.36 15.18
CA SER H 388 -22.69 33.45 15.78
C SER H 388 -22.80 33.60 17.29
N LYS H 389 -21.65 33.73 17.95
CA LYS H 389 -21.62 33.86 19.40
C LYS H 389 -22.29 35.16 19.85
N GLY H 390 -22.12 36.23 19.09
CA GLY H 390 -22.75 37.51 19.40
C GLY H 390 -22.11 38.24 20.57
N VAL H 391 -20.88 38.71 20.37
CA VAL H 391 -20.12 39.41 21.41
C VAL H 391 -19.82 40.84 21.03
N ARG H 392 -19.40 41.08 19.78
CA ARG H 392 -19.10 42.43 19.34
C ARG H 392 -20.33 43.34 19.43
N ASP H 393 -21.51 42.78 19.19
CA ASP H 393 -22.73 43.57 19.28
C ASP H 393 -22.96 44.04 20.72
N GLN H 394 -22.68 43.19 21.71
CA GLN H 394 -22.78 43.62 23.09
C GLN H 394 -21.77 44.72 23.39
N PHE H 395 -20.54 44.58 22.88
CA PHE H 395 -19.49 45.53 23.18
C PHE H 395 -19.77 46.89 22.54
N ILE H 396 -20.16 46.89 21.27
CA ILE H 396 -20.42 48.15 20.58
C ILE H 396 -21.68 48.83 21.14
N ASP H 397 -22.65 48.04 21.60
CA ASP H 397 -23.81 48.64 22.26
C ASP H 397 -23.44 49.13 23.66
N ALA H 398 -22.51 48.44 24.31
CA ALA H 398 -22.08 48.85 25.65
C ALA H 398 -21.35 50.19 25.60
N LEU H 399 -20.46 50.36 24.63
CA LEU H 399 -19.69 51.60 24.55
C LEU H 399 -20.57 52.77 24.12
N ASN H 400 -21.58 52.51 23.30
CA ASN H 400 -22.48 53.57 22.85
C ASN H 400 -23.31 54.13 23.99
N ASP H 401 -23.41 53.41 25.12
CA ASP H 401 -24.17 53.92 26.25
C ASP H 401 -23.55 55.21 26.79
N TRP H 402 -22.21 55.28 26.83
CA TRP H 402 -21.55 56.49 27.25
C TRP H 402 -21.60 57.55 26.16
N LEU H 403 -21.02 57.23 24.99
CA LEU H 403 -20.93 58.17 23.89
C LEU H 403 -22.26 58.17 23.12
N ARG H 404 -23.01 59.25 23.25
CA ARG H 404 -24.32 59.32 22.61
C ARG H 404 -24.20 59.61 21.13
N VAL H 405 -23.63 58.65 20.38
CA VAL H 405 -23.52 58.75 18.93
C VAL H 405 -24.51 57.76 18.31
N PRO H 406 -25.32 58.17 17.33
CA PRO H 406 -26.33 57.32 16.70
C PRO H 406 -25.73 56.14 15.94
N LYS H 409 -25.55 55.43 12.67
CA LYS H 409 -24.09 55.38 12.55
C LYS H 409 -23.55 54.11 13.20
N VAL H 410 -24.13 53.73 14.33
CA VAL H 410 -23.71 52.50 15.01
C VAL H 410 -24.03 51.29 14.15
N GLY H 411 -25.17 51.31 13.46
CA GLY H 411 -25.51 50.22 12.56
C GLY H 411 -24.48 50.00 11.48
N LYS H 412 -23.90 51.09 10.95
CA LYS H 412 -22.79 50.96 10.01
C LYS H 412 -21.58 50.33 10.69
N ILE H 413 -21.30 50.74 11.93
CA ILE H 413 -20.18 50.16 12.67
C ILE H 413 -20.46 48.70 12.98
N LYS H 414 -21.72 48.36 13.29
CA LYS H 414 -22.06 47.00 13.64
C LYS H 414 -21.79 46.04 12.50
N ASP H 415 -22.26 46.37 11.29
CA ASP H 415 -22.11 45.43 10.18
C ASP H 415 -20.74 45.53 9.52
N ALA H 416 -20.09 46.69 9.57
CA ALA H 416 -18.74 46.80 9.01
C ALA H 416 -17.78 45.90 9.77
N VAL H 417 -17.87 45.89 11.10
CA VAL H 417 -17.06 44.99 11.90
C VAL H 417 -17.50 43.54 11.67
N ARG H 418 -18.79 43.33 11.49
CA ARG H 418 -19.31 41.98 11.26
C ARG H 418 -18.75 41.38 9.98
N VAL H 419 -18.65 42.18 8.92
CA VAL H 419 -18.09 41.70 7.66
C VAL H 419 -16.63 41.32 7.85
N LEU H 420 -15.87 42.14 8.57
CA LEU H 420 -14.45 41.87 8.78
C LEU H 420 -14.26 40.59 9.59
N HIS H 421 -15.09 40.37 10.61
CA HIS H 421 -14.91 39.18 11.44
C HIS H 421 -15.28 37.92 10.67
N ASN H 422 -16.38 37.95 9.92
CA ASN H 422 -16.79 36.78 9.14
C ASN H 422 -15.78 36.45 8.06
N SER H 423 -15.24 37.47 7.39
CA SER H 423 -14.23 37.25 6.36
C SER H 423 -12.96 36.68 6.98
N SER H 424 -12.57 37.19 8.14
CA SER H 424 -11.43 36.62 8.85
C SER H 424 -11.72 35.18 9.27
N LEU H 425 -12.96 34.90 9.66
CA LEU H 425 -13.34 33.54 10.02
C LEU H 425 -13.23 32.60 8.83
N LEU H 426 -13.64 33.06 7.65
CA LEU H 426 -13.52 32.25 6.45
C LEU H 426 -12.06 31.92 6.16
N LEU H 427 -11.18 32.92 6.30
CA LEU H 427 -9.75 32.69 6.10
C LEU H 427 -9.20 31.76 7.17
N ASP H 428 -9.48 32.08 8.45
CA ASP H 428 -8.87 31.35 9.55
C ASP H 428 -9.25 29.88 9.53
N ASP H 429 -10.51 29.57 9.20
CA ASP H 429 -10.95 28.19 9.16
C ASP H 429 -10.18 27.39 8.11
N PHE H 430 -9.87 28.02 6.98
CA PHE H 430 -9.16 27.32 5.91
C PHE H 430 -7.71 27.02 6.30
N GLN H 431 -7.05 27.96 6.97
CA GLN H 431 -5.61 27.80 7.24
C GLN H 431 -5.34 26.67 8.21
N ASP H 432 -6.15 26.52 9.26
CA ASP H 432 -5.92 25.43 10.20
C ASP H 432 -6.61 24.14 9.77
N ASN H 433 -7.28 24.14 8.62
CA ASN H 433 -7.96 22.96 8.09
C ASN H 433 -9.00 22.42 9.08
N SER H 434 -9.80 23.31 9.62
CA SER H 434 -10.87 22.90 10.53
C SER H 434 -11.98 22.23 9.73
N PRO H 435 -12.32 20.97 10.02
CA PRO H 435 -13.33 20.28 9.22
C PRO H 435 -14.76 20.54 9.66
N LEU H 436 -14.98 21.26 10.77
CA LEU H 436 -16.32 21.43 11.31
C LEU H 436 -16.31 22.69 12.17
N ARG H 437 -17.04 23.73 11.75
CA ARG H 437 -17.12 24.93 12.57
C ARG H 437 -18.16 24.76 13.66
N ARG H 438 -19.44 24.66 13.28
CA ARG H 438 -20.52 24.34 14.21
C ARG H 438 -21.63 23.66 13.41
N GLY H 439 -21.92 22.41 13.73
CA GLY H 439 -22.99 21.71 13.05
C GLY H 439 -22.68 21.37 11.62
N LYS H 440 -23.27 22.11 10.68
CA LYS H 440 -23.03 21.89 9.27
C LYS H 440 -21.57 22.14 8.91
N PRO H 441 -21.06 21.49 7.86
CA PRO H 441 -19.62 21.54 7.59
C PRO H 441 -19.15 22.92 7.17
N SER H 442 -17.85 23.14 7.31
CA SER H 442 -17.25 24.44 7.07
C SER H 442 -17.26 24.76 5.57
N THR H 443 -16.99 26.03 5.26
CA THR H 443 -16.96 26.47 3.88
C THR H 443 -15.81 25.84 3.11
N HIS H 444 -14.74 25.45 3.81
CA HIS H 444 -13.60 24.82 3.15
C HIS H 444 -14.01 23.49 2.52
N ASN H 445 -15.00 22.81 3.11
CA ASN H 445 -15.41 21.48 2.65
C ASN H 445 -16.62 21.51 1.73
N ILE H 446 -17.12 22.69 1.37
CA ILE H 446 -18.32 22.79 0.55
C ILE H 446 -18.02 23.44 -0.78
N PHE H 447 -17.52 24.67 -0.75
CA PHE H 447 -17.25 25.44 -1.96
C PHE H 447 -15.83 25.25 -2.48
N GLY H 448 -15.01 24.45 -1.82
CA GLY H 448 -13.62 24.30 -2.20
C GLY H 448 -12.75 25.38 -1.60
N SER H 449 -11.43 25.16 -1.68
CA SER H 449 -10.49 26.11 -1.10
C SER H 449 -10.38 27.36 -1.95
N ALA H 450 -10.60 27.24 -3.26
CA ALA H 450 -10.40 28.38 -4.15
C ALA H 450 -11.47 29.45 -3.96
N GLN H 451 -12.74 29.03 -3.89
CA GLN H 451 -13.83 30.01 -3.82
C GLN H 451 -13.87 30.71 -2.48
N THR H 452 -13.60 29.98 -1.40
CA THR H 452 -13.64 30.58 -0.06
C THR H 452 -12.60 31.68 0.08
N VAL H 453 -11.39 31.45 -0.41
CA VAL H 453 -10.34 32.46 -0.32
C VAL H 453 -10.72 33.70 -1.14
N ASN H 454 -11.26 33.49 -2.34
CA ASN H 454 -11.65 34.61 -3.18
C ASN H 454 -12.74 35.44 -2.53
N THR H 455 -13.75 34.77 -1.97
CA THR H 455 -14.83 35.51 -1.30
C THR H 455 -14.31 36.21 -0.05
N ALA H 456 -13.41 35.56 0.69
CA ALA H 456 -12.86 36.17 1.90
C ALA H 456 -12.09 37.44 1.58
N THR H 457 -11.28 37.42 0.52
CA THR H 457 -10.52 38.61 0.15
C THR H 457 -11.44 39.71 -0.38
N TYR H 458 -12.51 39.32 -1.06
CA TYR H 458 -13.42 40.31 -1.62
C TYR H 458 -14.20 41.02 -0.52
N SER H 459 -14.55 40.29 0.55
CA SER H 459 -15.38 40.86 1.59
C SER H 459 -14.62 41.90 2.41
N ILE H 460 -13.32 41.68 2.61
CA ILE H 460 -12.52 42.64 3.38
C ILE H 460 -12.45 43.97 2.65
N ILE H 461 -12.22 43.94 1.34
CA ILE H 461 -12.13 45.18 0.57
C ILE H 461 -13.49 45.87 0.52
N LYS H 462 -14.58 45.10 0.45
CA LYS H 462 -15.90 45.70 0.58
C LYS H 462 -16.07 46.34 1.96
N ALA H 463 -15.53 45.70 3.00
CA ALA H 463 -15.61 46.28 4.34
C ALA H 463 -14.84 47.60 4.40
N ILE H 464 -13.70 47.68 3.72
CA ILE H 464 -12.98 48.94 3.60
C ILE H 464 -13.82 49.98 2.88
N GLY H 465 -14.60 49.53 1.88
CA GLY H 465 -15.41 50.47 1.12
C GLY H 465 -16.51 51.09 1.95
N GLN H 466 -17.21 50.28 2.74
CA GLN H 466 -18.33 50.79 3.54
C GLN H 466 -17.84 51.82 4.54
N ILE H 467 -16.65 51.62 5.10
CA ILE H 467 -16.09 52.58 6.04
C ILE H 467 -15.79 53.90 5.36
N MET H 468 -15.32 53.87 4.10
CA MET H 468 -15.00 55.10 3.39
C MET H 468 -16.21 56.01 3.29
N GLU H 469 -17.37 55.45 2.96
CA GLU H 469 -18.55 56.27 2.67
C GLU H 469 -18.89 57.17 3.84
N PHE H 470 -18.85 56.60 5.05
CA PHE H 470 -19.22 57.40 6.25
C PHE H 470 -17.95 57.95 6.92
N SER H 471 -17.03 57.08 7.34
CA SER H 471 -15.75 57.56 7.92
C SER H 471 -14.93 58.27 6.82
N ALA H 472 -14.61 59.55 7.02
CA ALA H 472 -13.92 60.34 5.96
C ALA H 472 -12.44 59.95 5.84
N GLY H 473 -11.66 60.75 5.11
CA GLY H 473 -10.23 60.46 4.91
C GLY H 473 -9.43 60.50 6.20
N GLU H 474 -8.18 60.02 6.16
CA GLU H 474 -7.31 59.96 7.38
C GLU H 474 -7.92 58.99 8.39
N SER H 475 -9.10 59.29 8.93
CA SER H 475 -9.78 58.32 9.82
C SER H 475 -9.71 56.94 9.17
N VAL H 476 -10.11 56.84 7.90
CA VAL H 476 -10.10 55.54 7.16
C VAL H 476 -8.65 55.07 7.00
N GLN H 477 -7.69 55.98 6.83
CA GLN H 477 -6.27 55.58 6.72
C GLN H 477 -5.84 54.91 8.04
N GLU H 478 -6.02 55.59 9.17
CA GLU H 478 -5.72 54.99 10.49
C GLU H 478 -6.47 53.66 10.57
N VAL H 479 -7.74 53.65 10.18
CA VAL H 479 -8.52 52.41 10.18
C VAL H 479 -7.76 51.32 9.43
N MET H 480 -7.20 51.64 8.26
CA MET H 480 -6.48 50.62 7.49
C MET H 480 -5.17 50.23 8.16
N ASN H 481 -4.57 51.13 8.94
CA ASN H 481 -3.35 50.77 9.64
C ASN H 481 -3.59 49.64 10.63
N SER H 482 -4.76 49.63 11.26
CA SER H 482 -5.10 48.54 12.17
C SER H 482 -5.24 47.22 11.42
N ILE H 483 -5.92 47.23 10.28
CA ILE H 483 -6.06 46.00 9.49
C ILE H 483 -4.71 45.59 8.92
N MET H 484 -3.88 46.56 8.56
CA MET H 484 -2.51 46.23 8.16
C MET H 484 -1.77 45.54 9.30
N ILE H 485 -1.95 46.03 10.53
CA ILE H 485 -1.33 45.40 11.69
C ILE H 485 -1.96 44.05 11.98
N LEU H 486 -3.28 43.96 11.81
CA LEU H 486 -4.00 42.74 12.19
C LEU H 486 -3.51 41.54 11.38
N PHE H 487 -3.15 41.75 10.11
CA PHE H 487 -2.60 40.65 9.32
C PHE H 487 -1.19 40.30 9.74
N GLN H 488 -0.46 41.26 10.32
CA GLN H 488 0.91 41.00 10.76
C GLN H 488 0.93 39.96 11.88
N GLY H 489 0.04 40.12 12.86
CA GLY H 489 0.01 39.17 13.96
C GLY H 489 -0.41 37.78 13.53
N GLN H 490 -1.31 37.68 12.55
CA GLN H 490 -1.71 36.38 12.05
C GLN H 490 -0.56 35.69 11.32
N ALA H 491 0.29 36.48 10.66
CA ALA H 491 1.42 35.91 9.93
C ALA H 491 2.39 35.21 10.87
N MET H 492 2.65 35.80 12.04
CA MET H 492 3.59 35.20 12.98
C MET H 492 3.07 33.87 13.50
N ASP H 493 1.76 33.77 13.73
CA ASP H 493 1.19 32.52 14.25
C ASP H 493 1.41 31.40 13.24
N LEU H 494 1.15 31.66 11.96
CA LEU H 494 1.35 30.65 10.93
C LEU H 494 2.82 30.28 10.79
N PHE H 495 3.70 31.26 10.92
CA PHE H 495 5.14 30.98 10.87
C PHE H 495 5.56 30.04 11.98
N TRP H 496 5.03 30.24 13.19
CA TRP H 496 5.34 29.36 14.29
C TRP H 496 4.77 27.96 14.07
N THR H 497 3.56 27.88 13.52
CA THR H 497 2.93 26.59 13.29
C THR H 497 3.62 25.83 12.17
N TYR H 498 4.01 26.52 11.10
CA TYR H 498 4.64 25.86 9.96
C TYR H 498 6.09 25.52 10.25
N ASN H 499 6.93 26.55 10.44
CA ASN H 499 8.32 26.34 10.79
C ASN H 499 8.42 25.99 12.27
N GLY H 500 9.15 24.93 12.57
CA GLY H 500 9.30 24.50 13.95
C GLY H 500 9.95 25.57 14.80
N HIS H 501 9.17 26.19 15.68
CA HIS H 501 9.65 27.27 16.52
C HIS H 501 8.92 27.20 17.86
N VAL H 502 9.58 27.70 18.89
CA VAL H 502 9.01 27.76 20.23
C VAL H 502 8.77 29.23 20.58
N PRO H 503 7.59 29.59 21.06
CA PRO H 503 7.34 30.97 21.49
C PRO H 503 7.56 31.14 22.98
N SER H 504 7.72 32.40 23.37
CA SER H 504 7.82 32.77 24.78
C SER H 504 6.50 33.41 25.22
N GLU H 505 6.42 33.72 26.51
CA GLU H 505 5.23 34.40 27.02
C GLU H 505 5.10 35.79 26.44
N GLU H 506 6.21 36.52 26.32
CA GLU H 506 6.17 37.87 25.78
C GLU H 506 5.75 37.87 24.31
N GLU H 507 6.31 36.95 23.52
CA GLU H 507 5.96 36.90 22.10
C GLU H 507 4.49 36.53 21.91
N TYR H 508 3.99 35.57 22.69
CA TYR H 508 2.60 35.19 22.57
C TYR H 508 1.66 36.33 22.95
N TYR H 509 2.02 37.10 23.98
CA TYR H 509 1.17 38.20 24.41
C TYR H 509 1.05 39.27 23.33
N ARG H 510 2.15 39.58 22.64
CA ARG H 510 2.07 40.52 21.53
C ARG H 510 1.22 39.96 20.40
N MET H 511 1.36 38.66 20.11
CA MET H 511 0.56 38.04 19.07
C MET H 511 -0.93 38.05 19.44
N ILE H 512 -1.23 38.01 20.74
CA ILE H 512 -2.61 38.07 21.19
C ILE H 512 -3.23 39.40 20.80
N ASP H 513 -2.50 40.49 21.06
CA ASP H 513 -3.04 41.83 20.83
C ASP H 513 -3.26 42.10 19.36
N GLN H 514 -2.34 41.63 18.51
CA GLN H 514 -2.38 41.99 17.10
C GLN H 514 -3.51 41.28 16.34
N LYS H 515 -4.01 40.17 16.88
CA LYS H 515 -5.00 39.37 16.17
C LYS H 515 -6.42 39.63 16.68
N THR H 516 -6.66 39.39 17.97
CA THR H 516 -8.00 39.55 18.51
C THR H 516 -8.24 40.93 19.10
N GLY H 517 -7.19 41.70 19.36
CA GLY H 517 -7.35 43.03 19.89
C GLY H 517 -7.44 44.14 18.87
N GLN H 518 -7.01 43.89 17.64
CA GLN H 518 -7.10 44.92 16.62
C GLN H 518 -8.53 45.09 16.12
N LEU H 519 -9.31 44.00 16.11
CA LEU H 519 -10.70 44.11 15.71
C LEU H 519 -11.48 44.97 16.70
N PHE H 520 -11.23 44.80 17.99
CA PHE H 520 -11.89 45.63 18.98
C PHE H 520 -11.42 47.07 18.90
N SER H 521 -10.13 47.28 18.59
CA SER H 521 -9.60 48.63 18.49
C SER H 521 -10.25 49.39 17.34
N ILE H 522 -10.53 48.70 16.23
CA ILE H 522 -11.23 49.32 15.11
C ILE H 522 -12.62 49.76 15.54
N ALA H 523 -13.32 48.89 16.26
CA ALA H 523 -14.69 49.19 16.68
C ALA H 523 -14.71 50.39 17.62
N THR H 524 -13.75 50.46 18.55
CA THR H 524 -13.70 51.60 19.46
C THR H 524 -13.24 52.86 18.76
N SER H 525 -12.28 52.74 17.84
CA SER H 525 -11.75 53.92 17.16
C SER H 525 -12.81 54.61 16.33
N LEU H 526 -13.62 53.83 15.61
CA LEU H 526 -14.69 54.41 14.81
C LEU H 526 -15.73 55.08 15.69
N LEU H 527 -16.09 54.45 16.80
CA LEU H 527 -17.07 55.04 17.70
C LEU H 527 -16.51 56.29 18.36
N LEU H 528 -15.22 56.27 18.73
CA LEU H 528 -14.64 57.37 19.49
C LEU H 528 -14.61 58.66 18.67
N ASN H 529 -14.21 58.56 17.39
CA ASN H 529 -14.03 59.77 16.60
C ASN H 529 -15.37 60.34 16.15
N ALA H 530 -16.38 59.49 15.97
CA ALA H 530 -17.70 59.96 15.59
C ALA H 530 -18.36 60.73 16.72
N CYS H 543 -6.98 55.99 28.37
CA CYS H 543 -8.26 56.15 27.68
C CYS H 543 -8.94 54.80 27.50
N LEU H 544 -9.86 54.75 26.53
CA LEU H 544 -10.57 53.51 26.20
C LEU H 544 -9.71 52.53 25.43
N HIS H 545 -8.55 52.95 24.94
CA HIS H 545 -7.67 52.03 24.21
C HIS H 545 -7.10 50.97 25.14
N ARG H 546 -6.81 51.33 26.39
CA ARG H 546 -6.32 50.36 27.36
C ARG H 546 -7.36 49.29 27.64
N LEU H 547 -8.64 49.66 27.59
CA LEU H 547 -9.71 48.69 27.85
C LEU H 547 -9.73 47.60 26.79
N THR H 548 -9.54 47.97 25.51
CA THR H 548 -9.64 46.99 24.44
C THR H 548 -8.57 45.93 24.54
N ARG H 549 -7.32 46.34 24.78
CA ARG H 549 -6.23 45.38 24.85
C ARG H 549 -6.38 44.46 26.05
N LEU H 550 -6.98 44.95 27.14
CA LEU H 550 -7.22 44.11 28.29
C LEU H 550 -8.37 43.13 28.03
N LEU H 551 -9.47 43.62 27.47
CA LEU H 551 -10.61 42.75 27.20
C LEU H 551 -10.31 41.83 26.02
N GLY H 552 -9.65 42.35 24.99
CA GLY H 552 -9.30 41.51 23.86
C GLY H 552 -8.39 40.36 24.24
N ARG H 553 -7.41 40.62 25.10
CA ARG H 553 -6.51 39.58 25.55
C ARG H 553 -7.27 38.47 26.28
N CYS H 554 -8.29 38.83 27.04
CA CYS H 554 -9.06 37.84 27.76
C CYS H 554 -9.83 36.92 26.82
N PHE H 555 -10.41 37.47 25.76
CA PHE H 555 -11.37 36.72 24.98
C PHE H 555 -10.71 35.59 24.19
N GLN H 556 -9.53 35.85 23.64
CA GLN H 556 -8.86 34.80 22.88
C GLN H 556 -8.27 33.74 23.80
N ILE H 557 -7.78 34.14 24.98
CA ILE H 557 -7.28 33.17 25.93
C ILE H 557 -8.42 32.42 26.61
N ARG H 558 -9.60 33.03 26.69
CA ARG H 558 -10.77 32.32 27.18
C ARG H 558 -11.21 31.25 26.18
N ASP H 559 -11.26 31.60 24.89
CA ASP H 559 -11.60 30.61 23.87
C ASP H 559 -10.52 29.54 23.77
N ASP H 560 -9.26 29.92 23.96
CA ASP H 560 -8.19 28.93 23.98
C ASP H 560 -8.32 28.00 25.19
N TYR H 561 -8.94 28.49 26.27
CA TYR H 561 -9.14 27.68 27.46
C TYR H 561 -10.12 26.54 27.22
N GLN H 562 -10.95 26.62 26.17
CA GLN H 562 -11.92 25.56 25.90
C GLN H 562 -11.23 24.27 25.50
N ASN H 563 -9.94 24.30 25.19
CA ASN H 563 -9.19 23.10 24.88
C ASN H 563 -9.15 22.15 26.07
N LEU H 586 -2.31 29.15 26.21
CA LEU H 586 -1.22 29.67 27.04
C LEU H 586 -0.61 28.57 27.88
N ALA H 587 -1.35 27.46 28.03
CA ALA H 587 -0.88 26.35 28.84
C ALA H 587 0.41 25.77 28.29
N LEU H 588 0.48 25.56 26.98
CA LEU H 588 1.69 25.01 26.36
C LEU H 588 2.84 26.00 26.39
N ILE H 589 2.56 27.31 26.47
CA ILE H 589 3.62 28.30 26.53
C ILE H 589 4.41 28.16 27.82
N HIS H 590 3.76 27.72 28.90
CA HIS H 590 4.45 27.59 30.18
C HIS H 590 5.56 26.56 30.12
N MET H 591 5.32 25.44 29.45
CA MET H 591 6.32 24.38 29.37
C MET H 591 6.37 23.78 27.96
N SER H 597 9.69 16.59 32.66
CA SER H 597 10.21 17.96 32.75
C SER H 597 9.98 18.71 31.44
N HIS H 598 10.43 19.96 31.40
CA HIS H 598 10.28 20.77 30.19
C HIS H 598 11.09 20.20 29.03
N MET H 599 12.33 19.78 29.31
CA MET H 599 13.18 19.25 28.25
C MET H 599 12.59 18.00 27.63
N ALA H 600 12.03 17.11 28.46
CA ALA H 600 11.41 15.91 27.93
C ALA H 600 10.22 16.23 27.05
N LEU H 601 9.40 17.20 27.44
CA LEU H 601 8.23 17.56 26.66
C LEU H 601 8.61 18.22 25.34
N LEU H 602 9.71 18.96 25.33
CA LEU H 602 10.14 19.66 24.12
C LEU H 602 10.52 18.67 23.03
N ASN H 603 11.16 17.57 23.40
CA ASN H 603 11.61 16.59 22.40
C ASN H 603 10.42 15.91 21.72
N VAL H 604 9.40 15.52 22.50
CA VAL H 604 8.23 14.91 21.89
C VAL H 604 7.37 15.92 21.16
N LEU H 605 7.49 17.21 21.50
CA LEU H 605 6.74 18.23 20.78
C LEU H 605 7.20 18.34 19.33
N SER H 606 8.44 17.97 19.04
CA SER H 606 8.97 18.03 17.68
C SER H 606 8.60 16.77 16.88
N THR H 607 7.29 16.53 16.82
CA THR H 607 6.71 15.41 16.07
C THR H 607 7.35 14.08 16.49
N GLY H 608 7.19 13.76 17.77
CA GLY H 608 7.76 12.55 18.33
C GLY H 608 9.22 12.71 18.70
N THR H 615 2.21 6.21 18.61
CA THR H 615 2.41 7.62 18.92
C THR H 615 1.35 8.14 19.87
N LEU H 616 0.38 7.29 20.19
CA LEU H 616 -0.68 7.69 21.12
C LEU H 616 -0.15 7.83 22.54
N GLU H 617 0.95 7.16 22.86
CA GLU H 617 1.52 7.24 24.20
C GLU H 617 1.97 8.66 24.52
N GLN H 618 2.62 9.33 23.56
CA GLN H 618 3.08 10.69 23.80
C GLN H 618 1.90 11.65 23.95
N LYS H 619 0.79 11.39 23.26
CA LYS H 619 -0.42 12.19 23.48
C LYS H 619 -0.94 11.99 24.89
N GLN H 620 -0.89 10.74 25.39
CA GLN H 620 -1.24 10.49 26.78
C GLN H 620 -0.27 11.18 27.73
N PHE H 621 1.04 11.06 27.44
CA PHE H 621 2.05 11.59 28.37
C PHE H 621 1.94 13.09 28.51
N VAL H 622 1.75 13.82 27.41
CA VAL H 622 1.63 15.26 27.50
C VAL H 622 0.37 15.65 28.27
N LEU H 623 -0.68 14.83 28.19
CA LEU H 623 -1.91 15.13 28.92
C LEU H 623 -1.68 15.06 30.43
N ASP H 624 -0.93 14.05 30.89
CA ASP H 624 -0.65 13.96 32.32
C ASP H 624 0.29 15.07 32.76
N ILE H 625 1.31 15.37 31.96
CA ILE H 625 2.31 16.37 32.37
C ILE H 625 1.71 17.76 32.45
N ILE H 626 0.60 18.03 31.76
CA ILE H 626 -0.07 19.31 31.92
C ILE H 626 -1.18 19.24 32.96
N GLU H 627 -1.78 18.07 33.16
CA GLU H 627 -2.78 17.91 34.20
C GLU H 627 -2.14 17.86 35.58
N GLU H 628 -1.02 17.17 35.71
CA GLU H 628 -0.33 17.09 37.00
C GLU H 628 0.25 18.43 37.40
N GLU H 629 0.58 19.28 36.43
CA GLU H 629 1.09 20.62 36.72
C GLU H 629 -0.02 21.62 36.96
N LYS H 630 -1.28 21.23 36.78
CA LYS H 630 -2.43 22.10 37.02
C LYS H 630 -2.32 23.40 36.22
N SER H 631 -1.94 23.27 34.95
CA SER H 631 -1.88 24.44 34.08
C SER H 631 -3.24 25.07 33.88
N LEU H 632 -4.31 24.29 34.05
CA LEU H 632 -5.65 24.84 33.99
C LEU H 632 -5.87 25.87 35.09
N ASP H 633 -5.31 25.58 36.27
CA ASP H 633 -5.39 26.57 37.39
C ASP H 633 -4.53 27.77 37.00
N TYR H 634 -3.37 27.53 36.37
CA TYR H 634 -2.53 28.64 35.93
C TYR H 634 -3.27 29.49 34.91
N THR H 635 -3.93 28.85 33.95
CA THR H 635 -4.73 29.59 32.98
C THR H 635 -5.86 30.34 33.66
N ARG H 636 -6.49 29.71 34.67
CA ARG H 636 -7.51 30.41 35.44
C ARG H 636 -6.92 31.55 36.26
N SER H 637 -5.65 31.42 36.67
CA SER H 637 -5.01 32.49 37.42
C SER H 637 -4.85 33.74 36.56
N VAL H 638 -4.44 33.57 35.31
CA VAL H 638 -4.35 34.72 34.41
C VAL H 638 -5.74 35.26 34.09
N MET H 639 -6.74 34.38 34.07
CA MET H 639 -8.12 34.83 33.88
C MET H 639 -8.55 35.76 35.00
N MET H 640 -8.32 35.35 36.24
CA MET H 640 -8.83 36.12 37.39
C MET H 640 -8.07 37.43 37.55
N ASP H 641 -6.75 37.39 37.51
CA ASP H 641 -5.97 38.59 37.82
C ASP H 641 -6.14 39.66 36.75
N LEU H 642 -6.26 39.24 35.48
CA LEU H 642 -6.48 40.21 34.42
C LEU H 642 -7.86 40.83 34.51
N HIS H 643 -8.87 40.03 34.89
CA HIS H 643 -10.23 40.53 34.98
C HIS H 643 -10.37 41.56 36.09
N VAL H 644 -9.82 41.28 37.27
CA VAL H 644 -10.01 42.18 38.41
C VAL H 644 -9.34 43.53 38.15
N GLN H 645 -8.17 43.51 37.51
CA GLN H 645 -7.50 44.76 37.15
C GLN H 645 -8.34 45.55 36.15
N LEU H 646 -9.00 44.85 35.21
CA LEU H 646 -9.85 45.53 34.25
C LEU H 646 -11.06 46.16 34.93
N ARG H 647 -11.63 45.46 35.92
CA ARG H 647 -12.84 45.94 36.57
C ARG H 647 -12.61 47.29 37.25
N ALA H 648 -11.38 47.54 37.70
CA ALA H 648 -11.05 48.87 38.19
C ALA H 648 -10.93 49.87 37.04
N GLU H 649 -10.38 49.43 35.91
CA GLU H 649 -10.15 50.34 34.79
C GLU H 649 -11.46 50.80 34.17
N ILE H 650 -12.44 49.89 34.05
CA ILE H 650 -13.70 50.26 33.43
C ILE H 650 -14.42 51.30 34.28
N GLY H 651 -14.39 51.12 35.60
CA GLY H 651 -14.99 52.11 36.49
C GLY H 651 -14.26 53.45 36.42
N ARG H 652 -12.96 53.43 36.15
CA ARG H 652 -12.20 54.66 36.05
C ARG H 652 -12.72 55.54 34.91
N ILE H 653 -13.03 54.93 33.77
CA ILE H 653 -13.52 55.70 32.64
C ILE H 653 -15.01 56.02 32.81
N GLU H 654 -15.75 55.16 33.52
CA GLU H 654 -17.17 55.39 33.70
C GLU H 654 -17.44 56.60 34.59
N ILE H 655 -16.50 56.96 35.46
CA ILE H 655 -16.65 58.17 36.26
C ILE H 655 -16.07 59.39 35.57
N LEU H 656 -15.25 59.20 34.54
CA LEU H 656 -14.75 60.34 33.77
C LEU H 656 -15.89 61.05 33.06
N LEU H 657 -16.83 60.30 32.50
CA LEU H 657 -18.02 60.85 31.88
C LEU H 657 -19.22 60.85 32.81
N ASP H 658 -19.04 60.43 34.07
CA ASP H 658 -20.12 60.34 35.06
C ASP H 658 -21.26 59.46 34.54
N SER H 659 -20.93 58.19 34.32
CA SER H 659 -21.89 57.23 33.81
C SER H 659 -22.03 56.05 34.76
N PRO H 660 -23.24 55.54 34.94
CA PRO H 660 -23.44 54.40 35.83
C PRO H 660 -23.05 53.08 35.17
N ASN H 661 -23.02 53.08 33.83
CA ASN H 661 -22.64 51.93 33.03
C ASN H 661 -23.54 50.74 33.34
N PRO H 662 -24.82 50.79 32.97
CA PRO H 662 -25.70 49.64 33.26
C PRO H 662 -25.46 48.44 32.35
N ALA H 663 -24.71 48.60 31.26
CA ALA H 663 -24.57 47.54 30.27
C ALA H 663 -23.16 46.98 30.15
N MET H 664 -22.13 47.83 30.02
CA MET H 664 -20.77 47.31 29.84
C MET H 664 -20.29 46.60 31.09
N ARG H 665 -20.80 46.98 32.26
CA ARG H 665 -20.43 46.33 33.52
C ARG H 665 -20.81 44.86 33.57
N LEU H 666 -21.42 44.35 32.49
CA LEU H 666 -21.72 42.93 32.35
C LEU H 666 -20.53 42.26 31.69
N LEU H 667 -19.52 41.93 32.51
CA LEU H 667 -18.37 41.16 32.07
C LEU H 667 -18.42 39.72 32.57
N LEU H 668 -19.51 39.31 33.20
CA LEU H 668 -19.61 37.95 33.72
C LEU H 668 -20.06 36.94 32.69
N GLU H 669 -20.50 37.37 31.51
CA GLU H 669 -20.81 36.43 30.44
C GLU H 669 -19.55 35.82 29.83
N LEU H 670 -18.41 36.50 29.95
CA LEU H 670 -17.15 35.99 29.44
C LEU H 670 -16.28 35.40 30.54
N LEU H 671 -16.82 35.24 31.74
CA LEU H 671 -16.06 34.69 32.86
C LEU H 671 -16.06 33.16 32.79
#